data_1WLJ
# 
_entry.id   1WLJ 
# 
_audit_conform.dict_name       mmcif_pdbx.dic 
_audit_conform.dict_version    5.388 
_audit_conform.dict_location   http://mmcif.pdb.org/dictionaries/ascii/mmcif_pdbx.dic 
# 
loop_
_database_2.database_id 
_database_2.database_code 
_database_2.pdbx_database_accession 
_database_2.pdbx_DOI 
PDB   1WLJ         pdb_00001wlj 10.2210/pdb1wlj/pdb 
RCSB  RCSB023709   ?            ?                   
WWPDB D_1000023709 ?            ?                   
# 
loop_
_pdbx_audit_revision_history.ordinal 
_pdbx_audit_revision_history.data_content_type 
_pdbx_audit_revision_history.major_revision 
_pdbx_audit_revision_history.minor_revision 
_pdbx_audit_revision_history.revision_date 
1 'Structure model' 1 0 2004-12-21 
2 'Structure model' 1 1 2008-04-30 
3 'Structure model' 1 2 2011-07-13 
4 'Structure model' 1 3 2024-03-13 
# 
_pdbx_audit_revision_details.ordinal             1 
_pdbx_audit_revision_details.revision_ordinal    1 
_pdbx_audit_revision_details.data_content_type   'Structure model' 
_pdbx_audit_revision_details.provider            repository 
_pdbx_audit_revision_details.type                'Initial release' 
_pdbx_audit_revision_details.description         ? 
_pdbx_audit_revision_details.details             ? 
# 
loop_
_pdbx_audit_revision_group.ordinal 
_pdbx_audit_revision_group.revision_ordinal 
_pdbx_audit_revision_group.data_content_type 
_pdbx_audit_revision_group.group 
1 2 'Structure model' 'Version format compliance' 
2 3 'Structure model' 'Version format compliance' 
3 4 'Structure model' 'Data collection'           
4 4 'Structure model' 'Database references'       
5 4 'Structure model' 'Derived calculations'      
# 
loop_
_pdbx_audit_revision_category.ordinal 
_pdbx_audit_revision_category.revision_ordinal 
_pdbx_audit_revision_category.data_content_type 
_pdbx_audit_revision_category.category 
1 4 'Structure model' chem_comp_atom         
2 4 'Structure model' chem_comp_bond         
3 4 'Structure model' database_2             
4 4 'Structure model' pdbx_struct_conn_angle 
5 4 'Structure model' struct_conn            
6 4 'Structure model' struct_ref_seq_dif     
7 4 'Structure model' struct_site            
# 
loop_
_pdbx_audit_revision_item.ordinal 
_pdbx_audit_revision_item.revision_ordinal 
_pdbx_audit_revision_item.data_content_type 
_pdbx_audit_revision_item.item 
1  4 'Structure model' '_database_2.pdbx_DOI'                        
2  4 'Structure model' '_database_2.pdbx_database_accession'         
3  4 'Structure model' '_pdbx_struct_conn_angle.ptnr1_auth_comp_id'  
4  4 'Structure model' '_pdbx_struct_conn_angle.ptnr1_auth_seq_id'   
5  4 'Structure model' '_pdbx_struct_conn_angle.ptnr1_label_asym_id' 
6  4 'Structure model' '_pdbx_struct_conn_angle.ptnr1_label_atom_id' 
7  4 'Structure model' '_pdbx_struct_conn_angle.ptnr1_label_comp_id' 
8  4 'Structure model' '_pdbx_struct_conn_angle.ptnr1_label_seq_id'  
9  4 'Structure model' '_pdbx_struct_conn_angle.ptnr3_auth_comp_id'  
10 4 'Structure model' '_pdbx_struct_conn_angle.ptnr3_auth_seq_id'   
11 4 'Structure model' '_pdbx_struct_conn_angle.ptnr3_label_asym_id' 
12 4 'Structure model' '_pdbx_struct_conn_angle.ptnr3_label_atom_id' 
13 4 'Structure model' '_pdbx_struct_conn_angle.ptnr3_label_comp_id' 
14 4 'Structure model' '_pdbx_struct_conn_angle.ptnr3_label_seq_id'  
15 4 'Structure model' '_pdbx_struct_conn_angle.value'               
16 4 'Structure model' '_struct_conn.pdbx_dist_value'                
17 4 'Structure model' '_struct_conn.ptnr1_auth_comp_id'             
18 4 'Structure model' '_struct_conn.ptnr1_auth_seq_id'              
19 4 'Structure model' '_struct_conn.ptnr1_label_asym_id'            
20 4 'Structure model' '_struct_conn.ptnr1_label_atom_id'            
21 4 'Structure model' '_struct_conn.ptnr1_label_comp_id'            
22 4 'Structure model' '_struct_conn.ptnr1_label_seq_id'             
23 4 'Structure model' '_struct_conn.ptnr2_auth_comp_id'             
24 4 'Structure model' '_struct_conn.ptnr2_auth_seq_id'              
25 4 'Structure model' '_struct_conn.ptnr2_label_asym_id'            
26 4 'Structure model' '_struct_conn.ptnr2_label_atom_id'            
27 4 'Structure model' '_struct_conn.ptnr2_label_comp_id'            
28 4 'Structure model' '_struct_conn.ptnr2_label_seq_id'             
29 4 'Structure model' '_struct_ref_seq_dif.details'                 
30 4 'Structure model' '_struct_site.pdbx_auth_asym_id'              
31 4 'Structure model' '_struct_site.pdbx_auth_comp_id'              
32 4 'Structure model' '_struct_site.pdbx_auth_seq_id'               
# 
_pdbx_database_status.status_code                     REL 
_pdbx_database_status.entry_id                        1WLJ 
_pdbx_database_status.recvd_initial_deposition_date   2004-06-28 
_pdbx_database_status.deposit_site                    PDBJ 
_pdbx_database_status.process_site                    PDBJ 
_pdbx_database_status.status_code_sf                  REL 
_pdbx_database_status.SG_entry                        . 
_pdbx_database_status.pdb_format_compatible           Y 
_pdbx_database_status.status_code_mr                  ? 
_pdbx_database_status.status_code_cs                  ? 
_pdbx_database_status.status_code_nmr_data            ? 
_pdbx_database_status.methods_development_category    ? 
# 
loop_
_audit_author.name 
_audit_author.pdbx_ordinal 
'Horio, T.'    1 
'Murai, M.'    2 
'Inoue, T.'    3 
'Hamasaki, T.' 4 
'Tanaka, T.'   5 
'Ohgi, T.'     6 
# 
_citation.id                        primary 
_citation.title                     'Crystal structure of human ISG20, an interferon-induced antiviral ribonuclease' 
_citation.journal_abbrev            'Febs Lett.' 
_citation.journal_volume            577 
_citation.page_first                111 
_citation.page_last                 116 
_citation.year                      2004 
_citation.journal_id_ASTM           FEBLAL 
_citation.country                   NE 
_citation.journal_id_ISSN           0014-5793 
_citation.journal_id_CSD            0165 
_citation.book_publisher            ? 
_citation.pdbx_database_id_PubMed   15527770 
_citation.pdbx_database_id_DOI      10.1016/j.febslet.2004.09.074 
# 
loop_
_citation_author.citation_id 
_citation_author.name 
_citation_author.ordinal 
_citation_author.identifier_ORCID 
primary 'Horio, T.'    1 ? 
primary 'Murai, M.'    2 ? 
primary 'Inoue, T.'    3 ? 
primary 'Hamasaki, T.' 4 ? 
primary 'Tanaka, T.'   5 ? 
primary 'Ohgi, T.'     6 ? 
# 
loop_
_entity.id 
_entity.type 
_entity.src_method 
_entity.pdbx_description 
_entity.formula_weight 
_entity.pdbx_number_of_molecules 
_entity.pdbx_ec 
_entity.pdbx_mutation 
_entity.pdbx_fragment 
_entity.details 
1 polymer     man 'interferon stimulated gene 20kDa' 21468.711 1  3.1.-.- ? ? ? 
2 non-polymer syn 'MANGANESE (II) ION'               54.938    3  ?       ? ? ? 
3 non-polymer syn 'ACETATE ION'                      59.044    1  ?       ? ? ? 
4 non-polymer syn "URIDINE-5'-MONOPHOSPHATE"         324.181   1  ?       ? ? ? 
5 water       nat water                              18.015    79 ?       ? ? ? 
# 
_entity_name_com.entity_id   1 
_entity_name_com.name        'interferon stimulated gene product of 20kDa, interferon stimulated gene (20kD)' 
# 
_entity_poly.entity_id                      1 
_entity_poly.type                           'polypeptide(L)' 
_entity_poly.nstd_linkage                   no 
_entity_poly.nstd_monomer                   no 
_entity_poly.pdbx_seq_one_letter_code       
;MAGSREVVAMDCEMVGLGPHRESGLARCSLVNVHGAVLYDKFIRPEGEITDYRTRVSGVTPQHMVGATPFAVARLEILQL
LKGKLVVGHDLKHDFQALKEDMSGYTIYDTSTDRLLWREAKLDHCRRVSLRVLSERLLHKSIQNSLLGHSSVEDARATME
LYQISQRIRARRGLPRLAVSDLEHHHHHH
;
_entity_poly.pdbx_seq_one_letter_code_can   
;MAGSREVVAMDCEMVGLGPHRESGLARCSLVNVHGAVLYDKFIRPEGEITDYRTRVSGVTPQHMVGATPFAVARLEILQL
LKGKLVVGHDLKHDFQALKEDMSGYTIYDTSTDRLLWREAKLDHCRRVSLRVLSERLLHKSIQNSLLGHSSVEDARATME
LYQISQRIRARRGLPRLAVSDLEHHHHHH
;
_entity_poly.pdbx_strand_id                 A 
_entity_poly.pdbx_target_identifier         ? 
# 
loop_
_pdbx_entity_nonpoly.entity_id 
_pdbx_entity_nonpoly.name 
_pdbx_entity_nonpoly.comp_id 
2 'MANGANESE (II) ION'       MN  
3 'ACETATE ION'              ACT 
4 "URIDINE-5'-MONOPHOSPHATE" U5P 
5 water                      HOH 
# 
loop_
_entity_poly_seq.entity_id 
_entity_poly_seq.num 
_entity_poly_seq.mon_id 
_entity_poly_seq.hetero 
1 1   MET n 
1 2   ALA n 
1 3   GLY n 
1 4   SER n 
1 5   ARG n 
1 6   GLU n 
1 7   VAL n 
1 8   VAL n 
1 9   ALA n 
1 10  MET n 
1 11  ASP n 
1 12  CYS n 
1 13  GLU n 
1 14  MET n 
1 15  VAL n 
1 16  GLY n 
1 17  LEU n 
1 18  GLY n 
1 19  PRO n 
1 20  HIS n 
1 21  ARG n 
1 22  GLU n 
1 23  SER n 
1 24  GLY n 
1 25  LEU n 
1 26  ALA n 
1 27  ARG n 
1 28  CYS n 
1 29  SER n 
1 30  LEU n 
1 31  VAL n 
1 32  ASN n 
1 33  VAL n 
1 34  HIS n 
1 35  GLY n 
1 36  ALA n 
1 37  VAL n 
1 38  LEU n 
1 39  TYR n 
1 40  ASP n 
1 41  LYS n 
1 42  PHE n 
1 43  ILE n 
1 44  ARG n 
1 45  PRO n 
1 46  GLU n 
1 47  GLY n 
1 48  GLU n 
1 49  ILE n 
1 50  THR n 
1 51  ASP n 
1 52  TYR n 
1 53  ARG n 
1 54  THR n 
1 55  ARG n 
1 56  VAL n 
1 57  SER n 
1 58  GLY n 
1 59  VAL n 
1 60  THR n 
1 61  PRO n 
1 62  GLN n 
1 63  HIS n 
1 64  MET n 
1 65  VAL n 
1 66  GLY n 
1 67  ALA n 
1 68  THR n 
1 69  PRO n 
1 70  PHE n 
1 71  ALA n 
1 72  VAL n 
1 73  ALA n 
1 74  ARG n 
1 75  LEU n 
1 76  GLU n 
1 77  ILE n 
1 78  LEU n 
1 79  GLN n 
1 80  LEU n 
1 81  LEU n 
1 82  LYS n 
1 83  GLY n 
1 84  LYS n 
1 85  LEU n 
1 86  VAL n 
1 87  VAL n 
1 88  GLY n 
1 89  HIS n 
1 90  ASP n 
1 91  LEU n 
1 92  LYS n 
1 93  HIS n 
1 94  ASP n 
1 95  PHE n 
1 96  GLN n 
1 97  ALA n 
1 98  LEU n 
1 99  LYS n 
1 100 GLU n 
1 101 ASP n 
1 102 MET n 
1 103 SER n 
1 104 GLY n 
1 105 TYR n 
1 106 THR n 
1 107 ILE n 
1 108 TYR n 
1 109 ASP n 
1 110 THR n 
1 111 SER n 
1 112 THR n 
1 113 ASP n 
1 114 ARG n 
1 115 LEU n 
1 116 LEU n 
1 117 TRP n 
1 118 ARG n 
1 119 GLU n 
1 120 ALA n 
1 121 LYS n 
1 122 LEU n 
1 123 ASP n 
1 124 HIS n 
1 125 CYS n 
1 126 ARG n 
1 127 ARG n 
1 128 VAL n 
1 129 SER n 
1 130 LEU n 
1 131 ARG n 
1 132 VAL n 
1 133 LEU n 
1 134 SER n 
1 135 GLU n 
1 136 ARG n 
1 137 LEU n 
1 138 LEU n 
1 139 HIS n 
1 140 LYS n 
1 141 SER n 
1 142 ILE n 
1 143 GLN n 
1 144 ASN n 
1 145 SER n 
1 146 LEU n 
1 147 LEU n 
1 148 GLY n 
1 149 HIS n 
1 150 SER n 
1 151 SER n 
1 152 VAL n 
1 153 GLU n 
1 154 ASP n 
1 155 ALA n 
1 156 ARG n 
1 157 ALA n 
1 158 THR n 
1 159 MET n 
1 160 GLU n 
1 161 LEU n 
1 162 TYR n 
1 163 GLN n 
1 164 ILE n 
1 165 SER n 
1 166 GLN n 
1 167 ARG n 
1 168 ILE n 
1 169 ARG n 
1 170 ALA n 
1 171 ARG n 
1 172 ARG n 
1 173 GLY n 
1 174 LEU n 
1 175 PRO n 
1 176 ARG n 
1 177 LEU n 
1 178 ALA n 
1 179 VAL n 
1 180 SER n 
1 181 ASP n 
1 182 LEU n 
1 183 GLU n 
1 184 HIS n 
1 185 HIS n 
1 186 HIS n 
1 187 HIS n 
1 188 HIS n 
1 189 HIS n 
# 
_entity_src_gen.entity_id                          1 
_entity_src_gen.pdbx_src_id                        1 
_entity_src_gen.pdbx_alt_source_flag               sample 
_entity_src_gen.pdbx_seq_type                      ? 
_entity_src_gen.pdbx_beg_seq_num                   ? 
_entity_src_gen.pdbx_end_seq_num                   ? 
_entity_src_gen.gene_src_common_name               human 
_entity_src_gen.gene_src_genus                     Homo 
_entity_src_gen.pdbx_gene_src_gene                 ? 
_entity_src_gen.gene_src_species                   ? 
_entity_src_gen.gene_src_strain                    ? 
_entity_src_gen.gene_src_tissue                    ? 
_entity_src_gen.gene_src_tissue_fraction           ? 
_entity_src_gen.gene_src_details                   ? 
_entity_src_gen.pdbx_gene_src_fragment             ? 
_entity_src_gen.pdbx_gene_src_scientific_name      'Homo sapiens' 
_entity_src_gen.pdbx_gene_src_ncbi_taxonomy_id     9606 
_entity_src_gen.pdbx_gene_src_variant              ? 
_entity_src_gen.pdbx_gene_src_cell_line            ? 
_entity_src_gen.pdbx_gene_src_atcc                 ? 
_entity_src_gen.pdbx_gene_src_organ                ? 
_entity_src_gen.pdbx_gene_src_organelle            ? 
_entity_src_gen.pdbx_gene_src_cell                 ? 
_entity_src_gen.pdbx_gene_src_cellular_location    ? 
_entity_src_gen.host_org_common_name               ? 
_entity_src_gen.pdbx_host_org_scientific_name      'Escherichia coli' 
_entity_src_gen.pdbx_host_org_ncbi_taxonomy_id     562 
_entity_src_gen.host_org_genus                     Escherichia 
_entity_src_gen.pdbx_host_org_gene                 ? 
_entity_src_gen.pdbx_host_org_organ                ? 
_entity_src_gen.host_org_species                   ? 
_entity_src_gen.pdbx_host_org_tissue               ? 
_entity_src_gen.pdbx_host_org_tissue_fraction      ? 
_entity_src_gen.pdbx_host_org_strain               ? 
_entity_src_gen.pdbx_host_org_variant              ? 
_entity_src_gen.pdbx_host_org_cell_line            ? 
_entity_src_gen.pdbx_host_org_atcc                 ? 
_entity_src_gen.pdbx_host_org_culture_collection   ? 
_entity_src_gen.pdbx_host_org_cell                 ? 
_entity_src_gen.pdbx_host_org_organelle            ? 
_entity_src_gen.pdbx_host_org_cellular_location    ? 
_entity_src_gen.pdbx_host_org_vector_type          plasmid 
_entity_src_gen.pdbx_host_org_vector               ? 
_entity_src_gen.host_org_details                   ? 
_entity_src_gen.expression_system_id               ? 
_entity_src_gen.plasmid_name                       pET28a 
_entity_src_gen.plasmid_details                    ? 
_entity_src_gen.pdbx_description                   ? 
# 
loop_
_chem_comp.id 
_chem_comp.type 
_chem_comp.mon_nstd_flag 
_chem_comp.name 
_chem_comp.pdbx_synonyms 
_chem_comp.formula 
_chem_comp.formula_weight 
ACT non-polymer         . 'ACETATE ION'              ? 'C2 H3 O2 -1'    59.044  
ALA 'L-peptide linking' y ALANINE                    ? 'C3 H7 N O2'     89.093  
ARG 'L-peptide linking' y ARGININE                   ? 'C6 H15 N4 O2 1' 175.209 
ASN 'L-peptide linking' y ASPARAGINE                 ? 'C4 H8 N2 O3'    132.118 
ASP 'L-peptide linking' y 'ASPARTIC ACID'            ? 'C4 H7 N O4'     133.103 
CYS 'L-peptide linking' y CYSTEINE                   ? 'C3 H7 N O2 S'   121.158 
GLN 'L-peptide linking' y GLUTAMINE                  ? 'C5 H10 N2 O3'   146.144 
GLU 'L-peptide linking' y 'GLUTAMIC ACID'            ? 'C5 H9 N O4'     147.129 
GLY 'peptide linking'   y GLYCINE                    ? 'C2 H5 N O2'     75.067  
HIS 'L-peptide linking' y HISTIDINE                  ? 'C6 H10 N3 O2 1' 156.162 
HOH non-polymer         . WATER                      ? 'H2 O'           18.015  
ILE 'L-peptide linking' y ISOLEUCINE                 ? 'C6 H13 N O2'    131.173 
LEU 'L-peptide linking' y LEUCINE                    ? 'C6 H13 N O2'    131.173 
LYS 'L-peptide linking' y LYSINE                     ? 'C6 H15 N2 O2 1' 147.195 
MET 'L-peptide linking' y METHIONINE                 ? 'C5 H11 N O2 S'  149.211 
MN  non-polymer         . 'MANGANESE (II) ION'       ? 'Mn 2'           54.938  
PHE 'L-peptide linking' y PHENYLALANINE              ? 'C9 H11 N O2'    165.189 
PRO 'L-peptide linking' y PROLINE                    ? 'C5 H9 N O2'     115.130 
SER 'L-peptide linking' y SERINE                     ? 'C3 H7 N O3'     105.093 
THR 'L-peptide linking' y THREONINE                  ? 'C4 H9 N O3'     119.119 
TRP 'L-peptide linking' y TRYPTOPHAN                 ? 'C11 H12 N2 O2'  204.225 
TYR 'L-peptide linking' y TYROSINE                   ? 'C9 H11 N O3'    181.189 
U5P non-polymer         . "URIDINE-5'-MONOPHOSPHATE" ? 'C9 H13 N2 O9 P' 324.181 
VAL 'L-peptide linking' y VALINE                     ? 'C5 H11 N O2'    117.146 
# 
loop_
_pdbx_poly_seq_scheme.asym_id 
_pdbx_poly_seq_scheme.entity_id 
_pdbx_poly_seq_scheme.seq_id 
_pdbx_poly_seq_scheme.mon_id 
_pdbx_poly_seq_scheme.ndb_seq_num 
_pdbx_poly_seq_scheme.pdb_seq_num 
_pdbx_poly_seq_scheme.auth_seq_num 
_pdbx_poly_seq_scheme.pdb_mon_id 
_pdbx_poly_seq_scheme.auth_mon_id 
_pdbx_poly_seq_scheme.pdb_strand_id 
_pdbx_poly_seq_scheme.pdb_ins_code 
_pdbx_poly_seq_scheme.hetero 
A 1 1   MET 1   1   ?   ?   ?   A . n 
A 1 2   ALA 2   2   ?   ?   ?   A . n 
A 1 3   GLY 3   3   ?   ?   ?   A . n 
A 1 4   SER 4   4   ?   ?   ?   A . n 
A 1 5   ARG 5   5   ?   ?   ?   A . n 
A 1 6   GLU 6   6   6   GLU ALA A . n 
A 1 7   VAL 7   7   7   VAL VAL A . n 
A 1 8   VAL 8   8   8   VAL VAL A . n 
A 1 9   ALA 9   9   9   ALA ALA A . n 
A 1 10  MET 10  10  10  MET MET A . n 
A 1 11  ASP 11  11  11  ASP ASP A . n 
A 1 12  CYS 12  12  12  CYS CYS A . n 
A 1 13  GLU 13  13  13  GLU GLU A . n 
A 1 14  MET 14  14  14  MET MET A . n 
A 1 15  VAL 15  15  15  VAL VAL A . n 
A 1 16  GLY 16  16  16  GLY GLY A . n 
A 1 17  LEU 17  17  17  LEU LEU A . n 
A 1 18  GLY 18  18  18  GLY GLY A . n 
A 1 19  PRO 19  19  19  PRO PRO A . n 
A 1 20  HIS 20  20  20  HIS HIS A . n 
A 1 21  ARG 21  21  21  ARG ARG A . n 
A 1 22  GLU 22  22  22  GLU ALA A . n 
A 1 23  SER 23  23  23  SER SER A . n 
A 1 24  GLY 24  24  24  GLY GLY A . n 
A 1 25  LEU 25  25  25  LEU LEU A . n 
A 1 26  ALA 26  26  26  ALA ALA A . n 
A 1 27  ARG 27  27  27  ARG ARG A . n 
A 1 28  CYS 28  28  28  CYS CYS A . n 
A 1 29  SER 29  29  29  SER SER A . n 
A 1 30  LEU 30  30  30  LEU LEU A . n 
A 1 31  VAL 31  31  31  VAL VAL A . n 
A 1 32  ASN 32  32  32  ASN ASN A . n 
A 1 33  VAL 33  33  33  VAL VAL A . n 
A 1 34  HIS 34  34  34  HIS HIS A . n 
A 1 35  GLY 35  35  35  GLY GLY A . n 
A 1 36  ALA 36  36  36  ALA ALA A . n 
A 1 37  VAL 37  37  37  VAL VAL A . n 
A 1 38  LEU 38  38  38  LEU LEU A . n 
A 1 39  TYR 39  39  39  TYR TYR A . n 
A 1 40  ASP 40  40  40  ASP ASP A . n 
A 1 41  LYS 41  41  41  LYS LYS A . n 
A 1 42  PHE 42  42  42  PHE PHE A . n 
A 1 43  ILE 43  43  43  ILE ILE A . n 
A 1 44  ARG 44  44  44  ARG ARG A . n 
A 1 45  PRO 45  45  45  PRO PRO A . n 
A 1 46  GLU 46  46  46  GLU GLU A . n 
A 1 47  GLY 47  47  47  GLY GLY A . n 
A 1 48  GLU 48  48  48  GLU GLU A . n 
A 1 49  ILE 49  49  49  ILE ILE A . n 
A 1 50  THR 50  50  50  THR THR A . n 
A 1 51  ASP 51  51  51  ASP ASP A . n 
A 1 52  TYR 52  52  52  TYR TYR A . n 
A 1 53  ARG 53  53  53  ARG ARG A . n 
A 1 54  THR 54  54  54  THR THR A . n 
A 1 55  ARG 55  55  55  ARG ARG A . n 
A 1 56  VAL 56  56  56  VAL VAL A . n 
A 1 57  SER 57  57  57  SER SER A . n 
A 1 58  GLY 58  58  58  GLY GLY A . n 
A 1 59  VAL 59  59  59  VAL VAL A . n 
A 1 60  THR 60  60  60  THR THR A . n 
A 1 61  PRO 61  61  61  PRO PRO A . n 
A 1 62  GLN 62  62  62  GLN ALA A . n 
A 1 63  HIS 63  63  63  HIS HIS A . n 
A 1 64  MET 64  64  64  MET MET A . n 
A 1 65  VAL 65  65  65  VAL VAL A . n 
A 1 66  GLY 66  66  66  GLY GLY A . n 
A 1 67  ALA 67  67  67  ALA ALA A . n 
A 1 68  THR 68  68  68  THR THR A . n 
A 1 69  PRO 69  69  69  PRO PRO A . n 
A 1 70  PHE 70  70  70  PHE PHE A . n 
A 1 71  ALA 71  71  71  ALA ALA A . n 
A 1 72  VAL 72  72  72  VAL VAL A . n 
A 1 73  ALA 73  73  73  ALA ALA A . n 
A 1 74  ARG 74  74  74  ARG ARG A . n 
A 1 75  LEU 75  75  75  LEU LEU A . n 
A 1 76  GLU 76  76  76  GLU GLU A . n 
A 1 77  ILE 77  77  77  ILE ILE A . n 
A 1 78  LEU 78  78  78  LEU LEU A . n 
A 1 79  GLN 79  79  79  GLN GLN A . n 
A 1 80  LEU 80  80  80  LEU LEU A . n 
A 1 81  LEU 81  81  81  LEU LEU A . n 
A 1 82  LYS 82  82  82  LYS LYS A . n 
A 1 83  GLY 83  83  83  GLY GLY A . n 
A 1 84  LYS 84  84  84  LYS LYS A . n 
A 1 85  LEU 85  85  85  LEU LEU A . n 
A 1 86  VAL 86  86  86  VAL VAL A . n 
A 1 87  VAL 87  87  87  VAL VAL A . n 
A 1 88  GLY 88  88  88  GLY GLY A . n 
A 1 89  HIS 89  89  89  HIS HIS A . n 
A 1 90  ASP 90  90  90  ASP ASP A . n 
A 1 91  LEU 91  91  91  LEU LEU A . n 
A 1 92  LYS 92  92  92  LYS LYS A . n 
A 1 93  HIS 93  93  93  HIS HIS A . n 
A 1 94  ASP 94  94  94  ASP ASP A . n 
A 1 95  PHE 95  95  95  PHE PHE A . n 
A 1 96  GLN 96  96  96  GLN GLN A . n 
A 1 97  ALA 97  97  97  ALA ALA A . n 
A 1 98  LEU 98  98  98  LEU LEU A . n 
A 1 99  LYS 99  99  99  LYS LYS A . n 
A 1 100 GLU 100 100 100 GLU GLU A . n 
A 1 101 ASP 101 101 101 ASP ASP A . n 
A 1 102 MET 102 102 102 MET MET A . n 
A 1 103 SER 103 103 103 SER SER A . n 
A 1 104 GLY 104 104 104 GLY GLY A . n 
A 1 105 TYR 105 105 105 TYR TYR A . n 
A 1 106 THR 106 106 106 THR THR A . n 
A 1 107 ILE 107 107 107 ILE ILE A . n 
A 1 108 TYR 108 108 108 TYR TYR A . n 
A 1 109 ASP 109 109 109 ASP ASP A . n 
A 1 110 THR 110 110 110 THR THR A . n 
A 1 111 SER 111 111 111 SER SER A . n 
A 1 112 THR 112 112 112 THR THR A . n 
A 1 113 ASP 113 113 113 ASP ASP A . n 
A 1 114 ARG 114 114 114 ARG ARG A . n 
A 1 115 LEU 115 115 115 LEU LEU A . n 
A 1 116 LEU 116 116 116 LEU LEU A . n 
A 1 117 TRP 117 117 117 TRP TRP A . n 
A 1 118 ARG 118 118 118 ARG ARG A . n 
A 1 119 GLU 119 119 119 GLU GLU A . n 
A 1 120 ALA 120 120 120 ALA ALA A . n 
A 1 121 LYS 121 121 121 LYS LYS A . n 
A 1 122 LEU 122 122 122 LEU LEU A . n 
A 1 123 ASP 123 123 ?   ?   ?   A . n 
A 1 124 HIS 124 124 ?   ?   ?   A . n 
A 1 125 CYS 125 125 ?   ?   ?   A . n 
A 1 126 ARG 126 126 ?   ?   ?   A . n 
A 1 127 ARG 127 127 ?   ?   ?   A . n 
A 1 128 VAL 128 128 128 VAL VAL A . n 
A 1 129 SER 129 129 129 SER SER A . n 
A 1 130 LEU 130 130 130 LEU LEU A . n 
A 1 131 ARG 131 131 131 ARG ARG A . n 
A 1 132 VAL 132 132 132 VAL VAL A . n 
A 1 133 LEU 133 133 133 LEU LEU A . n 
A 1 134 SER 134 134 134 SER SER A . n 
A 1 135 GLU 135 135 135 GLU GLU A . n 
A 1 136 ARG 136 136 136 ARG ARG A . n 
A 1 137 LEU 137 137 137 LEU LEU A . n 
A 1 138 LEU 138 138 138 LEU LEU A . n 
A 1 139 HIS 139 139 139 HIS HIS A . n 
A 1 140 LYS 140 140 140 LYS LYS A . n 
A 1 141 SER 141 141 141 SER SER A . n 
A 1 142 ILE 142 142 142 ILE ILE A . n 
A 1 143 GLN 143 143 143 GLN GLN A . n 
A 1 144 ASN 144 144 144 ASN ASN A . n 
A 1 145 SER 145 145 145 SER SER A . n 
A 1 146 LEU 146 146 146 LEU LEU A . n 
A 1 147 LEU 147 147 147 LEU LEU A . n 
A 1 148 GLY 148 148 148 GLY GLY A . n 
A 1 149 HIS 149 149 149 HIS HIS A . n 
A 1 150 SER 150 150 150 SER SER A . n 
A 1 151 SER 151 151 151 SER SER A . n 
A 1 152 VAL 152 152 152 VAL VAL A . n 
A 1 153 GLU 153 153 153 GLU GLU A . n 
A 1 154 ASP 154 154 154 ASP ASP A . n 
A 1 155 ALA 155 155 155 ALA ALA A . n 
A 1 156 ARG 156 156 156 ARG ARG A . n 
A 1 157 ALA 157 157 157 ALA ALA A . n 
A 1 158 THR 158 158 158 THR THR A . n 
A 1 159 MET 159 159 159 MET MET A . n 
A 1 160 GLU 160 160 160 GLU GLU A . n 
A 1 161 LEU 161 161 161 LEU LEU A . n 
A 1 162 TYR 162 162 162 TYR TYR A . n 
A 1 163 GLN 163 163 163 GLN GLN A . n 
A 1 164 ILE 164 164 164 ILE ILE A . n 
A 1 165 SER 165 165 165 SER SER A . n 
A 1 166 GLN 166 166 166 GLN GLN A . n 
A 1 167 ARG 167 167 167 ARG ARG A . n 
A 1 168 ILE 168 168 168 ILE ILE A . n 
A 1 169 ARG 169 169 169 ARG ARG A . n 
A 1 170 ALA 170 170 170 ALA ALA A . n 
A 1 171 ARG 171 171 171 ARG ALA A . n 
A 1 172 ARG 172 172 172 ARG ARG A . n 
A 1 173 GLY 173 173 173 GLY GLY A . n 
A 1 174 LEU 174 174 174 LEU LEU A . n 
A 1 175 PRO 175 175 175 PRO PRO A . n 
A 1 176 ARG 176 176 176 ARG ARG A . n 
A 1 177 LEU 177 177 177 LEU LEU A . n 
A 1 178 ALA 178 178 178 ALA ALA A . n 
A 1 179 VAL 179 179 ?   ?   ?   A . n 
A 1 180 SER 180 180 ?   ?   ?   A . n 
A 1 181 ASP 181 181 ?   ?   ?   A . n 
A 1 182 LEU 182 182 ?   ?   ?   A . n 
A 1 183 GLU 183 183 ?   ?   ?   A . n 
A 1 184 HIS 184 184 ?   ?   ?   A . n 
A 1 185 HIS 185 185 ?   ?   ?   A . n 
A 1 186 HIS 186 186 ?   ?   ?   A . n 
A 1 187 HIS 187 187 ?   ?   ?   A . n 
A 1 188 HIS 188 188 ?   ?   ?   A . n 
A 1 189 HIS 189 189 ?   ?   ?   A . n 
# 
loop_
_pdbx_nonpoly_scheme.asym_id 
_pdbx_nonpoly_scheme.entity_id 
_pdbx_nonpoly_scheme.mon_id 
_pdbx_nonpoly_scheme.ndb_seq_num 
_pdbx_nonpoly_scheme.pdb_seq_num 
_pdbx_nonpoly_scheme.auth_seq_num 
_pdbx_nonpoly_scheme.pdb_mon_id 
_pdbx_nonpoly_scheme.auth_mon_id 
_pdbx_nonpoly_scheme.pdb_strand_id 
_pdbx_nonpoly_scheme.pdb_ins_code 
B 2 MN  1  200 200 MN  MN  A . 
C 2 MN  1  201 201 MN  MN  A . 
D 2 MN  1  202 202 MN  MN  A . 
E 3 ACT 1  203 80  ACT ACT A . 
F 4 U5P 1  300 300 U5P U5P A . 
G 5 HOH 1  301 1   HOH HOH A . 
G 5 HOH 2  302 2   HOH HOH A . 
G 5 HOH 3  303 3   HOH HOH A . 
G 5 HOH 4  304 4   HOH HOH A . 
G 5 HOH 5  305 5   HOH HOH A . 
G 5 HOH 6  306 6   HOH HOH A . 
G 5 HOH 7  307 7   HOH HOH A . 
G 5 HOH 8  308 8   HOH HOH A . 
G 5 HOH 9  309 9   HOH HOH A . 
G 5 HOH 10 310 10  HOH HOH A . 
G 5 HOH 11 311 11  HOH HOH A . 
G 5 HOH 12 312 12  HOH HOH A . 
G 5 HOH 13 313 13  HOH HOH A . 
G 5 HOH 14 314 14  HOH HOH A . 
G 5 HOH 15 315 15  HOH HOH A . 
G 5 HOH 16 316 16  HOH HOH A . 
G 5 HOH 17 317 17  HOH HOH A . 
G 5 HOH 18 318 18  HOH HOH A . 
G 5 HOH 19 319 19  HOH HOH A . 
G 5 HOH 20 320 20  HOH HOH A . 
G 5 HOH 21 321 21  HOH HOH A . 
G 5 HOH 22 322 22  HOH HOH A . 
G 5 HOH 23 323 23  HOH HOH A . 
G 5 HOH 24 324 24  HOH HOH A . 
G 5 HOH 25 325 25  HOH HOH A . 
G 5 HOH 26 326 26  HOH HOH A . 
G 5 HOH 27 327 27  HOH HOH A . 
G 5 HOH 28 328 28  HOH HOH A . 
G 5 HOH 29 329 29  HOH HOH A . 
G 5 HOH 30 330 30  HOH HOH A . 
G 5 HOH 31 331 31  HOH HOH A . 
G 5 HOH 32 332 32  HOH HOH A . 
G 5 HOH 33 333 33  HOH HOH A . 
G 5 HOH 34 334 34  HOH HOH A . 
G 5 HOH 35 335 35  HOH HOH A . 
G 5 HOH 36 336 36  HOH HOH A . 
G 5 HOH 37 337 37  HOH HOH A . 
G 5 HOH 38 338 38  HOH HOH A . 
G 5 HOH 39 339 39  HOH HOH A . 
G 5 HOH 40 340 40  HOH HOH A . 
G 5 HOH 41 341 41  HOH HOH A . 
G 5 HOH 42 342 42  HOH HOH A . 
G 5 HOH 43 343 43  HOH HOH A . 
G 5 HOH 44 344 44  HOH HOH A . 
G 5 HOH 45 345 45  HOH HOH A . 
G 5 HOH 46 346 46  HOH HOH A . 
G 5 HOH 47 347 47  HOH HOH A . 
G 5 HOH 48 348 48  HOH HOH A . 
G 5 HOH 49 349 49  HOH HOH A . 
G 5 HOH 50 350 50  HOH HOH A . 
G 5 HOH 51 351 51  HOH HOH A . 
G 5 HOH 52 352 52  HOH HOH A . 
G 5 HOH 53 353 53  HOH HOH A . 
G 5 HOH 54 354 54  HOH HOH A . 
G 5 HOH 55 355 55  HOH HOH A . 
G 5 HOH 56 356 56  HOH HOH A . 
G 5 HOH 57 357 57  HOH HOH A . 
G 5 HOH 58 358 58  HOH HOH A . 
G 5 HOH 59 359 59  HOH HOH A . 
G 5 HOH 60 360 60  HOH HOH A . 
G 5 HOH 61 361 61  HOH HOH A . 
G 5 HOH 62 362 62  HOH HOH A . 
G 5 HOH 63 363 63  HOH HOH A . 
G 5 HOH 64 364 64  HOH HOH A . 
G 5 HOH 65 365 65  HOH HOH A . 
G 5 HOH 66 366 66  HOH HOH A . 
G 5 HOH 67 367 67  HOH HOH A . 
G 5 HOH 68 368 68  HOH HOH A . 
G 5 HOH 69 369 69  HOH HOH A . 
G 5 HOH 70 370 70  HOH HOH A . 
G 5 HOH 71 371 71  HOH HOH A . 
G 5 HOH 72 372 72  HOH HOH A . 
G 5 HOH 73 373 73  HOH HOH A . 
G 5 HOH 74 374 74  HOH HOH A . 
G 5 HOH 75 375 75  HOH HOH A . 
G 5 HOH 76 376 76  HOH HOH A . 
G 5 HOH 77 377 77  HOH HOH A . 
G 5 HOH 78 378 78  HOH HOH A . 
G 5 HOH 79 379 79  HOH HOH A . 
# 
loop_
_pdbx_unobs_or_zero_occ_atoms.id 
_pdbx_unobs_or_zero_occ_atoms.PDB_model_num 
_pdbx_unobs_or_zero_occ_atoms.polymer_flag 
_pdbx_unobs_or_zero_occ_atoms.occupancy_flag 
_pdbx_unobs_or_zero_occ_atoms.auth_asym_id 
_pdbx_unobs_or_zero_occ_atoms.auth_comp_id 
_pdbx_unobs_or_zero_occ_atoms.auth_seq_id 
_pdbx_unobs_or_zero_occ_atoms.PDB_ins_code 
_pdbx_unobs_or_zero_occ_atoms.auth_atom_id 
_pdbx_unobs_or_zero_occ_atoms.label_alt_id 
_pdbx_unobs_or_zero_occ_atoms.label_asym_id 
_pdbx_unobs_or_zero_occ_atoms.label_comp_id 
_pdbx_unobs_or_zero_occ_atoms.label_seq_id 
_pdbx_unobs_or_zero_occ_atoms.label_atom_id 
1  1 Y 1 A GLU 6   ? CG  ? A GLU 6   CG  
2  1 Y 1 A GLU 6   ? CD  ? A GLU 6   CD  
3  1 Y 1 A GLU 6   ? OE1 ? A GLU 6   OE1 
4  1 Y 1 A GLU 6   ? OE2 ? A GLU 6   OE2 
5  1 Y 1 A GLU 22  ? CG  ? A GLU 22  CG  
6  1 Y 1 A GLU 22  ? CD  ? A GLU 22  CD  
7  1 Y 1 A GLU 22  ? OE1 ? A GLU 22  OE1 
8  1 Y 1 A GLU 22  ? OE2 ? A GLU 22  OE2 
9  1 Y 1 A GLN 62  ? CG  ? A GLN 62  CG  
10 1 Y 1 A GLN 62  ? CD  ? A GLN 62  CD  
11 1 Y 1 A GLN 62  ? OE1 ? A GLN 62  OE1 
12 1 Y 1 A GLN 62  ? NE2 ? A GLN 62  NE2 
13 1 Y 0 A LYS 92  ? NZ  ? A LYS 92  NZ  
14 1 Y 0 A ARG 131 ? CZ  ? A ARG 131 CZ  
15 1 Y 0 A ARG 131 ? NH1 ? A ARG 131 NH1 
16 1 Y 0 A ARG 131 ? NH2 ? A ARG 131 NH2 
17 1 Y 1 A ARG 171 ? CG  ? A ARG 171 CG  
18 1 Y 1 A ARG 171 ? CD  ? A ARG 171 CD  
19 1 Y 1 A ARG 171 ? NE  ? A ARG 171 NE  
20 1 Y 1 A ARG 171 ? CZ  ? A ARG 171 CZ  
21 1 Y 1 A ARG 171 ? NH1 ? A ARG 171 NH1 
22 1 Y 1 A ARG 171 ? NH2 ? A ARG 171 NH2 
23 1 Y 0 A ARG 176 ? NH1 ? A ARG 176 NH1 
24 1 Y 0 A ARG 176 ? NH2 ? A ARG 176 NH2 
# 
loop_
_software.name 
_software.classification 
_software.version 
_software.citation_id 
_software.pdbx_ordinal 
HKL-2000 'data collection' . ? 1 
HKL-2000 'data reduction'  . ? 2 
CNX      refinement        . ? 3 
HKL-2000 'data scaling'    . ? 4 
CNX      phasing           . ? 5 
# 
_cell.entry_id           1WLJ 
_cell.length_a           63.420 
_cell.length_b           63.420 
_cell.length_c           97.910 
_cell.angle_alpha        90.00 
_cell.angle_beta         90.00 
_cell.angle_gamma        120.00 
_cell.Z_PDB              6 
_cell.pdbx_unique_axis   ? 
# 
_symmetry.entry_id                         1WLJ 
_symmetry.space_group_name_H-M             'P 32 2 1' 
_symmetry.pdbx_full_space_group_name_H-M   ? 
_symmetry.cell_setting                     ? 
_symmetry.Int_Tables_number                154 
_symmetry.space_group_name_Hall            ? 
# 
_exptl.entry_id          1WLJ 
_exptl.method            'X-RAY DIFFRACTION' 
_exptl.crystals_number   2 
# 
_exptl_crystal.id                    1 
_exptl_crystal.density_meas          ? 
_exptl_crystal.density_Matthews      2.6 
_exptl_crystal.density_percent_sol   53 
_exptl_crystal.description           ? 
_exptl_crystal.F_000                 ? 
_exptl_crystal.preparation           ? 
# 
_exptl_crystal_grow.crystal_id      1 
_exptl_crystal_grow.method          'VAPOR DIFFUSION, HANGING DROP' 
_exptl_crystal_grow.temp            296 
_exptl_crystal_grow.temp_details    ? 
_exptl_crystal_grow.pH              5.5 
_exptl_crystal_grow.pdbx_details    
'sodium acetate, sodium chloride, 1-butanol, pH 5.5, VAPOR DIFFUSION, HANGING DROP, temperature 296K' 
_exptl_crystal_grow.pdbx_pH_range   . 
# 
_diffrn.id                     1 
_diffrn.ambient_temp           100 
_diffrn.ambient_temp_details   ? 
_diffrn.crystal_id             1 
# 
_diffrn_detector.diffrn_id              1 
_diffrn_detector.detector               'IMAGE PLATE' 
_diffrn_detector.type                   'RIGAKU RAXIS V' 
_diffrn_detector.pdbx_collection_date   2004-03-17 
_diffrn_detector.details                ? 
# 
_diffrn_radiation.diffrn_id                        1 
_diffrn_radiation.wavelength_id                    1 
_diffrn_radiation.pdbx_monochromatic_or_laue_m_l   M 
_diffrn_radiation.monochromator                    ? 
_diffrn_radiation.pdbx_diffrn_protocol             'SINGLE WAVELENGTH' 
_diffrn_radiation.pdbx_scattering_type             x-ray 
# 
_diffrn_radiation_wavelength.id           1 
_diffrn_radiation_wavelength.wavelength   1.0 
_diffrn_radiation_wavelength.wt           1.0 
# 
_diffrn_source.diffrn_id                   1 
_diffrn_source.source                      SYNCHROTRON 
_diffrn_source.type                        'SPRING-8 BEAMLINE BL32B2' 
_diffrn_source.pdbx_synchrotron_site       SPring-8 
_diffrn_source.pdbx_synchrotron_beamline   BL32B2 
_diffrn_source.pdbx_wavelength             ? 
_diffrn_source.pdbx_wavelength_list        1.0 
# 
_reflns.entry_id                     1WLJ 
_reflns.observed_criterion_sigma_F   ? 
_reflns.observed_criterion_sigma_I   -3.0 
_reflns.d_resolution_high            1.9 
_reflns.d_resolution_low             55 
_reflns.number_all                   ? 
_reflns.number_obs                   18442 
_reflns.percent_possible_obs         99.5 
_reflns.pdbx_Rmerge_I_obs            0.039 
_reflns.pdbx_Rsym_value              ? 
_reflns.pdbx_netI_over_sigmaI        ? 
_reflns.B_iso_Wilson_estimate        ? 
_reflns.pdbx_redundancy              3.5 
_reflns.R_free_details               ? 
_reflns.limit_h_max                  ? 
_reflns.limit_h_min                  ? 
_reflns.limit_k_max                  ? 
_reflns.limit_k_min                  ? 
_reflns.limit_l_max                  ? 
_reflns.limit_l_min                  ? 
_reflns.observed_criterion_F_max     ? 
_reflns.observed_criterion_F_min     ? 
_reflns.pdbx_chi_squared             ? 
_reflns.pdbx_scaling_rejects         ? 
_reflns.pdbx_diffrn_id               1 
_reflns.pdbx_ordinal                 1 
# 
_refine.entry_id                                 1WLJ 
_refine.ls_d_res_high                            1.9 
_refine.ls_d_res_low                             20 
_refine.pdbx_ls_sigma_F                          0 
_refine.pdbx_ls_sigma_I                          ? 
_refine.ls_number_reflns_all                     ? 
_refine.ls_number_reflns_obs                     18424 
_refine.ls_number_reflns_R_free                  937 
_refine.ls_percent_reflns_obs                    99.5 
_refine.ls_R_factor_all                          ? 
_refine.ls_R_factor_obs                          ? 
_refine.ls_R_factor_R_work                       0.207 
_refine.ls_R_factor_R_free                       0.227 
_refine.ls_redundancy_reflns_obs                 ? 
_refine.pdbx_data_cutoff_high_absF               ? 
_refine.pdbx_data_cutoff_low_absF                ? 
_refine.ls_number_parameters                     ? 
_refine.ls_number_restraints                     ? 
_refine.ls_percent_reflns_R_free                 ? 
_refine.ls_R_factor_R_free_error                 ? 
_refine.ls_R_factor_R_free_error_details         ? 
_refine.pdbx_method_to_determine_struct          'MAD with data collected at 1.0085, 1.005, 0.92 A' 
_refine.pdbx_starting_model                      ? 
_refine.pdbx_ls_cross_valid_method               THROUGHOUT 
_refine.pdbx_R_Free_selection_details            random 
_refine.pdbx_stereochem_target_val_spec_case     ? 
_refine.pdbx_stereochemistry_target_values       ? 
_refine.solvent_model_details                    ? 
_refine.solvent_model_param_bsol                 ? 
_refine.solvent_model_param_ksol                 ? 
_refine.occupancy_max                            ? 
_refine.occupancy_min                            ? 
_refine.pdbx_isotropic_thermal_model             ? 
_refine.B_iso_mean                               ? 
_refine.aniso_B[1][1]                            ? 
_refine.aniso_B[1][2]                            ? 
_refine.aniso_B[1][3]                            ? 
_refine.aniso_B[2][2]                            ? 
_refine.aniso_B[2][3]                            ? 
_refine.aniso_B[3][3]                            ? 
_refine.details                                  ? 
_refine.B_iso_min                                ? 
_refine.B_iso_max                                ? 
_refine.correlation_coeff_Fo_to_Fc               ? 
_refine.correlation_coeff_Fo_to_Fc_free          ? 
_refine.pdbx_solvent_vdw_probe_radii             ? 
_refine.pdbx_solvent_ion_probe_radii             ? 
_refine.pdbx_solvent_shrinkage_radii             ? 
_refine.overall_SU_R_Cruickshank_DPI             ? 
_refine.overall_SU_R_free                        ? 
_refine.overall_SU_B                             ? 
_refine.overall_SU_ML                            ? 
_refine.pdbx_overall_ESU_R                       ? 
_refine.pdbx_overall_ESU_R_Free                  ? 
_refine.pdbx_data_cutoff_high_rms_absF           ? 
_refine.ls_wR_factor_R_free                      ? 
_refine.ls_wR_factor_R_work                      ? 
_refine.overall_FOM_free_R_set                   ? 
_refine.overall_FOM_work_R_set                   ? 
_refine.pdbx_refine_id                           'X-RAY DIFFRACTION' 
_refine.pdbx_diffrn_id                           1 
_refine.pdbx_TLS_residual_ADP_flag               ? 
_refine.pdbx_overall_phase_error                 ? 
_refine.pdbx_overall_SU_R_free_Cruickshank_DPI   ? 
_refine.pdbx_overall_SU_R_Blow_DPI               ? 
_refine.pdbx_overall_SU_R_free_Blow_DPI          ? 
# 
_refine_hist.pdbx_refine_id                   'X-RAY DIFFRACTION' 
_refine_hist.cycle_id                         LAST 
_refine_hist.pdbx_number_atoms_protein        1313 
_refine_hist.pdbx_number_atoms_nucleic_acid   0 
_refine_hist.pdbx_number_atoms_ligand         28 
_refine_hist.number_atoms_solvent             79 
_refine_hist.number_atoms_total               1420 
_refine_hist.d_res_high                       1.9 
_refine_hist.d_res_low                        20 
# 
loop_
_refine_ls_restr.type 
_refine_ls_restr.dev_ideal 
_refine_ls_restr.dev_ideal_target 
_refine_ls_restr.weight 
_refine_ls_restr.number 
_refine_ls_restr.pdbx_refine_id 
_refine_ls_restr.pdbx_restraint_function 
o_bond_d    0.006 ? ? ? 'X-RAY DIFFRACTION' ? 
o_angle_deg 1.2   ? ? ? 'X-RAY DIFFRACTION' ? 
# 
_struct.entry_id                  1WLJ 
_struct.title                     'human ISG20' 
_struct.pdbx_model_details        ? 
_struct.pdbx_CASP_flag            ? 
_struct.pdbx_model_type_details   ? 
# 
_struct_keywords.entry_id        1WLJ 
_struct_keywords.pdbx_keywords   HYDROLASE 
_struct_keywords.text            'exoribonuclease, hydrolase' 
# 
loop_
_struct_asym.id 
_struct_asym.pdbx_blank_PDB_chainid_flag 
_struct_asym.pdbx_modified 
_struct_asym.entity_id 
_struct_asym.details 
A N N 1 ? 
B N N 2 ? 
C N N 2 ? 
D N N 2 ? 
E N N 3 ? 
F N N 4 ? 
G N N 5 ? 
# 
_struct_ref.id                         1 
_struct_ref.db_name                    GB 
_struct_ref.db_code                    NP_002192 
_struct_ref.pdbx_db_accession          6857800 
_struct_ref.entity_id                  1 
_struct_ref.pdbx_seq_one_letter_code   
;MAGSREVVAMDCEMVGLGPHRESGLARCSLVNVHGAVLYDKFIRPEGEITDYRTRVSGVTPQHMVGATPFAVARLEILQL
LKGKLVVGHDLKHDFQALKEDMSGYTIYDTSTDRLLWREAKLDHCRRVSLRVLSERLLHKSIQNSLLGHSSVEDARATME
LYQISQRIRARRGLPRLAVSD
;
_struct_ref.pdbx_align_begin           1 
_struct_ref.pdbx_db_isoform            ? 
# 
_struct_ref_seq.align_id                      1 
_struct_ref_seq.ref_id                        1 
_struct_ref_seq.pdbx_PDB_id_code              1WLJ 
_struct_ref_seq.pdbx_strand_id                A 
_struct_ref_seq.seq_align_beg                 1 
_struct_ref_seq.pdbx_seq_align_beg_ins_code   ? 
_struct_ref_seq.seq_align_end                 181 
_struct_ref_seq.pdbx_seq_align_end_ins_code   ? 
_struct_ref_seq.pdbx_db_accession             6857800 
_struct_ref_seq.db_align_beg                  1 
_struct_ref_seq.pdbx_db_align_beg_ins_code    ? 
_struct_ref_seq.db_align_end                  181 
_struct_ref_seq.pdbx_db_align_end_ins_code    ? 
_struct_ref_seq.pdbx_auth_seq_align_beg       1 
_struct_ref_seq.pdbx_auth_seq_align_end       181 
# 
loop_
_struct_ref_seq_dif.align_id 
_struct_ref_seq_dif.pdbx_pdb_id_code 
_struct_ref_seq_dif.mon_id 
_struct_ref_seq_dif.pdbx_pdb_strand_id 
_struct_ref_seq_dif.seq_num 
_struct_ref_seq_dif.pdbx_pdb_ins_code 
_struct_ref_seq_dif.pdbx_seq_db_name 
_struct_ref_seq_dif.pdbx_seq_db_accession_code 
_struct_ref_seq_dif.db_mon_id 
_struct_ref_seq_dif.pdbx_seq_db_seq_num 
_struct_ref_seq_dif.details 
_struct_ref_seq_dif.pdbx_auth_seq_num 
_struct_ref_seq_dif.pdbx_ordinal 
1 1WLJ LEU A 182 ? GB 6857800 ? ? 'expression tag' 182 1 
1 1WLJ GLU A 183 ? GB 6857800 ? ? 'expression tag' 183 2 
1 1WLJ HIS A 184 ? GB 6857800 ? ? 'expression tag' 184 3 
1 1WLJ HIS A 185 ? GB 6857800 ? ? 'expression tag' 185 4 
1 1WLJ HIS A 186 ? GB 6857800 ? ? 'expression tag' 186 5 
1 1WLJ HIS A 187 ? GB 6857800 ? ? 'expression tag' 187 6 
1 1WLJ HIS A 188 ? GB 6857800 ? ? 'expression tag' 188 7 
1 1WLJ HIS A 189 ? GB 6857800 ? ? 'expression tag' 189 8 
# 
_pdbx_struct_assembly.id                   1 
_pdbx_struct_assembly.details              author_defined_assembly 
_pdbx_struct_assembly.method_details       ? 
_pdbx_struct_assembly.oligomeric_details   monomeric 
_pdbx_struct_assembly.oligomeric_count     1 
# 
_pdbx_struct_assembly_gen.assembly_id       1 
_pdbx_struct_assembly_gen.oper_expression   1 
_pdbx_struct_assembly_gen.asym_id_list      A,B,C,D,E,F,G 
# 
_pdbx_struct_oper_list.id                   1 
_pdbx_struct_oper_list.type                 'identity operation' 
_pdbx_struct_oper_list.name                 1_555 
_pdbx_struct_oper_list.symmetry_operation   x,y,z 
_pdbx_struct_oper_list.matrix[1][1]         1.0000000000 
_pdbx_struct_oper_list.matrix[1][2]         0.0000000000 
_pdbx_struct_oper_list.matrix[1][3]         0.0000000000 
_pdbx_struct_oper_list.vector[1]            0.0000000000 
_pdbx_struct_oper_list.matrix[2][1]         0.0000000000 
_pdbx_struct_oper_list.matrix[2][2]         1.0000000000 
_pdbx_struct_oper_list.matrix[2][3]         0.0000000000 
_pdbx_struct_oper_list.vector[2]            0.0000000000 
_pdbx_struct_oper_list.matrix[3][1]         0.0000000000 
_pdbx_struct_oper_list.matrix[3][2]         0.0000000000 
_pdbx_struct_oper_list.matrix[3][3]         1.0000000000 
_pdbx_struct_oper_list.vector[3]            0.0000000000 
# 
_struct_biol.id                    1 
_struct_biol.pdbx_parent_biol_id   ? 
_struct_biol.details               ? 
# 
loop_
_struct_conf.conf_type_id 
_struct_conf.id 
_struct_conf.pdbx_PDB_helix_id 
_struct_conf.beg_label_comp_id 
_struct_conf.beg_label_asym_id 
_struct_conf.beg_label_seq_id 
_struct_conf.pdbx_beg_PDB_ins_code 
_struct_conf.end_label_comp_id 
_struct_conf.end_label_asym_id 
_struct_conf.end_label_seq_id 
_struct_conf.pdbx_end_PDB_ins_code 
_struct_conf.beg_auth_comp_id 
_struct_conf.beg_auth_asym_id 
_struct_conf.beg_auth_seq_id 
_struct_conf.end_auth_comp_id 
_struct_conf.end_auth_asym_id 
_struct_conf.end_auth_seq_id 
_struct_conf.pdbx_PDB_helix_class 
_struct_conf.details 
_struct_conf.pdbx_PDB_helix_length 
HELX_P HELX_P1 1 ARG A 53  ? GLY A 58  ? ARG A 53  GLY A 58  1 ? 6  
HELX_P HELX_P2 2 THR A 60  ? VAL A 65  ? THR A 60  VAL A 65  1 ? 6  
HELX_P HELX_P3 3 PHE A 70  ? LYS A 82  ? PHE A 70  LYS A 82  1 ? 13 
HELX_P HELX_P4 4 ASP A 90  ? LEU A 98  ? ASP A 90  LEU A 98  1 ? 9  
HELX_P HELX_P5 5 ASP A 113 ? LYS A 121 ? ASP A 113 LYS A 121 1 ? 9  
HELX_P HELX_P6 6 SER A 129 ? LEU A 138 ? SER A 129 LEU A 138 1 ? 10 
HELX_P HELX_P7 7 SER A 150 ? ARG A 172 ? SER A 150 ARG A 172 1 ? 23 
# 
_struct_conf_type.id          HELX_P 
_struct_conf_type.criteria    ? 
_struct_conf_type.reference   ? 
# 
loop_
_struct_conn.id 
_struct_conn.conn_type_id 
_struct_conn.pdbx_leaving_atom_flag 
_struct_conn.pdbx_PDB_id 
_struct_conn.ptnr1_label_asym_id 
_struct_conn.ptnr1_label_comp_id 
_struct_conn.ptnr1_label_seq_id 
_struct_conn.ptnr1_label_atom_id 
_struct_conn.pdbx_ptnr1_label_alt_id 
_struct_conn.pdbx_ptnr1_PDB_ins_code 
_struct_conn.pdbx_ptnr1_standard_comp_id 
_struct_conn.ptnr1_symmetry 
_struct_conn.ptnr2_label_asym_id 
_struct_conn.ptnr2_label_comp_id 
_struct_conn.ptnr2_label_seq_id 
_struct_conn.ptnr2_label_atom_id 
_struct_conn.pdbx_ptnr2_label_alt_id 
_struct_conn.pdbx_ptnr2_PDB_ins_code 
_struct_conn.ptnr1_auth_asym_id 
_struct_conn.ptnr1_auth_comp_id 
_struct_conn.ptnr1_auth_seq_id 
_struct_conn.ptnr2_auth_asym_id 
_struct_conn.ptnr2_auth_comp_id 
_struct_conn.ptnr2_auth_seq_id 
_struct_conn.ptnr2_symmetry 
_struct_conn.pdbx_ptnr3_label_atom_id 
_struct_conn.pdbx_ptnr3_label_seq_id 
_struct_conn.pdbx_ptnr3_label_comp_id 
_struct_conn.pdbx_ptnr3_label_asym_id 
_struct_conn.pdbx_ptnr3_label_alt_id 
_struct_conn.pdbx_ptnr3_PDB_ins_code 
_struct_conn.details 
_struct_conn.pdbx_dist_value 
_struct_conn.pdbx_value_order 
_struct_conn.pdbx_role 
metalc1  metalc ? ? A ASP 11  OD2 ? ? ? 1_555 B MN  . MN  ? ? A ASP 11  A MN  200 1_555 ? ? ? ? ? ? ? 2.202 ? ? 
metalc2  metalc ? ? A ASP 11  OD1 ? ? ? 1_555 C MN  . MN  ? ? A ASP 11  A MN  201 1_555 ? ? ? ? ? ? ? 2.102 ? ? 
metalc3  metalc ? ? A GLU 13  OE2 ? ? ? 1_555 B MN  . MN  ? ? A GLU 13  A MN  200 1_555 ? ? ? ? ? ? ? 2.092 ? ? 
metalc4  metalc ? ? A ASP 90  OD2 ? ? ? 1_555 D MN  . MN  ? ? A ASP 90  A MN  202 1_555 ? ? ? ? ? ? ? 2.427 ? ? 
metalc5  metalc ? ? A HIS 93  NE2 ? ? ? 1_555 D MN  . MN  ? ? A HIS 93  A MN  202 1_555 ? ? ? ? ? ? ? 2.412 ? ? 
metalc6  metalc ? ? A ASP 154 OD2 ? ? ? 1_555 B MN  . MN  ? ? A ASP 154 A MN  200 1_555 ? ? ? ? ? ? ? 2.067 ? ? 
metalc7  metalc ? ? B MN  .   MN  ? ? ? 1_555 F U5P . O2P ? ? A MN  200 A U5P 300 1_555 ? ? ? ? ? ? ? 2.238 ? ? 
metalc8  metalc ? ? B MN  .   MN  ? ? ? 1_555 F U5P . O3P ? ? A MN  200 A U5P 300 1_555 ? ? ? ? ? ? ? 2.398 ? ? 
metalc9  metalc ? ? C MN  .   MN  ? ? ? 1_555 F U5P . O3P ? ? A MN  201 A U5P 300 1_555 ? ? ? ? ? ? ? 2.034 ? ? 
metalc10 metalc ? ? C MN  .   MN  ? ? ? 1_555 G HOH . O   ? ? A MN  201 A HOH 347 1_555 ? ? ? ? ? ? ? 2.236 ? ? 
metalc11 metalc ? ? C MN  .   MN  ? ? ? 1_555 G HOH . O   ? ? A MN  201 A HOH 348 1_555 ? ? ? ? ? ? ? 2.256 ? ? 
metalc12 metalc ? ? C MN  .   MN  ? ? ? 1_555 G HOH . O   ? ? A MN  201 A HOH 349 1_555 ? ? ? ? ? ? ? 2.304 ? ? 
metalc13 metalc ? ? C MN  .   MN  ? ? ? 1_555 G HOH . O   ? ? A MN  201 A HOH 350 1_555 ? ? ? ? ? ? ? 2.208 ? ? 
# 
_struct_conn_type.id          metalc 
_struct_conn_type.criteria    ? 
_struct_conn_type.reference   ? 
# 
loop_
_pdbx_struct_conn_angle.id 
_pdbx_struct_conn_angle.ptnr1_label_atom_id 
_pdbx_struct_conn_angle.ptnr1_label_alt_id 
_pdbx_struct_conn_angle.ptnr1_label_asym_id 
_pdbx_struct_conn_angle.ptnr1_label_comp_id 
_pdbx_struct_conn_angle.ptnr1_label_seq_id 
_pdbx_struct_conn_angle.ptnr1_auth_atom_id 
_pdbx_struct_conn_angle.ptnr1_auth_asym_id 
_pdbx_struct_conn_angle.ptnr1_auth_comp_id 
_pdbx_struct_conn_angle.ptnr1_auth_seq_id 
_pdbx_struct_conn_angle.ptnr1_PDB_ins_code 
_pdbx_struct_conn_angle.ptnr1_symmetry 
_pdbx_struct_conn_angle.ptnr2_label_atom_id 
_pdbx_struct_conn_angle.ptnr2_label_alt_id 
_pdbx_struct_conn_angle.ptnr2_label_asym_id 
_pdbx_struct_conn_angle.ptnr2_label_comp_id 
_pdbx_struct_conn_angle.ptnr2_label_seq_id 
_pdbx_struct_conn_angle.ptnr2_auth_atom_id 
_pdbx_struct_conn_angle.ptnr2_auth_asym_id 
_pdbx_struct_conn_angle.ptnr2_auth_comp_id 
_pdbx_struct_conn_angle.ptnr2_auth_seq_id 
_pdbx_struct_conn_angle.ptnr2_PDB_ins_code 
_pdbx_struct_conn_angle.ptnr2_symmetry 
_pdbx_struct_conn_angle.ptnr3_label_atom_id 
_pdbx_struct_conn_angle.ptnr3_label_alt_id 
_pdbx_struct_conn_angle.ptnr3_label_asym_id 
_pdbx_struct_conn_angle.ptnr3_label_comp_id 
_pdbx_struct_conn_angle.ptnr3_label_seq_id 
_pdbx_struct_conn_angle.ptnr3_auth_atom_id 
_pdbx_struct_conn_angle.ptnr3_auth_asym_id 
_pdbx_struct_conn_angle.ptnr3_auth_comp_id 
_pdbx_struct_conn_angle.ptnr3_auth_seq_id 
_pdbx_struct_conn_angle.ptnr3_PDB_ins_code 
_pdbx_struct_conn_angle.ptnr3_symmetry 
_pdbx_struct_conn_angle.value 
_pdbx_struct_conn_angle.value_esd 
1  OD2 ? A ASP 11  ? A ASP 11  ? 1_555 MN ? B MN . ? A MN 200 ? 1_555 OE2 ? A GLU 13  ? A GLU 13  ? 1_555 87.2  ? 
2  OD2 ? A ASP 11  ? A ASP 11  ? 1_555 MN ? B MN . ? A MN 200 ? 1_555 OD2 ? A ASP 154 ? A ASP 154 ? 1_555 93.9  ? 
3  OE2 ? A GLU 13  ? A GLU 13  ? 1_555 MN ? B MN . ? A MN 200 ? 1_555 OD2 ? A ASP 154 ? A ASP 154 ? 1_555 114.3 ? 
4  OD2 ? A ASP 11  ? A ASP 11  ? 1_555 MN ? B MN . ? A MN 200 ? 1_555 O2P ? F U5P .   ? A U5P 300 ? 1_555 164.9 ? 
5  OE2 ? A GLU 13  ? A GLU 13  ? 1_555 MN ? B MN . ? A MN 200 ? 1_555 O2P ? F U5P .   ? A U5P 300 ? 1_555 103.6 ? 
6  OD2 ? A ASP 154 ? A ASP 154 ? 1_555 MN ? B MN . ? A MN 200 ? 1_555 O2P ? F U5P .   ? A U5P 300 ? 1_555 91.2  ? 
7  OD2 ? A ASP 11  ? A ASP 11  ? 1_555 MN ? B MN . ? A MN 200 ? 1_555 O3P ? F U5P .   ? A U5P 300 ? 1_555 99.4  ? 
8  OE2 ? A GLU 13  ? A GLU 13  ? 1_555 MN ? B MN . ? A MN 200 ? 1_555 O3P ? F U5P .   ? A U5P 300 ? 1_555 121.9 ? 
9  OD2 ? A ASP 154 ? A ASP 154 ? 1_555 MN ? B MN . ? A MN 200 ? 1_555 O3P ? F U5P .   ? A U5P 300 ? 1_555 122.5 ? 
10 O2P ? F U5P .   ? A U5P 300 ? 1_555 MN ? B MN . ? A MN 200 ? 1_555 O3P ? F U5P .   ? A U5P 300 ? 1_555 66.0  ? 
11 OD1 ? A ASP 11  ? A ASP 11  ? 1_555 MN ? C MN . ? A MN 201 ? 1_555 O3P ? F U5P .   ? A U5P 300 ? 1_555 93.1  ? 
12 OD1 ? A ASP 11  ? A ASP 11  ? 1_555 MN ? C MN . ? A MN 201 ? 1_555 O   ? G HOH .   ? A HOH 347 ? 1_555 88.9  ? 
13 O3P ? F U5P .   ? A U5P 300 ? 1_555 MN ? C MN . ? A MN 201 ? 1_555 O   ? G HOH .   ? A HOH 347 ? 1_555 176.8 ? 
14 OD1 ? A ASP 11  ? A ASP 11  ? 1_555 MN ? C MN . ? A MN 201 ? 1_555 O   ? G HOH .   ? A HOH 348 ? 1_555 86.6  ? 
15 O3P ? F U5P .   ? A U5P 300 ? 1_555 MN ? C MN . ? A MN 201 ? 1_555 O   ? G HOH .   ? A HOH 348 ? 1_555 92.9  ? 
16 O   ? G HOH .   ? A HOH 347 ? 1_555 MN ? C MN . ? A MN 201 ? 1_555 O   ? G HOH .   ? A HOH 348 ? 1_555 89.8  ? 
17 OD1 ? A ASP 11  ? A ASP 11  ? 1_555 MN ? C MN . ? A MN 201 ? 1_555 O   ? G HOH .   ? A HOH 349 ? 1_555 174.7 ? 
18 O3P ? F U5P .   ? A U5P 300 ? 1_555 MN ? C MN . ? A MN 201 ? 1_555 O   ? G HOH .   ? A HOH 349 ? 1_555 92.2  ? 
19 O   ? G HOH .   ? A HOH 347 ? 1_555 MN ? C MN . ? A MN 201 ? 1_555 O   ? G HOH .   ? A HOH 349 ? 1_555 85.8  ? 
20 O   ? G HOH .   ? A HOH 348 ? 1_555 MN ? C MN . ? A MN 201 ? 1_555 O   ? G HOH .   ? A HOH 349 ? 1_555 93.6  ? 
21 OD1 ? A ASP 11  ? A ASP 11  ? 1_555 MN ? C MN . ? A MN 201 ? 1_555 O   ? G HOH .   ? A HOH 350 ? 1_555 91.6  ? 
22 O3P ? F U5P .   ? A U5P 300 ? 1_555 MN ? C MN . ? A MN 201 ? 1_555 O   ? G HOH .   ? A HOH 350 ? 1_555 93.1  ? 
23 O   ? G HOH .   ? A HOH 347 ? 1_555 MN ? C MN . ? A MN 201 ? 1_555 O   ? G HOH .   ? A HOH 350 ? 1_555 84.3  ? 
24 O   ? G HOH .   ? A HOH 348 ? 1_555 MN ? C MN . ? A MN 201 ? 1_555 O   ? G HOH .   ? A HOH 350 ? 1_555 173.8 ? 
25 O   ? G HOH .   ? A HOH 349 ? 1_555 MN ? C MN . ? A MN 201 ? 1_555 O   ? G HOH .   ? A HOH 350 ? 1_555 87.6  ? 
26 OD2 ? A ASP 90  ? A ASP 90  ? 1_555 MN ? D MN . ? A MN 202 ? 1_555 NE2 ? A HIS 93  ? A HIS 93  ? 1_555 102.7 ? 
# 
_struct_sheet.id               A 
_struct_sheet.type             ? 
_struct_sheet.number_strands   5 
_struct_sheet.details          ? 
# 
loop_
_struct_sheet_order.sheet_id 
_struct_sheet_order.range_id_1 
_struct_sheet_order.range_id_2 
_struct_sheet_order.offset 
_struct_sheet_order.sense 
A 1 2 ? anti-parallel 
A 2 3 ? anti-parallel 
A 3 4 ? parallel      
A 4 5 ? parallel      
# 
loop_
_struct_sheet_range.sheet_id 
_struct_sheet_range.id 
_struct_sheet_range.beg_label_comp_id 
_struct_sheet_range.beg_label_asym_id 
_struct_sheet_range.beg_label_seq_id 
_struct_sheet_range.pdbx_beg_PDB_ins_code 
_struct_sheet_range.end_label_comp_id 
_struct_sheet_range.end_label_asym_id 
_struct_sheet_range.end_label_seq_id 
_struct_sheet_range.pdbx_end_PDB_ins_code 
_struct_sheet_range.beg_auth_comp_id 
_struct_sheet_range.beg_auth_asym_id 
_struct_sheet_range.beg_auth_seq_id 
_struct_sheet_range.end_auth_comp_id 
_struct_sheet_range.end_auth_asym_id 
_struct_sheet_range.end_auth_seq_id 
A 1 VAL A 37  ? ARG A 44  ? VAL A 37  ARG A 44  
A 2 GLU A 22  ? VAL A 31  ? GLU A 22  VAL A 31  
A 3 VAL A 7   ? LEU A 17  ? VAL A 7   LEU A 17  
A 4 LEU A 85  ? GLY A 88  ? LEU A 85  GLY A 88  
A 5 THR A 106 ? ASP A 109 ? THR A 106 ASP A 109 
# 
loop_
_pdbx_struct_sheet_hbond.sheet_id 
_pdbx_struct_sheet_hbond.range_id_1 
_pdbx_struct_sheet_hbond.range_id_2 
_pdbx_struct_sheet_hbond.range_1_label_atom_id 
_pdbx_struct_sheet_hbond.range_1_label_comp_id 
_pdbx_struct_sheet_hbond.range_1_label_asym_id 
_pdbx_struct_sheet_hbond.range_1_label_seq_id 
_pdbx_struct_sheet_hbond.range_1_PDB_ins_code 
_pdbx_struct_sheet_hbond.range_1_auth_atom_id 
_pdbx_struct_sheet_hbond.range_1_auth_comp_id 
_pdbx_struct_sheet_hbond.range_1_auth_asym_id 
_pdbx_struct_sheet_hbond.range_1_auth_seq_id 
_pdbx_struct_sheet_hbond.range_2_label_atom_id 
_pdbx_struct_sheet_hbond.range_2_label_comp_id 
_pdbx_struct_sheet_hbond.range_2_label_asym_id 
_pdbx_struct_sheet_hbond.range_2_label_seq_id 
_pdbx_struct_sheet_hbond.range_2_PDB_ins_code 
_pdbx_struct_sheet_hbond.range_2_auth_atom_id 
_pdbx_struct_sheet_hbond.range_2_auth_comp_id 
_pdbx_struct_sheet_hbond.range_2_auth_asym_id 
_pdbx_struct_sheet_hbond.range_2_auth_seq_id 
A 1 2 N CYS A 28 ? N CYS A 28 O LYS A 41  ? O LYS A 41  
A 2 3 N SER A 29 ? N SER A 29 O ASP A 11  ? O ASP A 11  
A 3 4 N MET A 10 ? N MET A 10 O VAL A 87  ? O VAL A 87  
A 4 5 N GLY A 88 ? N GLY A 88 O TYR A 108 ? O TYR A 108 
# 
loop_
_struct_site.id 
_struct_site.pdbx_evidence_code 
_struct_site.pdbx_auth_asym_id 
_struct_site.pdbx_auth_comp_id 
_struct_site.pdbx_auth_seq_id 
_struct_site.pdbx_auth_ins_code 
_struct_site.pdbx_num_residues 
_struct_site.details 
AC1 Software A MN  200 ? 4  'BINDING SITE FOR RESIDUE MN A 200'  
AC2 Software A MN  201 ? 6  'BINDING SITE FOR RESIDUE MN A 201'  
AC3 Software A MN  202 ? 2  'BINDING SITE FOR RESIDUE MN A 202'  
AC4 Software A ACT 203 ? 5  'BINDING SITE FOR RESIDUE ACT A 203' 
AC5 Software A U5P 300 ? 14 'BINDING SITE FOR RESIDUE U5P A 300' 
# 
loop_
_struct_site_gen.id 
_struct_site_gen.site_id 
_struct_site_gen.pdbx_num_res 
_struct_site_gen.label_comp_id 
_struct_site_gen.label_asym_id 
_struct_site_gen.label_seq_id 
_struct_site_gen.pdbx_auth_ins_code 
_struct_site_gen.auth_comp_id 
_struct_site_gen.auth_asym_id 
_struct_site_gen.auth_seq_id 
_struct_site_gen.label_atom_id 
_struct_site_gen.label_alt_id 
_struct_site_gen.symmetry 
_struct_site_gen.details 
1  AC1 4  ASP A 11  ? ASP A 11  . ? 1_555 ? 
2  AC1 4  GLU A 13  ? GLU A 13  . ? 1_555 ? 
3  AC1 4  ASP A 154 ? ASP A 154 . ? 1_555 ? 
4  AC1 4  U5P F .   ? U5P A 300 . ? 1_555 ? 
5  AC2 6  ASP A 11  ? ASP A 11  . ? 1_555 ? 
6  AC2 6  U5P F .   ? U5P A 300 . ? 1_555 ? 
7  AC2 6  HOH G .   ? HOH A 347 . ? 1_555 ? 
8  AC2 6  HOH G .   ? HOH A 348 . ? 1_555 ? 
9  AC2 6  HOH G .   ? HOH A 349 . ? 1_555 ? 
10 AC2 6  HOH G .   ? HOH A 350 . ? 1_555 ? 
11 AC3 2  ASP A 90  ? ASP A 90  . ? 1_555 ? 
12 AC3 2  HIS A 93  ? HIS A 93  . ? 1_555 ? 
13 AC4 5  THR A 50  ? THR A 50  . ? 6_655 ? 
14 AC4 5  TYR A 108 ? TYR A 108 . ? 1_555 ? 
15 AC4 5  ASP A 109 ? ASP A 109 . ? 1_555 ? 
16 AC4 5  THR A 112 ? THR A 112 . ? 1_555 ? 
17 AC4 5  HOH G .   ? HOH A 353 . ? 6_655 ? 
18 AC5 14 ASP A 11  ? ASP A 11  . ? 1_555 ? 
19 AC5 14 CYS A 12  ? CYS A 12  . ? 1_555 ? 
20 AC5 14 GLU A 13  ? GLU A 13  . ? 1_555 ? 
21 AC5 14 MET A 14  ? MET A 14  . ? 1_555 ? 
22 AC5 14 ARG A 53  ? ARG A 53  . ? 1_555 ? 
23 AC5 14 SER A 57  ? SER A 57  . ? 1_555 ? 
24 AC5 14 GLN A 143 ? GLN A 143 . ? 1_555 ? 
25 AC5 14 HIS A 149 ? HIS A 149 . ? 1_555 ? 
26 AC5 14 ASP A 154 ? ASP A 154 . ? 1_555 ? 
27 AC5 14 MN  B .   ? MN  A 200 . ? 1_555 ? 
28 AC5 14 MN  C .   ? MN  A 201 . ? 1_555 ? 
29 AC5 14 HOH G .   ? HOH A 321 . ? 1_555 ? 
30 AC5 14 HOH G .   ? HOH A 341 . ? 1_555 ? 
31 AC5 14 HOH G .   ? HOH A 350 . ? 1_555 ? 
# 
loop_
_pdbx_validate_torsion.id 
_pdbx_validate_torsion.PDB_model_num 
_pdbx_validate_torsion.auth_comp_id 
_pdbx_validate_torsion.auth_asym_id 
_pdbx_validate_torsion.auth_seq_id 
_pdbx_validate_torsion.PDB_ins_code 
_pdbx_validate_torsion.label_alt_id 
_pdbx_validate_torsion.phi 
_pdbx_validate_torsion.psi 
1 1 ASP A 40 ? ? -165.77 106.69 
2 1 ASP A 51 ? ? -160.16 108.60 
# 
_pdbx_database_remark.id     700 
_pdbx_database_remark.text   
;SHEET
DETERMINATION METHOD: AUTHOR DETERMINED
;
# 
loop_
_pdbx_unobs_or_zero_occ_residues.id 
_pdbx_unobs_or_zero_occ_residues.PDB_model_num 
_pdbx_unobs_or_zero_occ_residues.polymer_flag 
_pdbx_unobs_or_zero_occ_residues.occupancy_flag 
_pdbx_unobs_or_zero_occ_residues.auth_asym_id 
_pdbx_unobs_or_zero_occ_residues.auth_comp_id 
_pdbx_unobs_or_zero_occ_residues.auth_seq_id 
_pdbx_unobs_or_zero_occ_residues.PDB_ins_code 
_pdbx_unobs_or_zero_occ_residues.label_asym_id 
_pdbx_unobs_or_zero_occ_residues.label_comp_id 
_pdbx_unobs_or_zero_occ_residues.label_seq_id 
1  1 Y 1 A MET 1   ? A MET 1   
2  1 Y 1 A ALA 2   ? A ALA 2   
3  1 Y 1 A GLY 3   ? A GLY 3   
4  1 Y 1 A SER 4   ? A SER 4   
5  1 Y 1 A ARG 5   ? A ARG 5   
6  1 Y 1 A ASP 123 ? A ASP 123 
7  1 Y 1 A HIS 124 ? A HIS 124 
8  1 Y 1 A CYS 125 ? A CYS 125 
9  1 Y 1 A ARG 126 ? A ARG 126 
10 1 Y 1 A ARG 127 ? A ARG 127 
11 1 Y 1 A VAL 179 ? A VAL 179 
12 1 Y 1 A SER 180 ? A SER 180 
13 1 Y 1 A ASP 181 ? A ASP 181 
14 1 Y 1 A LEU 182 ? A LEU 182 
15 1 Y 1 A GLU 183 ? A GLU 183 
16 1 Y 1 A HIS 184 ? A HIS 184 
17 1 Y 1 A HIS 185 ? A HIS 185 
18 1 Y 1 A HIS 186 ? A HIS 186 
19 1 Y 1 A HIS 187 ? A HIS 187 
20 1 Y 1 A HIS 188 ? A HIS 188 
21 1 Y 1 A HIS 189 ? A HIS 189 
# 
loop_
_chem_comp_atom.comp_id 
_chem_comp_atom.atom_id 
_chem_comp_atom.type_symbol 
_chem_comp_atom.pdbx_aromatic_flag 
_chem_comp_atom.pdbx_stereo_config 
_chem_comp_atom.pdbx_ordinal 
ACT C      C  N N 1   
ACT O      O  N N 2   
ACT OXT    O  N N 3   
ACT CH3    C  N N 4   
ACT H1     H  N N 5   
ACT H2     H  N N 6   
ACT H3     H  N N 7   
ALA N      N  N N 8   
ALA CA     C  N S 9   
ALA C      C  N N 10  
ALA O      O  N N 11  
ALA CB     C  N N 12  
ALA OXT    O  N N 13  
ALA H      H  N N 14  
ALA H2     H  N N 15  
ALA HA     H  N N 16  
ALA HB1    H  N N 17  
ALA HB2    H  N N 18  
ALA HB3    H  N N 19  
ALA HXT    H  N N 20  
ARG N      N  N N 21  
ARG CA     C  N S 22  
ARG C      C  N N 23  
ARG O      O  N N 24  
ARG CB     C  N N 25  
ARG CG     C  N N 26  
ARG CD     C  N N 27  
ARG NE     N  N N 28  
ARG CZ     C  N N 29  
ARG NH1    N  N N 30  
ARG NH2    N  N N 31  
ARG OXT    O  N N 32  
ARG H      H  N N 33  
ARG H2     H  N N 34  
ARG HA     H  N N 35  
ARG HB2    H  N N 36  
ARG HB3    H  N N 37  
ARG HG2    H  N N 38  
ARG HG3    H  N N 39  
ARG HD2    H  N N 40  
ARG HD3    H  N N 41  
ARG HE     H  N N 42  
ARG HH11   H  N N 43  
ARG HH12   H  N N 44  
ARG HH21   H  N N 45  
ARG HH22   H  N N 46  
ARG HXT    H  N N 47  
ASN N      N  N N 48  
ASN CA     C  N S 49  
ASN C      C  N N 50  
ASN O      O  N N 51  
ASN CB     C  N N 52  
ASN CG     C  N N 53  
ASN OD1    O  N N 54  
ASN ND2    N  N N 55  
ASN OXT    O  N N 56  
ASN H      H  N N 57  
ASN H2     H  N N 58  
ASN HA     H  N N 59  
ASN HB2    H  N N 60  
ASN HB3    H  N N 61  
ASN HD21   H  N N 62  
ASN HD22   H  N N 63  
ASN HXT    H  N N 64  
ASP N      N  N N 65  
ASP CA     C  N S 66  
ASP C      C  N N 67  
ASP O      O  N N 68  
ASP CB     C  N N 69  
ASP CG     C  N N 70  
ASP OD1    O  N N 71  
ASP OD2    O  N N 72  
ASP OXT    O  N N 73  
ASP H      H  N N 74  
ASP H2     H  N N 75  
ASP HA     H  N N 76  
ASP HB2    H  N N 77  
ASP HB3    H  N N 78  
ASP HD2    H  N N 79  
ASP HXT    H  N N 80  
CYS N      N  N N 81  
CYS CA     C  N R 82  
CYS C      C  N N 83  
CYS O      O  N N 84  
CYS CB     C  N N 85  
CYS SG     S  N N 86  
CYS OXT    O  N N 87  
CYS H      H  N N 88  
CYS H2     H  N N 89  
CYS HA     H  N N 90  
CYS HB2    H  N N 91  
CYS HB3    H  N N 92  
CYS HG     H  N N 93  
CYS HXT    H  N N 94  
GLN N      N  N N 95  
GLN CA     C  N S 96  
GLN C      C  N N 97  
GLN O      O  N N 98  
GLN CB     C  N N 99  
GLN CG     C  N N 100 
GLN CD     C  N N 101 
GLN OE1    O  N N 102 
GLN NE2    N  N N 103 
GLN OXT    O  N N 104 
GLN H      H  N N 105 
GLN H2     H  N N 106 
GLN HA     H  N N 107 
GLN HB2    H  N N 108 
GLN HB3    H  N N 109 
GLN HG2    H  N N 110 
GLN HG3    H  N N 111 
GLN HE21   H  N N 112 
GLN HE22   H  N N 113 
GLN HXT    H  N N 114 
GLU N      N  N N 115 
GLU CA     C  N S 116 
GLU C      C  N N 117 
GLU O      O  N N 118 
GLU CB     C  N N 119 
GLU CG     C  N N 120 
GLU CD     C  N N 121 
GLU OE1    O  N N 122 
GLU OE2    O  N N 123 
GLU OXT    O  N N 124 
GLU H      H  N N 125 
GLU H2     H  N N 126 
GLU HA     H  N N 127 
GLU HB2    H  N N 128 
GLU HB3    H  N N 129 
GLU HG2    H  N N 130 
GLU HG3    H  N N 131 
GLU HE2    H  N N 132 
GLU HXT    H  N N 133 
GLY N      N  N N 134 
GLY CA     C  N N 135 
GLY C      C  N N 136 
GLY O      O  N N 137 
GLY OXT    O  N N 138 
GLY H      H  N N 139 
GLY H2     H  N N 140 
GLY HA2    H  N N 141 
GLY HA3    H  N N 142 
GLY HXT    H  N N 143 
HIS N      N  N N 144 
HIS CA     C  N S 145 
HIS C      C  N N 146 
HIS O      O  N N 147 
HIS CB     C  N N 148 
HIS CG     C  Y N 149 
HIS ND1    N  Y N 150 
HIS CD2    C  Y N 151 
HIS CE1    C  Y N 152 
HIS NE2    N  Y N 153 
HIS OXT    O  N N 154 
HIS H      H  N N 155 
HIS H2     H  N N 156 
HIS HA     H  N N 157 
HIS HB2    H  N N 158 
HIS HB3    H  N N 159 
HIS HD1    H  N N 160 
HIS HD2    H  N N 161 
HIS HE1    H  N N 162 
HIS HE2    H  N N 163 
HIS HXT    H  N N 164 
HOH O      O  N N 165 
HOH H1     H  N N 166 
HOH H2     H  N N 167 
ILE N      N  N N 168 
ILE CA     C  N S 169 
ILE C      C  N N 170 
ILE O      O  N N 171 
ILE CB     C  N S 172 
ILE CG1    C  N N 173 
ILE CG2    C  N N 174 
ILE CD1    C  N N 175 
ILE OXT    O  N N 176 
ILE H      H  N N 177 
ILE H2     H  N N 178 
ILE HA     H  N N 179 
ILE HB     H  N N 180 
ILE HG12   H  N N 181 
ILE HG13   H  N N 182 
ILE HG21   H  N N 183 
ILE HG22   H  N N 184 
ILE HG23   H  N N 185 
ILE HD11   H  N N 186 
ILE HD12   H  N N 187 
ILE HD13   H  N N 188 
ILE HXT    H  N N 189 
LEU N      N  N N 190 
LEU CA     C  N S 191 
LEU C      C  N N 192 
LEU O      O  N N 193 
LEU CB     C  N N 194 
LEU CG     C  N N 195 
LEU CD1    C  N N 196 
LEU CD2    C  N N 197 
LEU OXT    O  N N 198 
LEU H      H  N N 199 
LEU H2     H  N N 200 
LEU HA     H  N N 201 
LEU HB2    H  N N 202 
LEU HB3    H  N N 203 
LEU HG     H  N N 204 
LEU HD11   H  N N 205 
LEU HD12   H  N N 206 
LEU HD13   H  N N 207 
LEU HD21   H  N N 208 
LEU HD22   H  N N 209 
LEU HD23   H  N N 210 
LEU HXT    H  N N 211 
LYS N      N  N N 212 
LYS CA     C  N S 213 
LYS C      C  N N 214 
LYS O      O  N N 215 
LYS CB     C  N N 216 
LYS CG     C  N N 217 
LYS CD     C  N N 218 
LYS CE     C  N N 219 
LYS NZ     N  N N 220 
LYS OXT    O  N N 221 
LYS H      H  N N 222 
LYS H2     H  N N 223 
LYS HA     H  N N 224 
LYS HB2    H  N N 225 
LYS HB3    H  N N 226 
LYS HG2    H  N N 227 
LYS HG3    H  N N 228 
LYS HD2    H  N N 229 
LYS HD3    H  N N 230 
LYS HE2    H  N N 231 
LYS HE3    H  N N 232 
LYS HZ1    H  N N 233 
LYS HZ2    H  N N 234 
LYS HZ3    H  N N 235 
LYS HXT    H  N N 236 
MET N      N  N N 237 
MET CA     C  N S 238 
MET C      C  N N 239 
MET O      O  N N 240 
MET CB     C  N N 241 
MET CG     C  N N 242 
MET SD     S  N N 243 
MET CE     C  N N 244 
MET OXT    O  N N 245 
MET H      H  N N 246 
MET H2     H  N N 247 
MET HA     H  N N 248 
MET HB2    H  N N 249 
MET HB3    H  N N 250 
MET HG2    H  N N 251 
MET HG3    H  N N 252 
MET HE1    H  N N 253 
MET HE2    H  N N 254 
MET HE3    H  N N 255 
MET HXT    H  N N 256 
MN  MN     MN N N 257 
PHE N      N  N N 258 
PHE CA     C  N S 259 
PHE C      C  N N 260 
PHE O      O  N N 261 
PHE CB     C  N N 262 
PHE CG     C  Y N 263 
PHE CD1    C  Y N 264 
PHE CD2    C  Y N 265 
PHE CE1    C  Y N 266 
PHE CE2    C  Y N 267 
PHE CZ     C  Y N 268 
PHE OXT    O  N N 269 
PHE H      H  N N 270 
PHE H2     H  N N 271 
PHE HA     H  N N 272 
PHE HB2    H  N N 273 
PHE HB3    H  N N 274 
PHE HD1    H  N N 275 
PHE HD2    H  N N 276 
PHE HE1    H  N N 277 
PHE HE2    H  N N 278 
PHE HZ     H  N N 279 
PHE HXT    H  N N 280 
PRO N      N  N N 281 
PRO CA     C  N S 282 
PRO C      C  N N 283 
PRO O      O  N N 284 
PRO CB     C  N N 285 
PRO CG     C  N N 286 
PRO CD     C  N N 287 
PRO OXT    O  N N 288 
PRO H      H  N N 289 
PRO HA     H  N N 290 
PRO HB2    H  N N 291 
PRO HB3    H  N N 292 
PRO HG2    H  N N 293 
PRO HG3    H  N N 294 
PRO HD2    H  N N 295 
PRO HD3    H  N N 296 
PRO HXT    H  N N 297 
SER N      N  N N 298 
SER CA     C  N S 299 
SER C      C  N N 300 
SER O      O  N N 301 
SER CB     C  N N 302 
SER OG     O  N N 303 
SER OXT    O  N N 304 
SER H      H  N N 305 
SER H2     H  N N 306 
SER HA     H  N N 307 
SER HB2    H  N N 308 
SER HB3    H  N N 309 
SER HG     H  N N 310 
SER HXT    H  N N 311 
THR N      N  N N 312 
THR CA     C  N S 313 
THR C      C  N N 314 
THR O      O  N N 315 
THR CB     C  N R 316 
THR OG1    O  N N 317 
THR CG2    C  N N 318 
THR OXT    O  N N 319 
THR H      H  N N 320 
THR H2     H  N N 321 
THR HA     H  N N 322 
THR HB     H  N N 323 
THR HG1    H  N N 324 
THR HG21   H  N N 325 
THR HG22   H  N N 326 
THR HG23   H  N N 327 
THR HXT    H  N N 328 
TRP N      N  N N 329 
TRP CA     C  N S 330 
TRP C      C  N N 331 
TRP O      O  N N 332 
TRP CB     C  N N 333 
TRP CG     C  Y N 334 
TRP CD1    C  Y N 335 
TRP CD2    C  Y N 336 
TRP NE1    N  Y N 337 
TRP CE2    C  Y N 338 
TRP CE3    C  Y N 339 
TRP CZ2    C  Y N 340 
TRP CZ3    C  Y N 341 
TRP CH2    C  Y N 342 
TRP OXT    O  N N 343 
TRP H      H  N N 344 
TRP H2     H  N N 345 
TRP HA     H  N N 346 
TRP HB2    H  N N 347 
TRP HB3    H  N N 348 
TRP HD1    H  N N 349 
TRP HE1    H  N N 350 
TRP HE3    H  N N 351 
TRP HZ2    H  N N 352 
TRP HZ3    H  N N 353 
TRP HH2    H  N N 354 
TRP HXT    H  N N 355 
TYR N      N  N N 356 
TYR CA     C  N S 357 
TYR C      C  N N 358 
TYR O      O  N N 359 
TYR CB     C  N N 360 
TYR CG     C  Y N 361 
TYR CD1    C  Y N 362 
TYR CD2    C  Y N 363 
TYR CE1    C  Y N 364 
TYR CE2    C  Y N 365 
TYR CZ     C  Y N 366 
TYR OH     O  N N 367 
TYR OXT    O  N N 368 
TYR H      H  N N 369 
TYR H2     H  N N 370 
TYR HA     H  N N 371 
TYR HB2    H  N N 372 
TYR HB3    H  N N 373 
TYR HD1    H  N N 374 
TYR HD2    H  N N 375 
TYR HE1    H  N N 376 
TYR HE2    H  N N 377 
TYR HH     H  N N 378 
TYR HXT    H  N N 379 
U5P N1     N  N N 380 
U5P C2     C  N N 381 
U5P N3     N  N N 382 
U5P C4     C  N N 383 
U5P C5     C  N N 384 
U5P C6     C  N N 385 
U5P O2     O  N N 386 
U5P O4     O  N N 387 
U5P "C1'"  C  N R 388 
U5P "C2'"  C  N R 389 
U5P "O2'"  O  N N 390 
U5P "C3'"  C  N S 391 
U5P "C4'"  C  N R 392 
U5P "O3'"  O  N N 393 
U5P "O4'"  O  N N 394 
U5P "C5'"  C  N N 395 
U5P "O5'"  O  N N 396 
U5P P      P  N N 397 
U5P O1P    O  N N 398 
U5P O2P    O  N N 399 
U5P O3P    O  N N 400 
U5P HN3    H  N N 401 
U5P H5     H  N N 402 
U5P H6     H  N N 403 
U5P "H1'"  H  N N 404 
U5P "H2'"  H  N N 405 
U5P "HO2'" H  N N 406 
U5P "H3'"  H  N N 407 
U5P "H4'"  H  N N 408 
U5P "HO3'" H  N N 409 
U5P "H5'1" H  N N 410 
U5P "H5'2" H  N N 411 
U5P HOP2   H  N N 412 
U5P HOP3   H  N N 413 
VAL N      N  N N 414 
VAL CA     C  N S 415 
VAL C      C  N N 416 
VAL O      O  N N 417 
VAL CB     C  N N 418 
VAL CG1    C  N N 419 
VAL CG2    C  N N 420 
VAL OXT    O  N N 421 
VAL H      H  N N 422 
VAL H2     H  N N 423 
VAL HA     H  N N 424 
VAL HB     H  N N 425 
VAL HG11   H  N N 426 
VAL HG12   H  N N 427 
VAL HG13   H  N N 428 
VAL HG21   H  N N 429 
VAL HG22   H  N N 430 
VAL HG23   H  N N 431 
VAL HXT    H  N N 432 
# 
loop_
_chem_comp_bond.comp_id 
_chem_comp_bond.atom_id_1 
_chem_comp_bond.atom_id_2 
_chem_comp_bond.value_order 
_chem_comp_bond.pdbx_aromatic_flag 
_chem_comp_bond.pdbx_stereo_config 
_chem_comp_bond.pdbx_ordinal 
ACT C     O      doub N N 1   
ACT C     OXT    sing N N 2   
ACT C     CH3    sing N N 3   
ACT CH3   H1     sing N N 4   
ACT CH3   H2     sing N N 5   
ACT CH3   H3     sing N N 6   
ALA N     CA     sing N N 7   
ALA N     H      sing N N 8   
ALA N     H2     sing N N 9   
ALA CA    C      sing N N 10  
ALA CA    CB     sing N N 11  
ALA CA    HA     sing N N 12  
ALA C     O      doub N N 13  
ALA C     OXT    sing N N 14  
ALA CB    HB1    sing N N 15  
ALA CB    HB2    sing N N 16  
ALA CB    HB3    sing N N 17  
ALA OXT   HXT    sing N N 18  
ARG N     CA     sing N N 19  
ARG N     H      sing N N 20  
ARG N     H2     sing N N 21  
ARG CA    C      sing N N 22  
ARG CA    CB     sing N N 23  
ARG CA    HA     sing N N 24  
ARG C     O      doub N N 25  
ARG C     OXT    sing N N 26  
ARG CB    CG     sing N N 27  
ARG CB    HB2    sing N N 28  
ARG CB    HB3    sing N N 29  
ARG CG    CD     sing N N 30  
ARG CG    HG2    sing N N 31  
ARG CG    HG3    sing N N 32  
ARG CD    NE     sing N N 33  
ARG CD    HD2    sing N N 34  
ARG CD    HD3    sing N N 35  
ARG NE    CZ     sing N N 36  
ARG NE    HE     sing N N 37  
ARG CZ    NH1    sing N N 38  
ARG CZ    NH2    doub N N 39  
ARG NH1   HH11   sing N N 40  
ARG NH1   HH12   sing N N 41  
ARG NH2   HH21   sing N N 42  
ARG NH2   HH22   sing N N 43  
ARG OXT   HXT    sing N N 44  
ASN N     CA     sing N N 45  
ASN N     H      sing N N 46  
ASN N     H2     sing N N 47  
ASN CA    C      sing N N 48  
ASN CA    CB     sing N N 49  
ASN CA    HA     sing N N 50  
ASN C     O      doub N N 51  
ASN C     OXT    sing N N 52  
ASN CB    CG     sing N N 53  
ASN CB    HB2    sing N N 54  
ASN CB    HB3    sing N N 55  
ASN CG    OD1    doub N N 56  
ASN CG    ND2    sing N N 57  
ASN ND2   HD21   sing N N 58  
ASN ND2   HD22   sing N N 59  
ASN OXT   HXT    sing N N 60  
ASP N     CA     sing N N 61  
ASP N     H      sing N N 62  
ASP N     H2     sing N N 63  
ASP CA    C      sing N N 64  
ASP CA    CB     sing N N 65  
ASP CA    HA     sing N N 66  
ASP C     O      doub N N 67  
ASP C     OXT    sing N N 68  
ASP CB    CG     sing N N 69  
ASP CB    HB2    sing N N 70  
ASP CB    HB3    sing N N 71  
ASP CG    OD1    doub N N 72  
ASP CG    OD2    sing N N 73  
ASP OD2   HD2    sing N N 74  
ASP OXT   HXT    sing N N 75  
CYS N     CA     sing N N 76  
CYS N     H      sing N N 77  
CYS N     H2     sing N N 78  
CYS CA    C      sing N N 79  
CYS CA    CB     sing N N 80  
CYS CA    HA     sing N N 81  
CYS C     O      doub N N 82  
CYS C     OXT    sing N N 83  
CYS CB    SG     sing N N 84  
CYS CB    HB2    sing N N 85  
CYS CB    HB3    sing N N 86  
CYS SG    HG     sing N N 87  
CYS OXT   HXT    sing N N 88  
GLN N     CA     sing N N 89  
GLN N     H      sing N N 90  
GLN N     H2     sing N N 91  
GLN CA    C      sing N N 92  
GLN CA    CB     sing N N 93  
GLN CA    HA     sing N N 94  
GLN C     O      doub N N 95  
GLN C     OXT    sing N N 96  
GLN CB    CG     sing N N 97  
GLN CB    HB2    sing N N 98  
GLN CB    HB3    sing N N 99  
GLN CG    CD     sing N N 100 
GLN CG    HG2    sing N N 101 
GLN CG    HG3    sing N N 102 
GLN CD    OE1    doub N N 103 
GLN CD    NE2    sing N N 104 
GLN NE2   HE21   sing N N 105 
GLN NE2   HE22   sing N N 106 
GLN OXT   HXT    sing N N 107 
GLU N     CA     sing N N 108 
GLU N     H      sing N N 109 
GLU N     H2     sing N N 110 
GLU CA    C      sing N N 111 
GLU CA    CB     sing N N 112 
GLU CA    HA     sing N N 113 
GLU C     O      doub N N 114 
GLU C     OXT    sing N N 115 
GLU CB    CG     sing N N 116 
GLU CB    HB2    sing N N 117 
GLU CB    HB3    sing N N 118 
GLU CG    CD     sing N N 119 
GLU CG    HG2    sing N N 120 
GLU CG    HG3    sing N N 121 
GLU CD    OE1    doub N N 122 
GLU CD    OE2    sing N N 123 
GLU OE2   HE2    sing N N 124 
GLU OXT   HXT    sing N N 125 
GLY N     CA     sing N N 126 
GLY N     H      sing N N 127 
GLY N     H2     sing N N 128 
GLY CA    C      sing N N 129 
GLY CA    HA2    sing N N 130 
GLY CA    HA3    sing N N 131 
GLY C     O      doub N N 132 
GLY C     OXT    sing N N 133 
GLY OXT   HXT    sing N N 134 
HIS N     CA     sing N N 135 
HIS N     H      sing N N 136 
HIS N     H2     sing N N 137 
HIS CA    C      sing N N 138 
HIS CA    CB     sing N N 139 
HIS CA    HA     sing N N 140 
HIS C     O      doub N N 141 
HIS C     OXT    sing N N 142 
HIS CB    CG     sing N N 143 
HIS CB    HB2    sing N N 144 
HIS CB    HB3    sing N N 145 
HIS CG    ND1    sing Y N 146 
HIS CG    CD2    doub Y N 147 
HIS ND1   CE1    doub Y N 148 
HIS ND1   HD1    sing N N 149 
HIS CD2   NE2    sing Y N 150 
HIS CD2   HD2    sing N N 151 
HIS CE1   NE2    sing Y N 152 
HIS CE1   HE1    sing N N 153 
HIS NE2   HE2    sing N N 154 
HIS OXT   HXT    sing N N 155 
HOH O     H1     sing N N 156 
HOH O     H2     sing N N 157 
ILE N     CA     sing N N 158 
ILE N     H      sing N N 159 
ILE N     H2     sing N N 160 
ILE CA    C      sing N N 161 
ILE CA    CB     sing N N 162 
ILE CA    HA     sing N N 163 
ILE C     O      doub N N 164 
ILE C     OXT    sing N N 165 
ILE CB    CG1    sing N N 166 
ILE CB    CG2    sing N N 167 
ILE CB    HB     sing N N 168 
ILE CG1   CD1    sing N N 169 
ILE CG1   HG12   sing N N 170 
ILE CG1   HG13   sing N N 171 
ILE CG2   HG21   sing N N 172 
ILE CG2   HG22   sing N N 173 
ILE CG2   HG23   sing N N 174 
ILE CD1   HD11   sing N N 175 
ILE CD1   HD12   sing N N 176 
ILE CD1   HD13   sing N N 177 
ILE OXT   HXT    sing N N 178 
LEU N     CA     sing N N 179 
LEU N     H      sing N N 180 
LEU N     H2     sing N N 181 
LEU CA    C      sing N N 182 
LEU CA    CB     sing N N 183 
LEU CA    HA     sing N N 184 
LEU C     O      doub N N 185 
LEU C     OXT    sing N N 186 
LEU CB    CG     sing N N 187 
LEU CB    HB2    sing N N 188 
LEU CB    HB3    sing N N 189 
LEU CG    CD1    sing N N 190 
LEU CG    CD2    sing N N 191 
LEU CG    HG     sing N N 192 
LEU CD1   HD11   sing N N 193 
LEU CD1   HD12   sing N N 194 
LEU CD1   HD13   sing N N 195 
LEU CD2   HD21   sing N N 196 
LEU CD2   HD22   sing N N 197 
LEU CD2   HD23   sing N N 198 
LEU OXT   HXT    sing N N 199 
LYS N     CA     sing N N 200 
LYS N     H      sing N N 201 
LYS N     H2     sing N N 202 
LYS CA    C      sing N N 203 
LYS CA    CB     sing N N 204 
LYS CA    HA     sing N N 205 
LYS C     O      doub N N 206 
LYS C     OXT    sing N N 207 
LYS CB    CG     sing N N 208 
LYS CB    HB2    sing N N 209 
LYS CB    HB3    sing N N 210 
LYS CG    CD     sing N N 211 
LYS CG    HG2    sing N N 212 
LYS CG    HG3    sing N N 213 
LYS CD    CE     sing N N 214 
LYS CD    HD2    sing N N 215 
LYS CD    HD3    sing N N 216 
LYS CE    NZ     sing N N 217 
LYS CE    HE2    sing N N 218 
LYS CE    HE3    sing N N 219 
LYS NZ    HZ1    sing N N 220 
LYS NZ    HZ2    sing N N 221 
LYS NZ    HZ3    sing N N 222 
LYS OXT   HXT    sing N N 223 
MET N     CA     sing N N 224 
MET N     H      sing N N 225 
MET N     H2     sing N N 226 
MET CA    C      sing N N 227 
MET CA    CB     sing N N 228 
MET CA    HA     sing N N 229 
MET C     O      doub N N 230 
MET C     OXT    sing N N 231 
MET CB    CG     sing N N 232 
MET CB    HB2    sing N N 233 
MET CB    HB3    sing N N 234 
MET CG    SD     sing N N 235 
MET CG    HG2    sing N N 236 
MET CG    HG3    sing N N 237 
MET SD    CE     sing N N 238 
MET CE    HE1    sing N N 239 
MET CE    HE2    sing N N 240 
MET CE    HE3    sing N N 241 
MET OXT   HXT    sing N N 242 
PHE N     CA     sing N N 243 
PHE N     H      sing N N 244 
PHE N     H2     sing N N 245 
PHE CA    C      sing N N 246 
PHE CA    CB     sing N N 247 
PHE CA    HA     sing N N 248 
PHE C     O      doub N N 249 
PHE C     OXT    sing N N 250 
PHE CB    CG     sing N N 251 
PHE CB    HB2    sing N N 252 
PHE CB    HB3    sing N N 253 
PHE CG    CD1    doub Y N 254 
PHE CG    CD2    sing Y N 255 
PHE CD1   CE1    sing Y N 256 
PHE CD1   HD1    sing N N 257 
PHE CD2   CE2    doub Y N 258 
PHE CD2   HD2    sing N N 259 
PHE CE1   CZ     doub Y N 260 
PHE CE1   HE1    sing N N 261 
PHE CE2   CZ     sing Y N 262 
PHE CE2   HE2    sing N N 263 
PHE CZ    HZ     sing N N 264 
PHE OXT   HXT    sing N N 265 
PRO N     CA     sing N N 266 
PRO N     CD     sing N N 267 
PRO N     H      sing N N 268 
PRO CA    C      sing N N 269 
PRO CA    CB     sing N N 270 
PRO CA    HA     sing N N 271 
PRO C     O      doub N N 272 
PRO C     OXT    sing N N 273 
PRO CB    CG     sing N N 274 
PRO CB    HB2    sing N N 275 
PRO CB    HB3    sing N N 276 
PRO CG    CD     sing N N 277 
PRO CG    HG2    sing N N 278 
PRO CG    HG3    sing N N 279 
PRO CD    HD2    sing N N 280 
PRO CD    HD3    sing N N 281 
PRO OXT   HXT    sing N N 282 
SER N     CA     sing N N 283 
SER N     H      sing N N 284 
SER N     H2     sing N N 285 
SER CA    C      sing N N 286 
SER CA    CB     sing N N 287 
SER CA    HA     sing N N 288 
SER C     O      doub N N 289 
SER C     OXT    sing N N 290 
SER CB    OG     sing N N 291 
SER CB    HB2    sing N N 292 
SER CB    HB3    sing N N 293 
SER OG    HG     sing N N 294 
SER OXT   HXT    sing N N 295 
THR N     CA     sing N N 296 
THR N     H      sing N N 297 
THR N     H2     sing N N 298 
THR CA    C      sing N N 299 
THR CA    CB     sing N N 300 
THR CA    HA     sing N N 301 
THR C     O      doub N N 302 
THR C     OXT    sing N N 303 
THR CB    OG1    sing N N 304 
THR CB    CG2    sing N N 305 
THR CB    HB     sing N N 306 
THR OG1   HG1    sing N N 307 
THR CG2   HG21   sing N N 308 
THR CG2   HG22   sing N N 309 
THR CG2   HG23   sing N N 310 
THR OXT   HXT    sing N N 311 
TRP N     CA     sing N N 312 
TRP N     H      sing N N 313 
TRP N     H2     sing N N 314 
TRP CA    C      sing N N 315 
TRP CA    CB     sing N N 316 
TRP CA    HA     sing N N 317 
TRP C     O      doub N N 318 
TRP C     OXT    sing N N 319 
TRP CB    CG     sing N N 320 
TRP CB    HB2    sing N N 321 
TRP CB    HB3    sing N N 322 
TRP CG    CD1    doub Y N 323 
TRP CG    CD2    sing Y N 324 
TRP CD1   NE1    sing Y N 325 
TRP CD1   HD1    sing N N 326 
TRP CD2   CE2    doub Y N 327 
TRP CD2   CE3    sing Y N 328 
TRP NE1   CE2    sing Y N 329 
TRP NE1   HE1    sing N N 330 
TRP CE2   CZ2    sing Y N 331 
TRP CE3   CZ3    doub Y N 332 
TRP CE3   HE3    sing N N 333 
TRP CZ2   CH2    doub Y N 334 
TRP CZ2   HZ2    sing N N 335 
TRP CZ3   CH2    sing Y N 336 
TRP CZ3   HZ3    sing N N 337 
TRP CH2   HH2    sing N N 338 
TRP OXT   HXT    sing N N 339 
TYR N     CA     sing N N 340 
TYR N     H      sing N N 341 
TYR N     H2     sing N N 342 
TYR CA    C      sing N N 343 
TYR CA    CB     sing N N 344 
TYR CA    HA     sing N N 345 
TYR C     O      doub N N 346 
TYR C     OXT    sing N N 347 
TYR CB    CG     sing N N 348 
TYR CB    HB2    sing N N 349 
TYR CB    HB3    sing N N 350 
TYR CG    CD1    doub Y N 351 
TYR CG    CD2    sing Y N 352 
TYR CD1   CE1    sing Y N 353 
TYR CD1   HD1    sing N N 354 
TYR CD2   CE2    doub Y N 355 
TYR CD2   HD2    sing N N 356 
TYR CE1   CZ     doub Y N 357 
TYR CE1   HE1    sing N N 358 
TYR CE2   CZ     sing Y N 359 
TYR CE2   HE2    sing N N 360 
TYR CZ    OH     sing N N 361 
TYR OH    HH     sing N N 362 
TYR OXT   HXT    sing N N 363 
U5P N1    C2     sing N N 364 
U5P N1    C6     sing N N 365 
U5P N1    "C1'"  sing N N 366 
U5P C2    N3     sing N N 367 
U5P C2    O2     doub N N 368 
U5P N3    C4     sing N N 369 
U5P N3    HN3    sing N N 370 
U5P C4    C5     sing N N 371 
U5P C4    O4     doub N N 372 
U5P C5    C6     doub N N 373 
U5P C5    H5     sing N N 374 
U5P C6    H6     sing N N 375 
U5P "C1'" "C2'"  sing N N 376 
U5P "C1'" "O4'"  sing N N 377 
U5P "C1'" "H1'"  sing N N 378 
U5P "C2'" "O2'"  sing N N 379 
U5P "C2'" "C3'"  sing N N 380 
U5P "C2'" "H2'"  sing N N 381 
U5P "O2'" "HO2'" sing N N 382 
U5P "C3'" "C4'"  sing N N 383 
U5P "C3'" "O3'"  sing N N 384 
U5P "C3'" "H3'"  sing N N 385 
U5P "C4'" "O4'"  sing N N 386 
U5P "C4'" "C5'"  sing N N 387 
U5P "C4'" "H4'"  sing N N 388 
U5P "O3'" "HO3'" sing N N 389 
U5P "C5'" "O5'"  sing N N 390 
U5P "C5'" "H5'1" sing N N 391 
U5P "C5'" "H5'2" sing N N 392 
U5P "O5'" P      sing N N 393 
U5P P     O1P    doub N N 394 
U5P P     O2P    sing N N 395 
U5P P     O3P    sing N N 396 
U5P O2P   HOP2   sing N N 397 
U5P O3P   HOP3   sing N N 398 
VAL N     CA     sing N N 399 
VAL N     H      sing N N 400 
VAL N     H2     sing N N 401 
VAL CA    C      sing N N 402 
VAL CA    CB     sing N N 403 
VAL CA    HA     sing N N 404 
VAL C     O      doub N N 405 
VAL C     OXT    sing N N 406 
VAL CB    CG1    sing N N 407 
VAL CB    CG2    sing N N 408 
VAL CB    HB     sing N N 409 
VAL CG1   HG11   sing N N 410 
VAL CG1   HG12   sing N N 411 
VAL CG1   HG13   sing N N 412 
VAL CG2   HG21   sing N N 413 
VAL CG2   HG22   sing N N 414 
VAL CG2   HG23   sing N N 415 
VAL OXT   HXT    sing N N 416 
# 
_atom_sites.entry_id                    1WLJ 
_atom_sites.fract_transf_matrix[1][1]   -0.00351900 
_atom_sites.fract_transf_matrix[1][2]   -0.01664515 
_atom_sites.fract_transf_matrix[1][3]   -0.00648600 
_atom_sites.fract_transf_matrix[2][1]   0.00975650 
_atom_sites.fract_transf_matrix[2][2]   -0.00661362 
_atom_sites.fract_transf_matrix[2][3]   -0.01387680 
_atom_sites.fract_transf_matrix[3][1]   0.00669104 
_atom_sites.fract_transf_matrix[3][2]   -0.00398836 
_atom_sites.fract_transf_matrix[3][3]   0.00660517 
_atom_sites.fract_transf_vector[1]      0.414753 
_atom_sites.fract_transf_vector[2]      0.644803 
_atom_sites.fract_transf_vector[3]      0.260036 
# 
loop_
_atom_type.symbol 
C  
MN 
N  
O  
P  
S  
# 
loop_
_atom_site.group_PDB 
_atom_site.id 
_atom_site.type_symbol 
_atom_site.label_atom_id 
_atom_site.label_alt_id 
_atom_site.label_comp_id 
_atom_site.label_asym_id 
_atom_site.label_entity_id 
_atom_site.label_seq_id 
_atom_site.pdbx_PDB_ins_code 
_atom_site.Cartn_x 
_atom_site.Cartn_y 
_atom_site.Cartn_z 
_atom_site.occupancy 
_atom_site.B_iso_or_equiv 
_atom_site.pdbx_formal_charge 
_atom_site.auth_seq_id 
_atom_site.auth_comp_id 
_atom_site.auth_asym_id 
_atom_site.auth_atom_id 
_atom_site.pdbx_PDB_model_num 
ATOM   1    N  N     . GLU A 1 6   ? -9.863  12.031  6.987   1.00 24.21 ? 6   GLU A N     1 
ATOM   2    C  CA    . GLU A 1 6   ? -9.922  10.920  7.974   1.00 23.94 ? 6   GLU A CA    1 
ATOM   3    C  C     . GLU A 1 6   ? -9.601  9.578   7.324   1.00 23.88 ? 6   GLU A C     1 
ATOM   4    O  O     . GLU A 1 6   ? -9.551  8.553   7.999   1.00 23.34 ? 6   GLU A O     1 
ATOM   5    C  CB    . GLU A 1 6   ? -11.301 10.867  8.615   1.00 25.55 ? 6   GLU A CB    1 
ATOM   6    N  N     . VAL A 1 7   ? -9.395  9.586   6.010   1.00 21.68 ? 7   VAL A N     1 
ATOM   7    C  CA    . VAL A 1 7   ? -9.078  8.359   5.290   1.00 19.99 ? 7   VAL A CA    1 
ATOM   8    C  C     . VAL A 1 7   ? -7.786  8.537   4.502   1.00 19.19 ? 7   VAL A C     1 
ATOM   9    O  O     . VAL A 1 7   ? -7.578  9.567   3.857   1.00 20.23 ? 7   VAL A O     1 
ATOM   10   C  CB    . VAL A 1 7   ? -10.208 7.972   4.310   1.00 22.74 ? 7   VAL A CB    1 
ATOM   11   C  CG1   . VAL A 1 7   ? -9.939  6.594   3.727   1.00 21.03 ? 7   VAL A CG1   1 
ATOM   12   C  CG2   . VAL A 1 7   ? -11.550 7.982   5.028   1.00 24.07 ? 7   VAL A CG2   1 
ATOM   13   N  N     . VAL A 1 8   ? -6.917  7.536   4.569   1.00 15.84 ? 8   VAL A N     1 
ATOM   14   C  CA    . VAL A 1 8   ? -5.643  7.568   3.857   1.00 13.68 ? 8   VAL A CA    1 
ATOM   15   C  C     . VAL A 1 8   ? -5.319  6.173   3.331   1.00 13.94 ? 8   VAL A C     1 
ATOM   16   O  O     . VAL A 1 8   ? -5.477  5.184   4.047   1.00 15.41 ? 8   VAL A O     1 
ATOM   17   C  CB    . VAL A 1 8   ? -4.481  8.004   4.780   1.00 14.14 ? 8   VAL A CB    1 
ATOM   18   C  CG1   A VAL A 1 8   ? -3.188  8.130   3.984   0.50 9.90  ? 8   VAL A CG1   1 
ATOM   19   C  CG1   B VAL A 1 8   ? -4.640  9.458   5.157   0.50 16.31 ? 8   VAL A CG1   1 
ATOM   20   C  CG2   A VAL A 1 8   ? -4.820  9.309   5.454   0.50 14.76 ? 8   VAL A CG2   1 
ATOM   21   C  CG2   B VAL A 1 8   ? -4.443  7.138   6.024   0.50 13.45 ? 8   VAL A CG2   1 
ATOM   22   N  N     . ALA A 1 9   ? -4.866  6.104   2.084   1.00 13.09 ? 9   ALA A N     1 
ATOM   23   C  CA    . ALA A 1 9   ? -4.497  4.828   1.480   1.00 12.80 ? 9   ALA A CA    1 
ATOM   24   C  C     . ALA A 1 9   ? -2.982  4.737   1.491   1.00 13.66 ? 9   ALA A C     1 
ATOM   25   O  O     . ALA A 1 9   ? -2.288  5.714   1.221   1.00 12.64 ? 9   ALA A O     1 
ATOM   26   C  CB    . ALA A 1 9   ? -5.019  4.743   0.054   1.00 13.56 ? 9   ALA A CB    1 
ATOM   27   N  N     . MET A 1 10  ? -2.469  3.554   1.802   1.00 13.24 ? 10  MET A N     1 
ATOM   28   C  CA    . MET A 1 10  ? -1.032  3.366   1.866   1.00 13.13 ? 10  MET A CA    1 
ATOM   29   C  C     . MET A 1 10  ? -0.559  2.140   1.119   1.00 14.22 ? 10  MET A C     1 
ATOM   30   O  O     . MET A 1 10  ? -1.264  1.138   1.047   1.00 13.16 ? 10  MET A O     1 
ATOM   31   C  CB    . MET A 1 10  ? -0.588  3.222   3.329   1.00 14.49 ? 10  MET A CB    1 
ATOM   32   C  CG    . MET A 1 10  ? 0.812   2.626   3.489   1.00 16.03 ? 10  MET A CG    1 
ATOM   33   S  SD    . MET A 1 10  ? 1.384   2.481   5.204   1.00 17.11 ? 10  MET A SD    1 
ATOM   34   C  CE    . MET A 1 10  ? 0.297   1.147   5.796   1.00 14.67 ? 10  MET A CE    1 
ATOM   35   N  N     . ASP A 1 11  ? 0.632   2.245   0.538   1.00 13.51 ? 11  ASP A N     1 
ATOM   36   C  CA    . ASP A 1 11  ? 1.259   1.102   -0.102  1.00 15.29 ? 11  ASP A CA    1 
ATOM   37   C  C     . ASP A 1 11  ? 2.760   1.261   0.079   1.00 15.33 ? 11  ASP A C     1 
ATOM   38   O  O     . ASP A 1 11  ? 3.287   2.373   0.049   1.00 11.86 ? 11  ASP A O     1 
ATOM   39   C  CB    . ASP A 1 11  ? 0.929   0.977   -1.585  1.00 13.53 ? 11  ASP A CB    1 
ATOM   40   C  CG    . ASP A 1 11  ? 1.513   -0.293  -2.183  1.00 15.37 ? 11  ASP A CG    1 
ATOM   41   O  OD1   . ASP A 1 11  ? 1.302   -1.375  -1.587  1.00 14.03 ? 11  ASP A OD1   1 
ATOM   42   O  OD2   . ASP A 1 11  ? 2.185   -0.215  -3.225  1.00 15.69 ? 11  ASP A OD2   1 
ATOM   43   N  N     . CYS A 1 12  ? 3.433   0.161   0.302   1.00 14.35 ? 12  CYS A N     1 
ATOM   44   C  CA    . CYS A 1 12  ? 4.882   0.192   0.478   1.00 14.75 ? 12  CYS A CA    1 
ATOM   45   C  C     . CYS A 1 12  ? 5.538   -0.766  -0.495  1.00 16.00 ? 12  CYS A C     1 
ATOM   46   O  O     . CYS A 1 12  ? 4.914   -1.716  -0.962  1.00 14.41 ? 12  CYS A O     1 
ATOM   47   C  CB    . CYS A 1 12  ? 5.271   -0.267  1.891   1.00 15.92 ? 12  CYS A CB    1 
ATOM   48   S  SG    . CYS A 1 12  ? 4.378   0.588   3.248   1.00 17.66 ? 12  CYS A SG    1 
ATOM   49   N  N     . GLU A 1 13  ? 6.785   -0.496  -0.792  1.00 14.59 ? 13  GLU A N     1 
ATOM   50   C  CA    . GLU A 1 13  ? 7.582   -1.376  -1.648  1.00 15.23 ? 13  GLU A CA    1 
ATOM   51   C  C     . GLU A 1 13  ? 8.681   -1.884  -0.736  1.00 15.69 ? 13  GLU A C     1 
ATOM   52   O  O     . GLU A 1 13  ? 9.144   -1.154  0.147   1.00 14.17 ? 13  GLU A O     1 
ATOM   53   C  CB    . GLU A 1 13  ? 8.154   -0.624  -2.853  1.00 15.40 ? 13  GLU A CB    1 
ATOM   54   C  CG    . GLU A 1 13  ? 7.091   -0.117  -3.833  1.00 16.39 ? 13  GLU A CG    1 
ATOM   55   C  CD    . GLU A 1 13  ? 6.051   -1.164  -4.198  1.00 16.87 ? 13  GLU A CD    1 
ATOM   56   O  OE1   . GLU A 1 13  ? 6.395   -2.385  -4.313  1.00 18.92 ? 13  GLU A OE1   1 
ATOM   57   O  OE2   . GLU A 1 13  ? 4.843   -0.807  -4.388  1.00 16.30 ? 13  GLU A OE2   1 
ATOM   58   N  N     . MET A 1 14  ? 9.096   -3.118  -0.933  1.00 15.76 ? 14  MET A N     1 
ATOM   59   C  CA    . MET A 1 14  ? 10.123  -3.702  -0.059  1.00 16.55 ? 14  MET A CA    1 
ATOM   60   C  C     . MET A 1 14  ? 11.276  -4.339  -0.841  1.00 16.12 ? 14  MET A C     1 
ATOM   61   O  O     . MET A 1 14  ? 11.150  -4.682  -2.017  1.00 16.28 ? 14  MET A O     1 
ATOM   62   C  CB    . MET A 1 14  ? 9.482   -4.776  0.823   1.00 17.19 ? 14  MET A CB    1 
ATOM   63   C  CG    . MET A 1 14  ? 8.464   -4.211  1.819   1.00 20.54 ? 14  MET A CG    1 
ATOM   64   S  SD    . MET A 1 14  ? 6.854   -3.887  1.123   1.00 24.33 ? 14  MET A SD    1 
ATOM   65   C  CE    . MET A 1 14  ? 5.679   -4.604  2.246   1.00 23.18 ? 14  MET A CE    1 
ATOM   66   N  N     . VAL A 1 15  ? 12.408  -4.472  -0.142  1.00 16.33 ? 15  VAL A N     1 
ATOM   67   C  CA    . VAL A 1 15  ? 13.589  -5.116  -0.704  1.00 17.43 ? 15  VAL A CA    1 
ATOM   68   C  C     . VAL A 1 15  ? 13.864  -6.301  0.218   1.00 18.33 ? 15  VAL A C     1 
ATOM   69   O  O     . VAL A 1 15  ? 13.236  -6.426  1.270   1.00 18.15 ? 15  VAL A O     1 
ATOM   70   C  CB    . VAL A 1 15  ? 14.832  -4.183  -0.707  1.00 15.67 ? 15  VAL A CB    1 
ATOM   71   C  CG1   . VAL A 1 15  ? 14.586  -2.978  -1.606  1.00 14.11 ? 15  VAL A CG1   1 
ATOM   72   C  CG2   . VAL A 1 15  ? 15.158  -3.741  0.710   1.00 14.60 ? 15  VAL A CG2   1 
ATOM   73   N  N     . GLY A 1 16  ? 14.782  -7.174  -0.182  1.00 18.09 ? 16  GLY A N     1 
ATOM   74   C  CA    . GLY A 1 16  ? 15.117  -8.323  0.641   1.00 17.68 ? 16  GLY A CA    1 
ATOM   75   C  C     . GLY A 1 16  ? 16.264  -7.975  1.571   1.00 17.89 ? 16  GLY A C     1 
ATOM   76   O  O     . GLY A 1 16  ? 17.258  -7.389  1.130   1.00 16.77 ? 16  GLY A O     1 
ATOM   77   N  N     . LEU A 1 17  ? 16.131  -8.331  2.848   1.00 16.52 ? 17  LEU A N     1 
ATOM   78   C  CA    . LEU A 1 17  ? 17.161  -8.038  3.844   1.00 17.67 ? 17  LEU A CA    1 
ATOM   79   C  C     . LEU A 1 17  ? 17.797  -9.286  4.445   1.00 19.71 ? 17  LEU A C     1 
ATOM   80   O  O     . LEU A 1 17  ? 17.167  -10.338 4.542   1.00 20.60 ? 17  LEU A O     1 
ATOM   81   C  CB    . LEU A 1 17  ? 16.576  -7.218  4.996   1.00 18.38 ? 17  LEU A CB    1 
ATOM   82   C  CG    . LEU A 1 17  ? 15.931  -5.860  4.727   1.00 17.76 ? 17  LEU A CG    1 
ATOM   83   C  CD1   . LEU A 1 17  ? 15.378  -5.303  6.036   1.00 18.50 ? 17  LEU A CD1   1 
ATOM   84   C  CD2   . LEU A 1 17  ? 16.952  -4.911  4.131   1.00 16.49 ? 17  LEU A CD2   1 
ATOM   85   N  N     . GLY A 1 18  ? 19.050  -9.149  4.862   1.00 19.98 ? 18  GLY A N     1 
ATOM   86   C  CA    . GLY A 1 18  ? 19.751  -10.253 5.490   1.00 20.89 ? 18  GLY A CA    1 
ATOM   87   C  C     . GLY A 1 18  ? 19.989  -11.466 4.618   1.00 22.96 ? 18  GLY A C     1 
ATOM   88   O  O     . GLY A 1 18  ? 19.604  -11.495 3.449   1.00 22.01 ? 18  GLY A O     1 
ATOM   89   N  N     . PRO A 1 19  ? 20.621  -12.502 5.182   1.00 24.90 ? 19  PRO A N     1 
ATOM   90   C  CA    . PRO A 1 19  ? 20.936  -13.749 4.485   1.00 27.07 ? 19  PRO A CA    1 
ATOM   91   C  C     . PRO A 1 19  ? 19.722  -14.499 3.950   1.00 27.71 ? 19  PRO A C     1 
ATOM   92   O  O     . PRO A 1 19  ? 19.844  -15.304 3.028   1.00 29.08 ? 19  PRO A O     1 
ATOM   93   C  CB    . PRO A 1 19  ? 21.704  -14.546 5.543   1.00 25.80 ? 19  PRO A CB    1 
ATOM   94   C  CG    . PRO A 1 19  ? 21.095  -14.075 6.823   1.00 27.21 ? 19  PRO A CG    1 
ATOM   95   C  CD    . PRO A 1 19  ? 20.998  -12.584 6.605   1.00 25.45 ? 19  PRO A CD    1 
ATOM   96   N  N     . HIS A 1 20  ? 18.552  -14.233 4.525   1.00 28.70 ? 20  HIS A N     1 
ATOM   97   C  CA    . HIS A 1 20  ? 17.331  -14.905 4.098   1.00 30.80 ? 20  HIS A CA    1 
ATOM   98   C  C     . HIS A 1 20  ? 16.392  -13.991 3.317   1.00 30.87 ? 20  HIS A C     1 
ATOM   99   O  O     . HIS A 1 20  ? 15.207  -14.286 3.164   1.00 30.54 ? 20  HIS A O     1 
ATOM   100  C  CB    . HIS A 1 20  ? 16.611  -15.495 5.312   1.00 33.75 ? 20  HIS A CB    1 
ATOM   101  C  CG    . HIS A 1 20  ? 17.474  -16.400 6.137   1.00 36.24 ? 20  HIS A CG    1 
ATOM   102  N  ND1   . HIS A 1 20  ? 18.144  -17.480 5.601   1.00 37.68 ? 20  HIS A ND1   1 
ATOM   103  C  CD2   . HIS A 1 20  ? 17.797  -16.372 7.452   1.00 37.40 ? 20  HIS A CD2   1 
ATOM   104  C  CE1   . HIS A 1 20  ? 18.843  -18.078 6.550   1.00 38.22 ? 20  HIS A CE1   1 
ATOM   105  N  NE2   . HIS A 1 20  ? 18.650  -17.425 7.683   1.00 38.31 ? 20  HIS A NE2   1 
ATOM   106  N  N     . ARG A 1 21  ? 16.935  -12.881 2.829   1.00 30.02 ? 21  ARG A N     1 
ATOM   107  C  CA    . ARG A 1 21  ? 16.173  -11.925 2.033   1.00 29.74 ? 21  ARG A CA    1 
ATOM   108  C  C     . ARG A 1 21  ? 14.771  -11.637 2.565   1.00 28.19 ? 21  ARG A C     1 
ATOM   109  O  O     . ARG A 1 21  ? 13.789  -11.746 1.830   1.00 29.03 ? 21  ARG A O     1 
ATOM   110  C  CB    . ARG A 1 21  ? 16.074  -12.431 0.592   1.00 31.25 ? 21  ARG A CB    1 
ATOM   111  C  CG    . ARG A 1 21  ? 17.409  -12.574 -0.128  1.00 34.04 ? 21  ARG A CG    1 
ATOM   112  C  CD    . ARG A 1 21  ? 17.199  -13.114 -1.536  1.00 36.92 ? 21  ARG A CD    1 
ATOM   113  N  NE    . ARG A 1 21  ? 18.369  -12.944 -2.396  1.00 40.81 ? 21  ARG A NE    1 
ATOM   114  C  CZ    . ARG A 1 21  ? 19.512  -13.607 -2.258  1.00 42.50 ? 21  ARG A CZ    1 
ATOM   115  N  NH1   . ARG A 1 21  ? 19.657  -14.501 -1.289  1.00 43.72 ? 21  ARG A NH1   1 
ATOM   116  N  NH2   . ARG A 1 21  ? 20.515  -13.376 -3.096  1.00 43.76 ? 21  ARG A NH2   1 
ATOM   117  N  N     . GLU A 1 22  ? 14.679  -11.269 3.839   1.00 26.37 ? 22  GLU A N     1 
ATOM   118  C  CA    . GLU A 1 22  ? 13.395  -10.953 4.456   1.00 24.26 ? 22  GLU A CA    1 
ATOM   119  C  C     . GLU A 1 22  ? 12.928  -9.576  3.982   1.00 22.87 ? 22  GLU A C     1 
ATOM   120  O  O     . GLU A 1 22  ? 13.726  -8.655  3.855   1.00 22.43 ? 22  GLU A O     1 
ATOM   121  C  CB    . GLU A 1 22  ? 13.533  -10.956 5.978   1.00 23.75 ? 22  GLU A CB    1 
ATOM   122  N  N     . SER A 1 23  ? 11.632  -9.440  3.721   1.00 21.65 ? 23  SER A N     1 
ATOM   123  C  CA    . SER A 1 23  ? 11.087  -8.166  3.260   1.00 21.00 ? 23  SER A CA    1 
ATOM   124  C  C     . SER A 1 23  ? 11.411  -7.020  4.210   1.00 20.12 ? 23  SER A C     1 
ATOM   125  O  O     . SER A 1 23  ? 11.238  -7.136  5.425   1.00 20.88 ? 23  SER A O     1 
ATOM   126  C  CB    . SER A 1 23  ? 9.570   -8.271  3.087   1.00 21.66 ? 23  SER A CB    1 
ATOM   127  O  OG    . SER A 1 23  ? 9.241   -9.173  2.046   1.00 22.36 ? 23  SER A OG    1 
ATOM   128  N  N     . GLY A 1 24  ? 11.886  -5.916  3.644   1.00 19.06 ? 24  GLY A N     1 
ATOM   129  C  CA    . GLY A 1 24  ? 12.223  -4.746  4.433   1.00 17.81 ? 24  GLY A CA    1 
ATOM   130  C  C     . GLY A 1 24  ? 11.675  -3.500  3.757   1.00 16.32 ? 24  GLY A C     1 
ATOM   131  O  O     . GLY A 1 24  ? 11.768  -3.366  2.539   1.00 15.22 ? 24  GLY A O     1 
ATOM   132  N  N     . LEU A 1 25  ? 11.109  -2.589  4.545   1.00 15.08 ? 25  LEU A N     1 
ATOM   133  C  CA    . LEU A 1 25  ? 10.532  -1.356  4.011   1.00 14.40 ? 25  LEU A CA    1 
ATOM   134  C  C     . LEU A 1 25  ? 11.556  -0.524  3.242   1.00 13.85 ? 25  LEU A C     1 
ATOM   135  O  O     . LEU A 1 25  ? 12.609  -0.188  3.779   1.00 15.24 ? 25  LEU A O     1 
ATOM   136  C  CB    . LEU A 1 25  ? 9.946   -0.521  5.155   1.00 13.36 ? 25  LEU A CB    1 
ATOM   137  C  CG    . LEU A 1 25  ? 9.261   0.776   4.728   1.00 14.01 ? 25  LEU A CG    1 
ATOM   138  C  CD1   . LEU A 1 25  ? 8.124   0.450   3.759   1.00 14.15 ? 25  LEU A CD1   1 
ATOM   139  C  CD2   . LEU A 1 25  ? 8.729   1.505   5.953   1.00 14.27 ? 25  LEU A CD2   1 
ATOM   140  N  N     . ALA A 1 26  ? 11.236  -0.178  1.993   1.00 14.13 ? 26  ALA A N     1 
ATOM   141  C  CA    . ALA A 1 26  ? 12.141  0.614   1.157   1.00 14.18 ? 26  ALA A CA    1 
ATOM   142  C  C     . ALA A 1 26  ? 11.457  1.813   0.492   1.00 13.84 ? 26  ALA A C     1 
ATOM   143  O  O     . ALA A 1 26  ? 12.121  2.701   -0.036  1.00 12.79 ? 26  ALA A O     1 
ATOM   144  C  CB    . ALA A 1 26  ? 12.792  -0.279  0.093   1.00 17.12 ? 26  ALA A CB    1 
ATOM   145  N  N     . ARG A 1 27  ? 10.131  1.830   0.508   1.00 12.82 ? 27  ARG A N     1 
ATOM   146  C  CA    . ARG A 1 27  ? 9.376   2.942   -0.058  1.00 12.59 ? 27  ARG A CA    1 
ATOM   147  C  C     . ARG A 1 27  ? 7.970   2.925   0.505   1.00 12.56 ? 27  ARG A C     1 
ATOM   148  O  O     . ARG A 1 27  ? 7.387   1.861   0.703   1.00 12.83 ? 27  ARG A O     1 
ATOM   149  C  CB    . ARG A 1 27  ? 9.298   2.866   -1.589  1.00 12.53 ? 27  ARG A CB    1 
ATOM   150  C  CG    . ARG A 1 27  ? 8.532   4.048   -2.194  1.00 16.39 ? 27  ARG A CG    1 
ATOM   151  C  CD    . ARG A 1 27  ? 8.378   3.978   -3.714  1.00 19.10 ? 27  ARG A CD    1 
ATOM   152  N  NE    . ARG A 1 27  ? 7.640   5.141   -4.218  1.00 20.20 ? 27  ARG A NE    1 
ATOM   153  C  CZ    . ARG A 1 27  ? 7.227   5.290   -5.474  1.00 21.54 ? 27  ARG A CZ    1 
ATOM   154  N  NH1   . ARG A 1 27  ? 7.476   4.345   -6.375  1.00 20.86 ? 27  ARG A NH1   1 
ATOM   155  N  NH2   . ARG A 1 27  ? 6.563   6.386   -5.833  1.00 19.89 ? 27  ARG A NH2   1 
ATOM   156  N  N     . CYS A 1 28  ? 7.434   4.107   0.780   1.00 11.72 ? 28  CYS A N     1 
ATOM   157  C  CA    . CYS A 1 28  ? 6.073   4.202   1.290   1.00 13.29 ? 28  CYS A CA    1 
ATOM   158  C  C     . CYS A 1 28  ? 5.380   5.390   0.649   1.00 13.03 ? 28  CYS A C     1 
ATOM   159  O  O     . CYS A 1 28  ? 5.936   6.484   0.586   1.00 12.25 ? 28  CYS A O     1 
ATOM   160  C  CB    . CYS A 1 28  ? 6.054   4.368   2.810   1.00 14.25 ? 28  CYS A CB    1 
ATOM   161  S  SG    . CYS A 1 28  ? 4.363   4.549   3.477   1.00 17.20 ? 28  CYS A SG    1 
ATOM   162  N  N     . SER A 1 29  ? 4.168   5.156   0.161   1.00 12.38 ? 29  SER A N     1 
ATOM   163  C  CA    . SER A 1 29  ? 3.379   6.205   -0.465  1.00 12.34 ? 29  SER A CA    1 
ATOM   164  C  C     . SER A 1 29  ? 2.018   6.258   0.209   1.00 12.44 ? 29  SER A C     1 
ATOM   165  O  O     . SER A 1 29  ? 1.395   5.220   0.438   1.00 12.20 ? 29  SER A O     1 
ATOM   166  C  CB    . SER A 1 29  ? 3.188   5.916   -1.958  1.00 12.55 ? 29  SER A CB    1 
ATOM   167  O  OG    . SER A 1 29  ? 4.432   5.848   -2.629  1.00 12.91 ? 29  SER A OG    1 
ATOM   168  N  N     . LEU A 1 30  ? 1.571   7.471   0.527   1.00 11.80 ? 30  LEU A N     1 
ATOM   169  C  CA    . LEU A 1 30  ? 0.267   7.686   1.151   1.00 10.86 ? 30  LEU A CA    1 
ATOM   170  C  C     . LEU A 1 30  ? -0.518  8.685   0.306   1.00 11.55 ? 30  LEU A C     1 
ATOM   171  O  O     . LEU A 1 30  ? 0.024   9.713   -0.111  1.00 13.18 ? 30  LEU A O     1 
ATOM   172  C  CB    . LEU A 1 30  ? 0.425   8.271   2.555   1.00 10.88 ? 30  LEU A CB    1 
ATOM   173  C  CG    . LEU A 1 30  ? 1.277   7.531   3.586   1.00 14.85 ? 30  LEU A CG    1 
ATOM   174  C  CD1   . LEU A 1 30  ? 1.275   8.319   4.890   1.00 12.56 ? 30  LEU A CD1   1 
ATOM   175  C  CD2   . LEU A 1 30  ? 0.723   6.132   3.809   1.00 13.55 ? 30  LEU A CD2   1 
ATOM   176  N  N     . VAL A 1 31  ? -1.789  8.393   0.053   1.00 11.24 ? 31  VAL A N     1 
ATOM   177  C  CA    . VAL A 1 31  ? -2.623  9.311   -0.716  1.00 11.13 ? 31  VAL A CA    1 
ATOM   178  C  C     . VAL A 1 31  ? -3.943  9.552   0.002   1.00 12.64 ? 31  VAL A C     1 
ATOM   179  O  O     . VAL A 1 31  ? -4.381  8.720   0.806   1.00 13.14 ? 31  VAL A O     1 
ATOM   180  C  CB    . VAL A 1 31  ? -2.897  8.786   -2.145  1.00 11.04 ? 31  VAL A CB    1 
ATOM   181  C  CG1   . VAL A 1 31  ? -1.576  8.505   -2.843  1.00 11.45 ? 31  VAL A CG1   1 
ATOM   182  C  CG2   . VAL A 1 31  ? -3.768  7.534   -2.103  1.00 10.55 ? 31  VAL A CG2   1 
ATOM   183  N  N     . ASN A 1 32  ? -4.569  10.698  -0.260  1.00 12.47 ? 32  ASN A N     1 
ATOM   184  C  CA    . ASN A 1 32  ? -5.836  10.994  0.386   1.00 13.19 ? 32  ASN A CA    1 
ATOM   185  C  C     . ASN A 1 32  ? -6.989  10.407  -0.418  1.00 13.39 ? 32  ASN A C     1 
ATOM   186  O  O     . ASN A 1 32  ? -6.771  9.703   -1.405  1.00 12.80 ? 32  ASN A O     1 
ATOM   187  C  CB    . ASN A 1 32  ? -6.020  12.505  0.590   1.00 11.79 ? 32  ASN A CB    1 
ATOM   188  C  CG    . ASN A 1 32  ? -6.299  13.252  -0.698  1.00 13.27 ? 32  ASN A CG    1 
ATOM   189  O  OD1   . ASN A 1 32  ? -6.399  12.662  -1.773  1.00 14.23 ? 32  ASN A OD1   1 
ATOM   190  N  ND2   . ASN A 1 32  ? -6.435  14.570  -0.587  1.00 14.85 ? 32  ASN A ND2   1 
ATOM   191  N  N     . VAL A 1 33  ? -8.213  10.700  0.003   1.00 13.73 ? 33  VAL A N     1 
ATOM   192  C  CA    . VAL A 1 33  ? -9.397  10.152  -0.652  1.00 14.33 ? 33  VAL A CA    1 
ATOM   193  C  C     . VAL A 1 33  ? -9.513  10.463  -2.145  1.00 15.30 ? 33  VAL A C     1 
ATOM   194  O  O     . VAL A 1 33  ? -10.163 9.720   -2.887  1.00 15.21 ? 33  VAL A O     1 
ATOM   195  C  CB    . VAL A 1 33  ? -10.680 10.613  0.084   1.00 16.64 ? 33  VAL A CB    1 
ATOM   196  C  CG1   . VAL A 1 33  ? -10.865 12.112  -0.074  1.00 15.00 ? 33  VAL A CG1   1 
ATOM   197  C  CG2   . VAL A 1 33  ? -11.887 9.842   -0.434  1.00 17.98 ? 33  VAL A CG2   1 
ATOM   198  N  N     . HIS A 1 34  ? -8.875  11.543  -2.590  1.00 13.81 ? 34  HIS A N     1 
ATOM   199  C  CA    . HIS A 1 34  ? -8.925  11.923  -4.000  1.00 14.97 ? 34  HIS A CA    1 
ATOM   200  C  C     . HIS A 1 34  ? -7.697  11.453  -4.774  1.00 15.79 ? 34  HIS A C     1 
ATOM   201  O  O     . HIS A 1 34  ? -7.578  11.710  -5.971  1.00 17.80 ? 34  HIS A O     1 
ATOM   202  C  CB    . HIS A 1 34  ? -9.048  13.444  -4.142  1.00 17.15 ? 34  HIS A CB    1 
ATOM   203  C  CG    . HIS A 1 34  ? -10.216 14.024  -3.412  1.00 18.68 ? 34  HIS A CG    1 
ATOM   204  N  ND1   . HIS A 1 34  ? -11.503 13.563  -3.587  1.00 18.63 ? 34  HIS A ND1   1 
ATOM   205  C  CD2   . HIS A 1 34  ? -10.294 15.024  -2.503  1.00 20.37 ? 34  HIS A CD2   1 
ATOM   206  C  CE1   . HIS A 1 34  ? -12.324 14.254  -2.816  1.00 21.37 ? 34  HIS A CE1   1 
ATOM   207  N  NE2   . HIS A 1 34  ? -11.616 15.147  -2.149  1.00 20.58 ? 34  HIS A NE2   1 
ATOM   208  N  N     . GLY A 1 35  ? -6.783  10.768  -4.093  1.00 14.61 ? 35  GLY A N     1 
ATOM   209  C  CA    . GLY A 1 35  ? -5.590  10.287  -4.765  1.00 13.20 ? 35  GLY A CA    1 
ATOM   210  C  C     . GLY A 1 35  ? -4.413  11.245  -4.702  1.00 11.50 ? 35  GLY A C     1 
ATOM   211  O  O     . GLY A 1 35  ? -3.360  10.976  -5.288  1.00 13.35 ? 35  GLY A O     1 
ATOM   212  N  N     . ALA A 1 36  ? -4.581  12.364  -4.012  1.00 12.04 ? 36  ALA A N     1 
ATOM   213  C  CA    . ALA A 1 36  ? -3.495  13.330  -3.872  1.00 14.04 ? 36  ALA A CA    1 
ATOM   214  C  C     . ALA A 1 36  ? -2.394  12.667  -3.048  1.00 13.85 ? 36  ALA A C     1 
ATOM   215  O  O     . ALA A 1 36  ? -2.679  12.017  -2.048  1.00 13.63 ? 36  ALA A O     1 
ATOM   216  C  CB    . ALA A 1 36  ? -3.989  14.576  -3.157  1.00 12.80 ? 36  ALA A CB    1 
ATOM   217  N  N     . VAL A 1 37  ? -1.140  12.836  -3.457  1.00 12.05 ? 37  VAL A N     1 
ATOM   218  C  CA    . VAL A 1 37  ? -0.042  12.230  -2.712  1.00 12.82 ? 37  VAL A CA    1 
ATOM   219  C  C     . VAL A 1 37  ? 0.276   13.043  -1.460  1.00 13.04 ? 37  VAL A C     1 
ATOM   220  O  O     . VAL A 1 37  ? 0.594   14.231  -1.539  1.00 12.82 ? 37  VAL A O     1 
ATOM   221  C  CB    . VAL A 1 37  ? 1.232   12.117  -3.571  1.00 13.42 ? 37  VAL A CB    1 
ATOM   222  C  CG1   . VAL A 1 37  ? 2.340   11.436  -2.768  1.00 14.09 ? 37  VAL A CG1   1 
ATOM   223  C  CG2   . VAL A 1 37  ? 0.931   11.327  -4.841  1.00 13.76 ? 37  VAL A CG2   1 
ATOM   224  N  N     . LEU A 1 38  ? 0.189   12.388  -0.308  1.00 12.35 ? 38  LEU A N     1 
ATOM   225  C  CA    . LEU A 1 38  ? 0.454   13.023  0.979   1.00 13.04 ? 38  LEU A CA    1 
ATOM   226  C  C     . LEU A 1 38  ? 1.869   12.750  1.467   1.00 13.23 ? 38  LEU A C     1 
ATOM   227  O  O     . LEU A 1 38  ? 2.438   13.537  2.220   1.00 13.15 ? 38  LEU A O     1 
ATOM   228  C  CB    . LEU A 1 38  ? -0.531  12.501  2.031   1.00 13.82 ? 38  LEU A CB    1 
ATOM   229  C  CG    . LEU A 1 38  ? -2.028  12.696  1.773   1.00 15.89 ? 38  LEU A CG    1 
ATOM   230  C  CD1   . LEU A 1 38  ? -2.829  11.915  2.811   1.00 14.24 ? 38  LEU A CD1   1 
ATOM   231  C  CD2   . LEU A 1 38  ? -2.377  14.178  1.830   1.00 17.71 ? 38  LEU A CD2   1 
ATOM   232  N  N     . TYR A 1 39  ? 2.434   11.630  1.030   1.00 11.35 ? 39  TYR A N     1 
ATOM   233  C  CA    . TYR A 1 39  ? 3.767   11.223  1.451   1.00 13.13 ? 39  TYR A CA    1 
ATOM   234  C  C     . TYR A 1 39  ? 4.298   10.241  0.420   1.00 12.94 ? 39  TYR A C     1 
ATOM   235  O  O     . TYR A 1 39  ? 3.555   9.402   -0.083  1.00 12.30 ? 39  TYR A O     1 
ATOM   236  C  CB    . TYR A 1 39  ? 3.667   10.533  2.816   1.00 12.84 ? 39  TYR A CB    1 
ATOM   237  C  CG    . TYR A 1 39  ? 4.977   10.145  3.478   1.00 10.96 ? 39  TYR A CG    1 
ATOM   238  C  CD1   . TYR A 1 39  ? 5.618   11.010  4.361   1.00 13.18 ? 39  TYR A CD1   1 
ATOM   239  C  CD2   . TYR A 1 39  ? 5.544   8.894   3.264   1.00 12.35 ? 39  TYR A CD2   1 
ATOM   240  C  CE1   . TYR A 1 39  ? 6.783   10.632  5.020   1.00 12.73 ? 39  TYR A CE1   1 
ATOM   241  C  CE2   . TYR A 1 39  ? 6.709   8.511   3.912   1.00 13.94 ? 39  TYR A CE2   1 
ATOM   242  C  CZ    . TYR A 1 39  ? 7.319   9.380   4.791   1.00 14.59 ? 39  TYR A CZ    1 
ATOM   243  O  OH    . TYR A 1 39  ? 8.459   8.979   5.451   1.00 17.10 ? 39  TYR A OH    1 
ATOM   244  N  N     . ASP A 1 40  ? 5.580   10.344  0.101   1.00 12.94 ? 40  ASP A N     1 
ATOM   245  C  CA    . ASP A 1 40  ? 6.181   9.427   -0.861  1.00 15.82 ? 40  ASP A CA    1 
ATOM   246  C  C     . ASP A 1 40  ? 7.684   9.557   -0.752  1.00 16.91 ? 40  ASP A C     1 
ATOM   247  O  O     . ASP A 1 40  ? 8.268   10.534  -1.221  1.00 16.69 ? 40  ASP A O     1 
ATOM   248  C  CB    . ASP A 1 40  ? 5.718   9.737   -2.287  1.00 17.27 ? 40  ASP A CB    1 
ATOM   249  C  CG    . ASP A 1 40  ? 6.285   8.759   -3.310  1.00 20.56 ? 40  ASP A CG    1 
ATOM   250  O  OD1   . ASP A 1 40  ? 6.339   7.545   -3.017  1.00 19.64 ? 40  ASP A OD1   1 
ATOM   251  O  OD2   . ASP A 1 40  ? 6.669   9.204   -4.410  1.00 22.27 ? 40  ASP A OD2   1 
ATOM   252  N  N     . LYS A 1 41  ? 8.289   8.561   -0.171  1.00 15.53 ? 41  LYS A N     1 
ATOM   253  C  CA    . LYS A 1 41  ? 9.735   8.560   0.080   1.00 18.40 ? 41  LYS A CA    1 
ATOM   254  C  C     . LYS A 1 41  ? 10.356  7.189   -0.030  1.00 16.91 ? 41  LYS A C     1 
ATOM   255  O  O     . LYS A 1 41  ? 9.696   6.169   0.251   1.00 14.53 ? 41  LYS A O     1 
ATOM   256  C  CB    . LYS A 1 41  ? 10.065  8.947   1.518   1.00 18.88 ? 41  LYS A CB    1 
ATOM   257  C  CG    . LYS A 1 41  ? 9.957   10.408  1.879   1.00 23.65 ? 41  LYS A CG    1 
ATOM   258  C  CD    . LYS A 1 41  ? 10.455  10.611  3.307   1.00 21.85 ? 41  LYS A CD    1 
ATOM   259  C  CE    . LYS A 1 41  ? 10.477  12.049  3.768   1.00 21.16 ? 41  LYS A CE    1 
ATOM   260  N  NZ    . LYS A 1 41  ? 11.036  12.183  5.121   1.00 19.36 ? 41  LYS A NZ    1 
ATOM   261  N  N     . PHE A 1 42  ? 11.623  7.212   -0.426  1.00 16.94 ? 42  PHE A N     1 
ATOM   262  C  CA    . PHE A 1 42  ? 12.400  5.990   -0.454  1.00 17.92 ? 42  PHE A CA    1 
ATOM   263  C  C     . PHE A 1 42  ? 12.948  5.923   0.943   1.00 17.15 ? 42  PHE A C     1 
ATOM   264  O  O     . PHE A 1 42  ? 13.322  6.973   1.519   1.00 18.56 ? 42  PHE A O     1 
ATOM   265  C  CB    . PHE A 1 42  ? 13.502  6.037   -1.511  1.00 19.69 ? 42  PHE A CB    1 
ATOM   266  C  CG    . PHE A 1 42  ? 12.988  5.694   -2.904  1.00 21.32 ? 42  PHE A CG    1 
ATOM   267  C  CD1   . PHE A 1 42  ? 12.698  6.719   -3.800  1.00 24.41 ? 42  PHE A CD1   1 
ATOM   268  C  CD2   . PHE A 1 42  ? 12.805  4.359   -3.281  1.00 21.62 ? 42  PHE A CD2   1 
ATOM   269  C  CE1   . PHE A 1 42  ? 12.221  6.418   -5.076  1.00 25.43 ? 42  PHE A CE1   1 
ATOM   270  C  CE2   . PHE A 1 42  ? 12.326  4.055   -4.558  1.00 22.75 ? 42  PHE A CE2   1 
ATOM   271  C  CZ    . PHE A 1 42  ? 12.033  5.086   -5.456  1.00 24.35 ? 42  PHE A CZ    1 
ATOM   272  N  N     . ILE A 1 43  ? 12.977  4.723   1.478   1.00 16.09 ? 43  ILE A N     1 
ATOM   273  C  CA    . ILE A 1 43  ? 13.438  4.574   2.852   1.00 15.07 ? 43  ILE A CA    1 
ATOM   274  C  C     . ILE A 1 43  ? 14.565  3.556   2.971   1.00 15.09 ? 43  ILE A C     1 
ATOM   275  O  O     . ILE A 1 43  ? 14.548  2.504   2.341   1.00 14.50 ? 43  ILE A O     1 
ATOM   276  C  CB    . ILE A 1 43  ? 12.263  4.147   3.717   1.00 12.72 ? 43  ILE A CB    1 
ATOM   277  C  CG1   . ILE A 1 43  ? 11.127  5.189   3.671   1.00 15.37 ? 43  ILE A CG1   1 
ATOM   278  C  CG2   . ILE A 1 43  ? 12.659  3.968   5.184   1.00 12.55 ? 43  ILE A CG2   1 
ATOM   279  C  CD1   . ILE A 1 43  ? 9.769   4.651   4.131   1.00 14.65 ? 43  ILE A CD1   1 
ATOM   280  N  N     . ARG A 1 44  ? 15.551  3.921   3.823   1.00 16.95 ? 44  ARG A N     1 
ATOM   281  C  CA    . ARG A 1 44  ? 16.653  2.992   4.039   1.00 16.96 ? 44  ARG A CA    1 
ATOM   282  C  C     . ARG A 1 44  ? 16.186  1.994   5.083   1.00 17.06 ? 44  ARG A C     1 
ATOM   283  O  O     . ARG A 1 44  ? 15.989  2.351   6.248   1.00 18.70 ? 44  ARG A O     1 
ATOM   284  C  CB    . ARG A 1 44  ? 17.908  3.715   4.545   1.00 19.50 ? 44  ARG A CB    1 
ATOM   285  C  CG    . ARG A 1 44  ? 19.113  2.786   4.701   1.00 21.30 ? 44  ARG A CG    1 
ATOM   286  C  CD    . ARG A 1 44  ? 19.404  2.086   3.383   1.00 24.04 ? 44  ARG A CD    1 
ATOM   287  N  NE    . ARG A 1 44  ? 20.630  1.289   3.381   1.00 25.24 ? 44  ARG A NE    1 
ATOM   288  C  CZ    . ARG A 1 44  ? 20.777  0.120   3.997   1.00 25.28 ? 44  ARG A CZ    1 
ATOM   289  N  NH1   . ARG A 1 44  ? 19.773  -0.413  4.687   1.00 23.65 ? 44  ARG A NH1   1 
ATOM   290  N  NH2   . ARG A 1 44  ? 21.928  -0.529  3.904   1.00 27.02 ? 44  ARG A NH2   1 
ATOM   291  N  N     . PRO A 1 45  ? 15.981  0.731   4.683   1.00 15.60 ? 45  PRO A N     1 
ATOM   292  C  CA    . PRO A 1 45  ? 15.529  -0.271  5.651   1.00 17.47 ? 45  PRO A CA    1 
ATOM   293  C  C     . PRO A 1 45  ? 16.567  -0.519  6.736   1.00 17.65 ? 45  PRO A C     1 
ATOM   294  O  O     . PRO A 1 45  ? 17.730  -0.149  6.589   1.00 16.16 ? 45  PRO A O     1 
ATOM   295  C  CB    . PRO A 1 45  ? 15.261  -1.503  4.781   1.00 17.84 ? 45  PRO A CB    1 
ATOM   296  C  CG    . PRO A 1 45  ? 16.209  -1.335  3.638   1.00 18.67 ? 45  PRO A CG    1 
ATOM   297  C  CD    . PRO A 1 45  ? 16.132  0.146   3.338   1.00 18.21 ? 45  PRO A CD    1 
ATOM   298  N  N     . GLU A 1 46  ? 16.136  -1.129  7.833   1.00 19.06 ? 46  GLU A N     1 
ATOM   299  C  CA    . GLU A 1 46  ? 17.033  -1.417  8.946   1.00 20.02 ? 46  GLU A CA    1 
ATOM   300  C  C     . GLU A 1 46  ? 17.626  -2.809  8.755   1.00 20.71 ? 46  GLU A C     1 
ATOM   301  O  O     . GLU A 1 46  ? 17.046  -3.805  9.186   1.00 23.08 ? 46  GLU A O     1 
ATOM   302  C  CB    . GLU A 1 46  ? 16.260  -1.353  10.268  1.00 20.47 ? 46  GLU A CB    1 
ATOM   303  C  CG    . GLU A 1 46  ? 17.124  -1.209  11.523  1.00 24.06 ? 46  GLU A CG    1 
ATOM   304  C  CD    . GLU A 1 46  ? 17.900  0.101   11.566  1.00 27.25 ? 46  GLU A CD    1 
ATOM   305  O  OE1   . GLU A 1 46  ? 17.466  1.072   10.907  1.00 27.74 ? 46  GLU A OE1   1 
ATOM   306  O  OE2   . GLU A 1 46  ? 18.933  0.168   12.273  1.00 28.09 ? 46  GLU A OE2   1 
ATOM   307  N  N     . GLY A 1 47  ? 18.779  -2.875  8.097   1.00 18.49 ? 47  GLY A N     1 
ATOM   308  C  CA    . GLY A 1 47  ? 19.419  -4.158  7.867   1.00 16.16 ? 47  GLY A CA    1 
ATOM   309  C  C     . GLY A 1 47  ? 20.231  -4.125  6.591   1.00 17.21 ? 47  GLY A C     1 
ATOM   310  O  O     . GLY A 1 47  ? 20.309  -3.089  5.937   1.00 17.31 ? 47  GLY A O     1 
ATOM   311  N  N     . GLU A 1 48  ? 20.850  -5.245  6.234   1.00 16.05 ? 48  GLU A N     1 
ATOM   312  C  CA    . GLU A 1 48  ? 21.634  -5.286  5.008   1.00 16.76 ? 48  GLU A CA    1 
ATOM   313  C  C     . GLU A 1 48  ? 20.726  -5.631  3.839   1.00 17.49 ? 48  GLU A C     1 
ATOM   314  O  O     . GLU A 1 48  ? 19.983  -6.610  3.893   1.00 18.45 ? 48  GLU A O     1 
ATOM   315  C  CB    . GLU A 1 48  ? 22.747  -6.336  5.089   1.00 17.87 ? 48  GLU A CB    1 
ATOM   316  C  CG    . GLU A 1 48  ? 23.327  -6.662  3.718   1.00 19.04 ? 48  GLU A CG    1 
ATOM   317  C  CD    . GLU A 1 48  ? 24.386  -7.744  3.748   1.00 20.50 ? 48  GLU A CD    1 
ATOM   318  O  OE1   . GLU A 1 48  ? 24.364  -8.585  4.673   1.00 18.53 ? 48  GLU A OE1   1 
ATOM   319  O  OE2   . GLU A 1 48  ? 25.233  -7.763  2.829   1.00 19.71 ? 48  GLU A OE2   1 
ATOM   320  N  N     . ILE A 1 49  ? 20.775  -4.820  2.787   1.00 16.22 ? 49  ILE A N     1 
ATOM   321  C  CA    . ILE A 1 49  ? 19.955  -5.087  1.615   1.00 16.48 ? 49  ILE A CA    1 
ATOM   322  C  C     . ILE A 1 49  ? 20.671  -6.165  0.818   1.00 17.18 ? 49  ILE A C     1 
ATOM   323  O  O     . ILE A 1 49  ? 21.770  -5.948  0.319   1.00 17.14 ? 49  ILE A O     1 
ATOM   324  C  CB    . ILE A 1 49  ? 19.796  -3.839  0.730   1.00 16.13 ? 49  ILE A CB    1 
ATOM   325  C  CG1   . ILE A 1 49  ? 19.113  -2.719  1.523   1.00 16.42 ? 49  ILE A CG1   1 
ATOM   326  C  CG2   . ILE A 1 49  ? 18.975  -4.188  -0.503  1.00 15.79 ? 49  ILE A CG2   1 
ATOM   327  C  CD1   . ILE A 1 49  ? 18.977  -1.405  0.750   1.00 14.12 ? 49  ILE A CD1   1 
ATOM   328  N  N     . THR A 1 50  ? 20.053  -7.331  0.704   1.00 16.79 ? 50  THR A N     1 
ATOM   329  C  CA    . THR A 1 50  ? 20.673  -8.428  -0.027  1.00 18.10 ? 50  THR A CA    1 
ATOM   330  C  C     . THR A 1 50  ? 19.976  -8.717  -1.350  1.00 19.45 ? 50  THR A C     1 
ATOM   331  O  O     . THR A 1 50  ? 20.427  -9.559  -2.123  1.00 18.56 ? 50  THR A O     1 
ATOM   332  C  CB    . THR A 1 50  ? 20.694  -9.708  0.835   1.00 17.73 ? 50  THR A CB    1 
ATOM   333  O  OG1   . THR A 1 50  ? 19.378  -9.966  1.343   1.00 18.84 ? 50  THR A OG1   1 
ATOM   334  C  CG2   . THR A 1 50  ? 21.654  -9.541  2.011   1.00 16.49 ? 50  THR A CG2   1 
ATOM   335  N  N     . ASP A 1 51  ? 18.875  -8.015  -1.607  1.00 18.65 ? 51  ASP A N     1 
ATOM   336  C  CA    . ASP A 1 51  ? 18.123  -8.182  -2.846  1.00 19.51 ? 51  ASP A CA    1 
ATOM   337  C  C     . ASP A 1 51  ? 17.268  -6.941  -3.038  1.00 18.63 ? 51  ASP A C     1 
ATOM   338  O  O     . ASP A 1 51  ? 16.300  -6.732  -2.308  1.00 18.85 ? 51  ASP A O     1 
ATOM   339  C  CB    . ASP A 1 51  ? 17.225  -9.421  -2.768  1.00 17.88 ? 51  ASP A CB    1 
ATOM   340  C  CG    . ASP A 1 51  ? 16.463  -9.682  -4.065  1.00 20.25 ? 51  ASP A CG    1 
ATOM   341  O  OD1   . ASP A 1 51  ? 16.656  -8.938  -5.052  1.00 19.63 ? 51  ASP A OD1   1 
ATOM   342  O  OD2   . ASP A 1 51  ? 15.666  -10.646 -4.093  1.00 19.24 ? 51  ASP A OD2   1 
ATOM   343  N  N     . TYR A 1 52  ? 17.627  -6.109  -4.007  1.00 18.87 ? 52  TYR A N     1 
ATOM   344  C  CA    . TYR A 1 52  ? 16.861  -4.893  -4.247  1.00 19.51 ? 52  TYR A CA    1 
ATOM   345  C  C     . TYR A 1 52  ? 15.491  -5.139  -4.875  1.00 20.43 ? 52  TYR A C     1 
ATOM   346  O  O     . TYR A 1 52  ? 14.630  -4.254  -4.842  1.00 20.64 ? 52  TYR A O     1 
ATOM   347  C  CB    . TYR A 1 52  ? 17.664  -3.915  -5.108  1.00 20.27 ? 52  TYR A CB    1 
ATOM   348  C  CG    . TYR A 1 52  ? 18.752  -3.209  -4.341  1.00 20.89 ? 52  TYR A CG    1 
ATOM   349  C  CD1   . TYR A 1 52  ? 19.976  -3.821  -4.105  1.00 21.76 ? 52  TYR A CD1   1 
ATOM   350  C  CD2   . TYR A 1 52  ? 18.536  -1.947  -3.800  1.00 21.76 ? 52  TYR A CD2   1 
ATOM   351  C  CE1   . TYR A 1 52  ? 20.951  -3.196  -3.351  1.00 21.70 ? 52  TYR A CE1   1 
ATOM   352  C  CE2   . TYR A 1 52  ? 19.501  -1.320  -3.046  1.00 21.81 ? 52  TYR A CE2   1 
ATOM   353  C  CZ    . TYR A 1 52  ? 20.706  -1.945  -2.824  1.00 23.63 ? 52  TYR A CZ    1 
ATOM   354  O  OH    . TYR A 1 52  ? 21.664  -1.316  -2.066  1.00 25.00 ? 52  TYR A OH    1 
ATOM   355  N  N     . ARG A 1 53  ? 15.285  -6.336  -5.426  1.00 19.58 ? 53  ARG A N     1 
ATOM   356  C  CA    . ARG A 1 53  ? 14.011  -6.694  -6.062  1.00 20.46 ? 53  ARG A CA    1 
ATOM   357  C  C     . ARG A 1 53  ? 13.577  -5.572  -7.000  1.00 21.18 ? 53  ARG A C     1 
ATOM   358  O  O     . ARG A 1 53  ? 12.384  -5.339  -7.191  1.00 20.91 ? 53  ARG A O     1 
ATOM   359  C  CB    . ARG A 1 53  ? 12.914  -6.889  -5.007  1.00 18.40 ? 53  ARG A CB    1 
ATOM   360  C  CG    . ARG A 1 53  ? 13.198  -7.934  -3.943  1.00 18.28 ? 53  ARG A CG    1 
ATOM   361  C  CD    . ARG A 1 53  ? 12.030  -8.021  -2.955  1.00 17.81 ? 53  ARG A CD    1 
ATOM   362  N  NE    . ARG A 1 53  ? 12.278  -8.973  -1.875  1.00 18.48 ? 53  ARG A NE    1 
ATOM   363  C  CZ    . ARG A 1 53  ? 11.484  -9.140  -0.820  1.00 19.37 ? 53  ARG A CZ    1 
ATOM   364  N  NH1   . ARG A 1 53  ? 10.376  -8.417  -0.690  1.00 17.85 ? 53  ARG A NH1   1 
ATOM   365  N  NH2   . ARG A 1 53  ? 11.800  -10.028 0.113   1.00 19.42 ? 53  ARG A NH2   1 
ATOM   366  N  N     . THR A 1 54  ? 14.557  -4.891  -7.587  1.00 22.24 ? 54  THR A N     1 
ATOM   367  C  CA    . THR A 1 54  ? 14.310  -3.750  -8.462  1.00 23.10 ? 54  THR A CA    1 
ATOM   368  C  C     . THR A 1 54  ? 13.212  -3.882  -9.508  1.00 25.29 ? 54  THR A C     1 
ATOM   369  O  O     . THR A 1 54  ? 12.434  -2.944  -9.712  1.00 24.01 ? 54  THR A O     1 
ATOM   370  C  CB    . THR A 1 54  ? 15.609  -3.320  -9.173  1.00 23.34 ? 54  THR A CB    1 
ATOM   371  O  OG1   . THR A 1 54  ? 16.643  -3.125  -8.200  1.00 24.07 ? 54  THR A OG1   1 
ATOM   372  C  CG2   . THR A 1 54  ? 15.393  -2.015  -9.926  1.00 24.72 ? 54  THR A CG2   1 
ATOM   373  N  N     . ARG A 1 55  ? 13.140  -5.031  -10.170 1.00 26.45 ? 55  ARG A N     1 
ATOM   374  C  CA    . ARG A 1 55  ? 12.136  -5.232  -11.208 1.00 28.59 ? 55  ARG A CA    1 
ATOM   375  C  C     . ARG A 1 55  ? 10.707  -5.065  -10.697 1.00 28.49 ? 55  ARG A C     1 
ATOM   376  O  O     . ARG A 1 55  ? 9.814   -4.693  -11.455 1.00 28.74 ? 55  ARG A O     1 
ATOM   377  C  CB    . ARG A 1 55  ? 12.293  -6.616  -11.838 1.00 31.56 ? 55  ARG A CB    1 
ATOM   378  C  CG    . ARG A 1 55  ? 11.394  -6.835  -13.040 1.00 36.96 ? 55  ARG A CG    1 
ATOM   379  C  CD    . ARG A 1 55  ? 11.785  -5.920  -14.189 1.00 39.67 ? 55  ARG A CD    1 
ATOM   380  N  NE    . ARG A 1 55  ? 10.822  -5.979  -15.286 1.00 42.93 ? 55  ARG A NE    1 
ATOM   381  C  CZ    . ARG A 1 55  ? 9.572   -5.533  -15.207 1.00 44.85 ? 55  ARG A CZ    1 
ATOM   382  N  NH1   . ARG A 1 55  ? 9.129   -4.994  -14.079 1.00 44.46 ? 55  ARG A NH1   1 
ATOM   383  N  NH2   . ARG A 1 55  ? 8.764   -5.624  -16.256 1.00 46.20 ? 55  ARG A NH2   1 
ATOM   384  N  N     . VAL A 1 56  ? 10.495  -5.339  -9.413  1.00 26.92 ? 56  VAL A N     1 
ATOM   385  C  CA    . VAL A 1 56  ? 9.171   -5.216  -8.816  1.00 25.94 ? 56  VAL A CA    1 
ATOM   386  C  C     . VAL A 1 56  ? 9.056   -4.029  -7.857  1.00 25.06 ? 56  VAL A C     1 
ATOM   387  O  O     . VAL A 1 56  ? 8.087   -3.276  -7.903  1.00 23.18 ? 56  VAL A O     1 
ATOM   388  C  CB    . VAL A 1 56  ? 8.791   -6.499  -8.046  1.00 27.05 ? 56  VAL A CB    1 
ATOM   389  C  CG1   . VAL A 1 56  ? 7.518   -6.272  -7.244  1.00 26.74 ? 56  VAL A CG1   1 
ATOM   390  C  CG2   . VAL A 1 56  ? 8.601   -7.649  -9.022  1.00 27.57 ? 56  VAL A CG2   1 
ATOM   391  N  N     . SER A 1 57  ? 10.056  -3.861  -7.000  1.00 23.00 ? 57  SER A N     1 
ATOM   392  C  CA    . SER A 1 57  ? 10.044  -2.783  -6.015  1.00 21.53 ? 57  SER A CA    1 
ATOM   393  C  C     . SER A 1 57  ? 10.401  -1.420  -6.589  1.00 20.73 ? 57  SER A C     1 
ATOM   394  O  O     . SER A 1 57  ? 10.056  -0.390  -6.006  1.00 18.42 ? 57  SER A O     1 
ATOM   395  C  CB    . SER A 1 57  ? 11.014  -3.107  -4.884  1.00 21.40 ? 57  SER A CB    1 
ATOM   396  O  OG    . SER A 1 57  ? 12.347  -3.038  -5.353  1.00 19.96 ? 57  SER A OG    1 
ATOM   397  N  N     . GLY A 1 58  ? 11.101  -1.412  -7.719  1.00 19.14 ? 58  GLY A N     1 
ATOM   398  C  CA    . GLY A 1 58  ? 11.500  -0.157  -8.327  1.00 18.95 ? 58  GLY A CA    1 
ATOM   399  C  C     . GLY A 1 58  ? 12.624  0.508   -7.552  1.00 20.16 ? 58  GLY A C     1 
ATOM   400  O  O     . GLY A 1 58  ? 13.040  1.616   -7.882  1.00 20.26 ? 58  GLY A O     1 
ATOM   401  N  N     . VAL A 1 59  ? 13.119  -0.170  -6.521  1.00 18.68 ? 59  VAL A N     1 
ATOM   402  C  CA    . VAL A 1 59  ? 14.193  0.367   -5.696  1.00 19.43 ? 59  VAL A CA    1 
ATOM   403  C  C     . VAL A 1 59  ? 15.560  -0.002  -6.259  1.00 21.18 ? 59  VAL A C     1 
ATOM   404  O  O     . VAL A 1 59  ? 15.827  -1.162  -6.562  1.00 21.28 ? 59  VAL A O     1 
ATOM   405  C  CB    . VAL A 1 59  ? 14.109  -0.165  -4.248  1.00 18.77 ? 59  VAL A CB    1 
ATOM   406  C  CG1   . VAL A 1 59  ? 15.264  0.383   -3.421  1.00 18.57 ? 59  VAL A CG1   1 
ATOM   407  C  CG2   . VAL A 1 59  ? 12.772  0.219   -3.628  1.00 19.72 ? 59  VAL A CG2   1 
ATOM   408  N  N     . THR A 1 60  ? 16.390  0.973   -6.428  1.00 22.49 ? 60  THR A N     1 
ATOM   409  C  CA    . THR A 1 60  ? 17.769  0.781   -6.901  1.00 23.66 ? 60  THR A CA    1 
ATOM   410  C  C     . THR A 1 60  ? 18.752  1.229   -5.833  1.00 23.60 ? 60  THR A C     1 
ATOM   411  O  O     . THR A 1 60  ? 18.402  2.005   -4.930  1.00 22.04 ? 60  THR A O     1 
ATOM   412  C  CB    . THR A 1 60  ? 18.013  1.612   -8.161  1.00 23.44 ? 60  THR A CB    1 
ATOM   413  O  OG1   . THR A 1 60  ? 18.082  2.991   -7.823  1.00 23.48 ? 60  THR A OG1   1 
ATOM   414  C  CG2   . THR A 1 60  ? 16.910  1.449   -9.206  1.00 24.01 ? 60  THR A CG2   1 
ATOM   415  N  N     . PRO A 1 61  ? 20.013  0.776   -5.866  1.00 24.37 ? 61  PRO A N     1 
ATOM   416  C  CA    . PRO A 1 61  ? 20.975  1.197   -4.878  1.00 23.78 ? 61  PRO A CA    1 
ATOM   417  C  C     . PRO A 1 61  ? 21.085  2.729   -4.870  1.00 24.41 ? 61  PRO A C     1 
ATOM   418  O  O     . PRO A 1 61  ? 21.269  3.339   -3.797  1.00 25.04 ? 61  PRO A O     1 
ATOM   419  C  CB    . PRO A 1 61  ? 22.245  0.476   -5.270  1.00 25.05 ? 61  PRO A CB    1 
ATOM   420  C  CG    . PRO A 1 61  ? 21.934  -0.370  -6.500  1.00 24.67 ? 61  PRO A CG    1 
ATOM   421  C  CD    . PRO A 1 61  ? 20.499  -0.168  -6.873  1.00 25.05 ? 61  PRO A CD    1 
ATOM   422  N  N     . GLN A 1 62  ? 20.949  3.420   -5.994  1.00 23.30 ? 62  GLN A N     1 
ATOM   423  C  CA    . GLN A 1 62  ? 21.019  4.906   -5.999  1.00 22.64 ? 62  GLN A CA    1 
ATOM   424  C  C     . GLN A 1 62  ? 19.884  5.500   -5.144  1.00 22.44 ? 62  GLN A C     1 
ATOM   425  O  O     . GLN A 1 62  ? 20.083  6.488   -4.422  1.00 21.82 ? 62  GLN A O     1 
ATOM   426  C  CB    . GLN A 1 62  ? 20.893  5.439   -7.423  1.00 24.81 ? 62  GLN A CB    1 
ATOM   427  N  N     . HIS A 1 63  ? 18.695  4.903   -5.199  1.00 22.92 ? 63  HIS A N     1 
ATOM   428  C  CA    . HIS A 1 63  ? 17.565  5.381   -4.410  1.00 22.99 ? 63  HIS A CA    1 
ATOM   429  C  C     . HIS A 1 63  ? 17.845  5.349   -2.909  1.00 23.79 ? 63  HIS A C     1 
ATOM   430  O  O     . HIS A 1 63  ? 17.328  6.176   -2.160  1.00 22.65 ? 63  HIS A O     1 
ATOM   431  C  CB    . HIS A 1 63  ? 16.314  4.545   -4.693  1.00 24.67 ? 63  HIS A CB    1 
ATOM   432  C  CG    . HIS A 1 63  ? 15.698  4.809   -6.030  1.00 26.09 ? 63  HIS A CG    1 
ATOM   433  N  ND1   . HIS A 1 63  ? 15.419  6.080   -6.483  1.00 29.85 ? 63  HIS A ND1   1 
ATOM   434  C  CD2   . HIS A 1 63  ? 15.285  3.963   -7.004  1.00 28.72 ? 63  HIS A CD2   1 
ATOM   435  C  CE1   . HIS A 1 63  ? 14.861  6.006   -7.678  1.00 30.39 ? 63  HIS A CE1   1 
ATOM   436  N  NE2   . HIS A 1 63  ? 14.768  4.733   -8.017  1.00 30.41 ? 63  HIS A NE2   1 
ATOM   437  N  N     . MET A 1 64  ? 18.660  4.395   -2.474  1.00 23.50 ? 64  MET A N     1 
ATOM   438  C  CA    . MET A 1 64  ? 18.980  4.261   -1.058  1.00 25.13 ? 64  MET A CA    1 
ATOM   439  C  C     . MET A 1 64  ? 20.002  5.283   -0.568  1.00 27.58 ? 64  MET A C     1 
ATOM   440  O  O     . MET A 1 64  ? 20.146  5.497   0.637   1.00 28.83 ? 64  MET A O     1 
ATOM   441  C  CB    . MET A 1 64  ? 19.481  2.842   -0.766  1.00 23.67 ? 64  MET A CB    1 
ATOM   442  C  CG    . MET A 1 64  ? 18.434  1.750   -0.973  1.00 22.45 ? 64  MET A CG    1 
ATOM   443  S  SD    . MET A 1 64  ? 17.041  1.838   0.195   1.00 21.59 ? 64  MET A SD    1 
ATOM   444  C  CE    . MET A 1 64  ? 15.887  2.905   -0.696  1.00 20.46 ? 64  MET A CE    1 
ATOM   445  N  N     . VAL A 1 65  ? 20.709  5.919   -1.496  1.00 28.70 ? 65  VAL A N     1 
ATOM   446  C  CA    . VAL A 1 65  ? 21.710  6.914   -1.127  1.00 28.93 ? 65  VAL A CA    1 
ATOM   447  C  C     . VAL A 1 65  ? 21.027  8.189   -0.647  1.00 28.23 ? 65  VAL A C     1 
ATOM   448  O  O     . VAL A 1 65  ? 20.304  8.843   -1.399  1.00 28.94 ? 65  VAL A O     1 
ATOM   449  C  CB    . VAL A 1 65  ? 22.633  7.255   -2.318  1.00 30.07 ? 65  VAL A CB    1 
ATOM   450  C  CG1   . VAL A 1 65  ? 23.756  8.172   -1.860  1.00 31.24 ? 65  VAL A CG1   1 
ATOM   451  C  CG2   . VAL A 1 65  ? 23.200  5.979   -2.916  1.00 29.87 ? 65  VAL A CG2   1 
ATOM   452  N  N     . GLY A 1 66  ? 21.251  8.532   0.617   1.00 27.79 ? 66  GLY A N     1 
ATOM   453  C  CA    . GLY A 1 66  ? 20.643  9.725   1.169   1.00 27.76 ? 66  GLY A CA    1 
ATOM   454  C  C     . GLY A 1 66  ? 19.172  9.537   1.494   1.00 27.69 ? 66  GLY A C     1 
ATOM   455  O  O     . GLY A 1 66  ? 18.461  10.509  1.744   1.00 29.70 ? 66  GLY A O     1 
ATOM   456  N  N     . ALA A 1 67  ? 18.707  8.289   1.485   1.00 25.59 ? 67  ALA A N     1 
ATOM   457  C  CA    . ALA A 1 67  ? 17.310  8.011   1.792   1.00 23.56 ? 67  ALA A CA    1 
ATOM   458  C  C     . ALA A 1 67  ? 17.067  8.186   3.288   1.00 21.90 ? 67  ALA A C     1 
ATOM   459  O  O     . ALA A 1 67  ? 17.991  8.085   4.093   1.00 21.65 ? 67  ALA A O     1 
ATOM   460  C  CB    . ALA A 1 67  ? 16.945  6.597   1.360   1.00 23.18 ? 67  ALA A CB    1 
ATOM   461  N  N     . THR A 1 68  ? 15.819  8.444   3.656   1.00 19.80 ? 68  THR A N     1 
ATOM   462  C  CA    . THR A 1 68  ? 15.455  8.635   5.056   1.00 18.74 ? 68  THR A CA    1 
ATOM   463  C  C     . THR A 1 68  ? 15.637  7.345   5.847   1.00 16.96 ? 68  THR A C     1 
ATOM   464  O  O     . THR A 1 68  ? 15.206  6.277   5.416   1.00 15.60 ? 68  THR A O     1 
ATOM   465  C  CB    . THR A 1 68  ? 13.981  9.084   5.179   1.00 18.00 ? 68  THR A CB    1 
ATOM   466  O  OG1   . THR A 1 68  ? 13.794  10.309  4.466   1.00 17.47 ? 68  THR A OG1   1 
ATOM   467  C  CG2   . THR A 1 68  ? 13.596  9.284   6.639   1.00 16.38 ? 68  THR A CG2   1 
ATOM   468  N  N     . PRO A 1 69  ? 16.291  7.425   7.015   1.00 17.52 ? 69  PRO A N     1 
ATOM   469  C  CA    . PRO A 1 69  ? 16.510  6.236   7.848   1.00 16.90 ? 69  PRO A CA    1 
ATOM   470  C  C     . PRO A 1 69  ? 15.179  5.613   8.261   1.00 16.43 ? 69  PRO A C     1 
ATOM   471  O  O     . PRO A 1 69  ? 14.211  6.325   8.532   1.00 15.81 ? 69  PRO A O     1 
ATOM   472  C  CB    . PRO A 1 69  ? 17.277  6.786   9.050   1.00 18.01 ? 69  PRO A CB    1 
ATOM   473  C  CG    . PRO A 1 69  ? 18.018  7.948   8.475   1.00 19.33 ? 69  PRO A CG    1 
ATOM   474  C  CD    . PRO A 1 69  ? 16.979  8.597   7.585   1.00 18.31 ? 69  PRO A CD    1 
ATOM   475  N  N     . PHE A 1 70  ? 15.145  4.286   8.313   1.00 15.27 ? 70  PHE A N     1 
ATOM   476  C  CA    . PHE A 1 70  ? 13.941  3.550   8.692   1.00 14.57 ? 70  PHE A CA    1 
ATOM   477  C  C     . PHE A 1 70  ? 13.233  4.088   9.937   1.00 14.44 ? 70  PHE A C     1 
ATOM   478  O  O     . PHE A 1 70  ? 12.024  4.319   9.918   1.00 13.20 ? 70  PHE A O     1 
ATOM   479  C  CB    . PHE A 1 70  ? 14.278  2.079   8.940   1.00 14.33 ? 70  PHE A CB    1 
ATOM   480  C  CG    . PHE A 1 70  ? 13.097  1.255   9.375   1.00 13.10 ? 70  PHE A CG    1 
ATOM   481  C  CD1   . PHE A 1 70  ? 12.101  0.920   8.471   1.00 13.29 ? 70  PHE A CD1   1 
ATOM   482  C  CD2   . PHE A 1 70  ? 12.967  0.846   10.695  1.00 14.13 ? 70  PHE A CD2   1 
ATOM   483  C  CE1   . PHE A 1 70  ? 10.994  0.191   8.876   1.00 15.36 ? 70  PHE A CE1   1 
ATOM   484  C  CE2   . PHE A 1 70  ? 11.866  0.120   11.108  1.00 15.06 ? 70  PHE A CE2   1 
ATOM   485  C  CZ    . PHE A 1 70  ? 10.877  -0.208  10.196  1.00 14.47 ? 70  PHE A CZ    1 
ATOM   486  N  N     . ALA A 1 71  ? 13.979  4.276   11.022  1.00 14.26 ? 71  ALA A N     1 
ATOM   487  C  CA    . ALA A 1 71  ? 13.377  4.750   12.269  1.00 15.67 ? 71  ALA A CA    1 
ATOM   488  C  C     . ALA A 1 71  ? 12.728  6.118   12.137  1.00 15.56 ? 71  ALA A C     1 
ATOM   489  O  O     . ALA A 1 71  ? 11.726  6.404   12.794  1.00 16.41 ? 71  ALA A O     1 
ATOM   490  C  CB    . ALA A 1 71  ? 14.422  4.774   13.387  1.00 15.48 ? 71  ALA A CB    1 
ATOM   491  N  N     . VAL A 1 72  ? 13.302  6.966   11.292  1.00 15.54 ? 72  VAL A N     1 
ATOM   492  C  CA    . VAL A 1 72  ? 12.766  8.305   11.088  1.00 15.21 ? 72  VAL A CA    1 
ATOM   493  C  C     . VAL A 1 72  ? 11.507  8.254   10.232  1.00 14.97 ? 72  VAL A C     1 
ATOM   494  O  O     . VAL A 1 72  ? 10.475  8.829   10.588  1.00 13.99 ? 72  VAL A O     1 
ATOM   495  C  CB    . VAL A 1 72  ? 13.809  9.217   10.406  1.00 15.38 ? 72  VAL A CB    1 
ATOM   496  C  CG1   . VAL A 1 72  ? 13.175  10.558  10.028  1.00 14.82 ? 72  VAL A CG1   1 
ATOM   497  C  CG2   . VAL A 1 72  ? 14.986  9.430   11.347  1.00 16.33 ? 72  VAL A CG2   1 
ATOM   498  N  N     . ALA A 1 73  ? 11.595  7.553   9.107   1.00 14.61 ? 73  ALA A N     1 
ATOM   499  C  CA    . ALA A 1 73  ? 10.466  7.427   8.194   1.00 14.72 ? 73  ALA A CA    1 
ATOM   500  C  C     . ALA A 1 73  ? 9.301   6.747   8.892   1.00 14.40 ? 73  ALA A C     1 
ATOM   501  O  O     . ALA A 1 73  ? 8.148   7.128   8.705   1.00 14.56 ? 73  ALA A O     1 
ATOM   502  C  CB    . ALA A 1 73  ? 10.875  6.631   6.960   1.00 13.28 ? 73  ALA A CB    1 
ATOM   503  N  N     . ARG A 1 74  ? 9.609   5.738   9.700   1.00 13.55 ? 74  ARG A N     1 
ATOM   504  C  CA    . ARG A 1 74  ? 8.578   5.017   10.429  1.00 16.07 ? 74  ARG A CA    1 
ATOM   505  C  C     . ARG A 1 74  ? 7.774   5.978   11.311  1.00 14.89 ? 74  ARG A C     1 
ATOM   506  O  O     . ARG A 1 74  ? 6.545   5.921   11.341  1.00 15.58 ? 74  ARG A O     1 
ATOM   507  C  CB    . ARG A 1 74  ? 9.221   3.903   11.271  1.00 15.07 ? 74  ARG A CB    1 
ATOM   508  C  CG    . ARG A 1 74  ? 8.253   3.120   12.141  1.00 14.12 ? 74  ARG A CG    1 
ATOM   509  C  CD    . ARG A 1 74  ? 8.930   1.897   12.762  1.00 15.46 ? 74  ARG A CD    1 
ATOM   510  N  NE    . ARG A 1 74  ? 8.040   1.187   13.679  1.00 15.22 ? 74  ARG A NE    1 
ATOM   511  C  CZ    . ARG A 1 74  ? 7.763   1.590   14.914  1.00 17.60 ? 74  ARG A CZ    1 
ATOM   512  N  NH1   . ARG A 1 74  ? 8.317   2.698   15.389  1.00 15.76 ? 74  ARG A NH1   1 
ATOM   513  N  NH2   . ARG A 1 74  ? 6.916   0.899   15.668  1.00 15.34 ? 74  ARG A NH2   1 
ATOM   514  N  N     . LEU A 1 75  ? 8.459   6.872   12.016  1.00 15.34 ? 75  LEU A N     1 
ATOM   515  C  CA    . LEU A 1 75  ? 7.762   7.837   12.866  1.00 14.88 ? 75  LEU A CA    1 
ATOM   516  C  C     . LEU A 1 75  ? 6.877   8.773   12.037  1.00 14.22 ? 75  LEU A C     1 
ATOM   517  O  O     . LEU A 1 75  ? 5.745   9.076   12.421  1.00 16.02 ? 75  LEU A O     1 
ATOM   518  C  CB    . LEU A 1 75  ? 8.768   8.668   13.669  1.00 16.12 ? 75  LEU A CB    1 
ATOM   519  C  CG    . LEU A 1 75  ? 9.540   7.953   14.784  1.00 16.83 ? 75  LEU A CG    1 
ATOM   520  C  CD1   . LEU A 1 75  ? 10.617  8.878   15.329  1.00 19.66 ? 75  LEU A CD1   1 
ATOM   521  C  CD2   . LEU A 1 75  ? 8.586   7.536   15.893  1.00 19.11 ? 75  LEU A CD2   1 
ATOM   522  N  N     . GLU A 1 76  ? 7.392   9.230   10.901  1.00 13.91 ? 76  GLU A N     1 
ATOM   523  C  CA    . GLU A 1 76  ? 6.645   10.139  10.033  1.00 13.26 ? 76  GLU A CA    1 
ATOM   524  C  C     . GLU A 1 76  ? 5.366   9.494   9.509   1.00 13.57 ? 76  GLU A C     1 
ATOM   525  O  O     . GLU A 1 76  ? 4.298   10.109  9.498   1.00 12.51 ? 76  GLU A O     1 
ATOM   526  C  CB    . GLU A 1 76  ? 7.515   10.571  8.845   1.00 14.43 ? 76  GLU A CB    1 
ATOM   527  C  CG    . GLU A 1 76  ? 8.880   11.125  9.238   1.00 16.38 ? 76  GLU A CG    1 
ATOM   528  C  CD    . GLU A 1 76  ? 9.713   11.542  8.037   1.00 18.23 ? 76  GLU A CD    1 
ATOM   529  O  OE1   . GLU A 1 76  ? 9.615   10.879  6.981   1.00 14.98 ? 76  GLU A OE1   1 
ATOM   530  O  OE2   . GLU A 1 76  ? 10.482  12.522  8.156   1.00 19.47 ? 76  GLU A OE2   1 
ATOM   531  N  N     . ILE A 1 77  ? 5.487   8.248   9.067   1.00 13.95 ? 77  ILE A N     1 
ATOM   532  C  CA    . ILE A 1 77  ? 4.354   7.506   8.529   1.00 12.78 ? 77  ILE A CA    1 
ATOM   533  C  C     . ILE A 1 77  ? 3.313   7.191   9.602   1.00 14.21 ? 77  ILE A C     1 
ATOM   534  O  O     . ILE A 1 77  ? 2.112   7.391   9.391   1.00 12.46 ? 77  ILE A O     1 
ATOM   535  C  CB    . ILE A 1 77  ? 4.846   6.197   7.873   1.00 13.06 ? 77  ILE A CB    1 
ATOM   536  C  CG1   . ILE A 1 77  ? 5.741   6.534   6.673   1.00 12.79 ? 77  ILE A CG1   1 
ATOM   537  C  CG2   . ILE A 1 77  ? 3.659   5.347   7.432   1.00 12.40 ? 77  ILE A CG2   1 
ATOM   538  C  CD1   . ILE A 1 77  ? 6.638   5.373   6.202   1.00 12.42 ? 77  ILE A CD1   1 
ATOM   539  N  N     . LEU A 1 78  ? 3.761   6.707   10.755  1.00 14.03 ? 78  LEU A N     1 
ATOM   540  C  CA    . LEU A 1 78  ? 2.823   6.382   11.822  1.00 15.93 ? 78  LEU A CA    1 
ATOM   541  C  C     . LEU A 1 78  ? 2.053   7.628   12.262  1.00 17.40 ? 78  LEU A C     1 
ATOM   542  O  O     . LEU A 1 78  ? 0.864   7.556   12.579  1.00 18.16 ? 78  LEU A O     1 
ATOM   543  C  CB    . LEU A 1 78  ? 3.559   5.755   13.010  1.00 15.68 ? 78  LEU A CB    1 
ATOM   544  C  CG    . LEU A 1 78  ? 4.225   4.417   12.670  1.00 18.11 ? 78  LEU A CG    1 
ATOM   545  C  CD1   . LEU A 1 78  ? 4.752   3.755   13.932  1.00 19.19 ? 78  LEU A CD1   1 
ATOM   546  C  CD2   . LEU A 1 78  ? 3.222   3.518   11.970  1.00 20.05 ? 78  LEU A CD2   1 
ATOM   547  N  N     . GLN A 1 79  ? 2.724   8.772   12.268  1.00 17.84 ? 79  GLN A N     1 
ATOM   548  C  CA    . GLN A 1 79  ? 2.068   10.012  12.662  1.00 19.54 ? 79  GLN A CA    1 
ATOM   549  C  C     . GLN A 1 79  ? 0.951   10.362  11.681  1.00 18.44 ? 79  GLN A C     1 
ATOM   550  O  O     . GLN A 1 79  ? -0.113  10.828  12.084  1.00 17.45 ? 79  GLN A O     1 
ATOM   551  C  CB    . GLN A 1 79  ? 3.083   11.155  12.728  1.00 21.74 ? 79  GLN A CB    1 
ATOM   552  C  CG    . GLN A 1 79  ? 2.466   12.514  13.031  1.00 30.23 ? 79  GLN A CG    1 
ATOM   553  C  CD    . GLN A 1 79  ? 1.616   12.505  14.290  1.00 35.57 ? 79  GLN A CD    1 
ATOM   554  O  OE1   . GLN A 1 79  ? 2.094   12.171  15.378  1.00 38.71 ? 79  GLN A OE1   1 
ATOM   555  N  NE2   . GLN A 1 79  ? 0.347   12.876  14.149  1.00 37.90 ? 79  GLN A NE2   1 
ATOM   556  N  N     . LEU A 1 80  ? 1.191   10.124  10.395  1.00 17.21 ? 80  LEU A N     1 
ATOM   557  C  CA    . LEU A 1 80  ? 0.197   10.421  9.369   1.00 16.61 ? 80  LEU A CA    1 
ATOM   558  C  C     . LEU A 1 80  ? -0.962  9.430   9.346   1.00 16.97 ? 80  LEU A C     1 
ATOM   559  O  O     . LEU A 1 80  ? -2.056  9.761   8.894   1.00 17.36 ? 80  LEU A O     1 
ATOM   560  C  CB    . LEU A 1 80  ? 0.861   10.474  7.993   1.00 15.59 ? 80  LEU A CB    1 
ATOM   561  C  CG    . LEU A 1 80  ? 1.787   11.681  7.815   1.00 16.01 ? 80  LEU A CG    1 
ATOM   562  C  CD1   . LEU A 1 80  ? 2.606   11.534  6.544   1.00 17.79 ? 80  LEU A CD1   1 
ATOM   563  C  CD2   . LEU A 1 80  ? 0.954   12.950  7.796   1.00 18.59 ? 80  LEU A CD2   1 
ATOM   564  N  N     . LEU A 1 81  ? -0.728  8.216   9.829   1.00 16.08 ? 81  LEU A N     1 
ATOM   565  C  CA    . LEU A 1 81  ? -1.782  7.202   9.858   1.00 17.81 ? 81  LEU A CA    1 
ATOM   566  C  C     . LEU A 1 81  ? -2.623  7.280   11.134  1.00 18.60 ? 81  LEU A C     1 
ATOM   567  O  O     . LEU A 1 81  ? -3.762  6.817   11.168  1.00 17.97 ? 81  LEU A O     1 
ATOM   568  C  CB    . LEU A 1 81  ? -1.175  5.801   9.757   1.00 15.91 ? 81  LEU A CB    1 
ATOM   569  C  CG    . LEU A 1 81  ? -0.368  5.458   8.504   1.00 18.00 ? 81  LEU A CG    1 
ATOM   570  C  CD1   . LEU A 1 81  ? 0.194   4.043   8.641   1.00 19.65 ? 81  LEU A CD1   1 
ATOM   571  C  CD2   . LEU A 1 81  ? -1.251  5.567   7.274   1.00 18.04 ? 81  LEU A CD2   1 
ATOM   572  N  N     . LYS A 1 82  ? -2.051  7.870   12.176  1.00 20.20 ? 82  LYS A N     1 
ATOM   573  C  CA    . LYS A 1 82  ? -2.718  8.001   13.469  1.00 21.64 ? 82  LYS A CA    1 
ATOM   574  C  C     . LYS A 1 82  ? -4.139  8.561   13.398  1.00 21.72 ? 82  LYS A C     1 
ATOM   575  O  O     . LYS A 1 82  ? -4.363  9.649   12.873  1.00 19.84 ? 82  LYS A O     1 
ATOM   576  C  CB    . LYS A 1 82  ? -1.871  8.882   14.397  1.00 26.40 ? 82  LYS A CB    1 
ATOM   577  C  CG    . LYS A 1 82  ? -2.362  8.939   15.834  1.00 30.32 ? 82  LYS A CG    1 
ATOM   578  C  CD    . LYS A 1 82  ? -1.485  9.861   16.669  1.00 34.32 ? 82  LYS A CD    1 
ATOM   579  C  CE    . LYS A 1 82  ? -1.917  9.887   18.130  1.00 36.49 ? 82  LYS A CE    1 
ATOM   580  N  NZ    . LYS A 1 82  ? -1.707  8.578   18.808  1.00 38.15 ? 82  LYS A NZ    1 
ATOM   581  N  N     . GLY A 1 83  ? -5.094  7.803   13.932  1.00 22.02 ? 83  GLY A N     1 
ATOM   582  C  CA    . GLY A 1 83  ? -6.481  8.241   13.956  1.00 23.40 ? 83  GLY A CA    1 
ATOM   583  C  C     . GLY A 1 83  ? -7.252  8.240   12.648  1.00 22.71 ? 83  GLY A C     1 
ATOM   584  O  O     . GLY A 1 83  ? -8.334  8.819   12.566  1.00 23.79 ? 83  GLY A O     1 
ATOM   585  N  N     . LYS A 1 84  ? -6.733  7.575   11.633  1.00 21.80 ? 84  LYS A N     1 
ATOM   586  C  CA    . LYS A 1 84  ? -7.448  7.588   10.352  1.00 20.12 ? 84  LYS A CA    1 
ATOM   587  C  C     . LYS A 1 84  ? -7.813  6.170   9.918   1.00 18.06 ? 84  LYS A C     1 
ATOM   588  O  O     . LYS A 1 84  ? -7.322  5.179   10.469  1.00 16.78 ? 84  LYS A O     1 
ATOM   589  C  CB    . LYS A 1 84  ? -6.555  8.187   9.261   1.00 23.73 ? 84  LYS A CB    1 
ATOM   590  C  CG    . LYS A 1 84  ? -6.197  9.641   9.512   1.00 24.78 ? 84  LYS A CG    1 
ATOM   591  C  CD    . LYS A 1 84  ? -5.430  10.262  8.355   1.00 28.96 ? 84  LYS A CD    1 
ATOM   592  C  CE    . LYS A 1 84  ? -5.072  11.713  8.614   1.00 29.67 ? 84  LYS A CE    1 
ATOM   593  N  NZ    . LYS A 1 84  ? -4.263  11.886  9.829   1.00 30.51 ? 84  LYS A NZ    1 
ATOM   594  N  N     . LEU A 1 85  ? -8.684  6.108   8.935   1.00 16.36 ? 85  LEU A N     1 
ATOM   595  C  CA    . LEU A 1 85  ? -9.075  4.840   8.336   1.00 16.13 ? 85  LEU A CA    1 
ATOM   596  C  C     . LEU A 1 85  ? -7.980  4.541   7.345   1.00 14.94 ? 85  LEU A C     1 
ATOM   597  O  O     . LEU A 1 85  ? -7.790  5.285   6.382   1.00 17.05 ? 85  LEU A O     1 
ATOM   598  C  CB    . LEU A 1 85  ? -10.426 4.975   7.626   1.00 15.44 ? 85  LEU A CB    1 
ATOM   599  C  CG    . LEU A 1 85  ? -10.822 3.722   6.854   1.00 16.14 ? 85  LEU A CG    1 
ATOM   600  C  CD1   . LEU A 1 85  ? -11.014 2.514   7.772   1.00 16.14 ? 85  LEU A CD1   1 
ATOM   601  C  CD2   . LEU A 1 85  ? -12.131 3.908   6.082   1.00 16.79 ? 85  LEU A CD2   1 
ATOM   602  N  N     . VAL A 1 86  ? -7.249  3.479   7.573   1.00 12.56 ? 86  VAL A N     1 
ATOM   603  C  CA    . VAL A 1 86  ? -6.141  3.138   6.672   1.00 12.47 ? 86  VAL A CA    1 
ATOM   604  C  C     . VAL A 1 86  ? -6.600  2.159   5.596   1.00 13.31 ? 86  VAL A C     1 
ATOM   605  O  O     . VAL A 1 86  ? -7.014  1.035   5.887   1.00 12.71 ? 86  VAL A O     1 
ATOM   606  C  CB    . VAL A 1 86  ? -4.991  2.526   7.455   1.00 12.40 ? 86  VAL A CB    1 
ATOM   607  C  CG1   . VAL A 1 86  ? -3.793  2.205   6.557   1.00 12.04 ? 86  VAL A CG1   1 
ATOM   608  C  CG2   . VAL A 1 86  ? -4.486  3.464   8.557   1.00 13.92 ? 86  VAL A CG2   1 
ATOM   609  N  N     . VAL A 1 87  ? -6.521  2.649   4.350   1.00 11.16 ? 87  VAL A N     1 
ATOM   610  C  CA    . VAL A 1 87  ? -6.917  1.874   3.176   1.00 12.77 ? 87  VAL A CA    1 
ATOM   611  C  C     . VAL A 1 87  ? -5.699  1.244   2.504   1.00 12.26 ? 87  VAL A C     1 
ATOM   612  O  O     . VAL A 1 87  ? -4.661  1.884   2.360   1.00 11.15 ? 87  VAL A O     1 
ATOM   613  C  CB    . VAL A 1 87  ? -7.630  2.775   2.142   1.00 14.09 ? 87  VAL A CB    1 
ATOM   614  C  CG1   . VAL A 1 87  ? -7.842  2.020   0.831   1.00 12.49 ? 87  VAL A CG1   1 
ATOM   615  C  CG2   . VAL A 1 87  ? -8.964  3.254   2.710   1.00 15.31 ? 87  VAL A CG2   1 
ATOM   616  N  N     . GLY A 1 88  ? -5.826  -0.012  2.096   1.00 12.92 ? 88  GLY A N     1 
ATOM   617  C  CA    . GLY A 1 88  ? -4.716  -0.674  1.434   1.00 12.00 ? 88  GLY A CA    1 
ATOM   618  C  C     . GLY A 1 88  ? -5.069  -2.090  1.029   1.00 13.66 ? 88  GLY A C     1 
ATOM   619  O  O     . GLY A 1 88  ? -6.205  -2.529  1.217   1.00 14.37 ? 88  GLY A O     1 
ATOM   620  N  N     . HIS A 1 89  ? -4.096  -2.803  0.471   1.00 14.29 ? 89  HIS A N     1 
ATOM   621  C  CA    . HIS A 1 89  ? -4.300  -4.183  0.030   1.00 14.64 ? 89  HIS A CA    1 
ATOM   622  C  C     . HIS A 1 89  ? -3.314  -5.092  0.770   1.00 15.59 ? 89  HIS A C     1 
ATOM   623  O  O     . HIS A 1 89  ? -2.098  -4.931  0.651   1.00 16.61 ? 89  HIS A O     1 
ATOM   624  C  CB    . HIS A 1 89  ? -4.087  -4.272  -1.486  1.00 15.35 ? 89  HIS A CB    1 
ATOM   625  C  CG    . HIS A 1 89  ? -4.461  -5.595  -2.077  1.00 14.67 ? 89  HIS A CG    1 
ATOM   626  N  ND1   . HIS A 1 89  ? -3.587  -6.657  -2.143  1.00 18.28 ? 89  HIS A ND1   1 
ATOM   627  C  CD2   . HIS A 1 89  ? -5.622  -6.028  -2.623  1.00 15.22 ? 89  HIS A CD2   1 
ATOM   628  C  CE1   . HIS A 1 89  ? -4.192  -7.688  -2.706  1.00 14.97 ? 89  HIS A CE1   1 
ATOM   629  N  NE2   . HIS A 1 89  ? -5.428  -7.332  -3.006  1.00 19.10 ? 89  HIS A NE2   1 
ATOM   630  N  N     . ASP A 1 90  ? -3.848  -6.043  1.532   1.00 16.62 ? 90  ASP A N     1 
ATOM   631  C  CA    . ASP A 1 90  ? -3.034  -6.961  2.326   1.00 18.55 ? 90  ASP A CA    1 
ATOM   632  C  C     . ASP A 1 90  ? -2.123  -6.126  3.223   1.00 18.55 ? 90  ASP A C     1 
ATOM   633  O  O     . ASP A 1 90  ? -0.908  -6.304  3.236   1.00 20.16 ? 90  ASP A O     1 
ATOM   634  C  CB    . ASP A 1 90  ? -2.184  -7.863  1.425   1.00 22.27 ? 90  ASP A CB    1 
ATOM   635  C  CG    . ASP A 1 90  ? -1.903  -9.220  2.056   1.00 26.94 ? 90  ASP A CG    1 
ATOM   636  O  OD1   . ASP A 1 90  ? -1.863  -9.308  3.303   1.00 27.31 ? 90  ASP A OD1   1 
ATOM   637  O  OD2   . ASP A 1 90  ? -1.716  -10.197 1.304   1.00 29.18 ? 90  ASP A OD2   1 
ATOM   638  N  N     . LEU A 1 91  ? -2.734  -5.209  3.966   1.00 17.47 ? 91  LEU A N     1 
ATOM   639  C  CA    . LEU A 1 91  ? -2.020  -4.311  4.867   1.00 17.95 ? 91  LEU A CA    1 
ATOM   640  C  C     . LEU A 1 91  ? -1.176  -5.023  5.918   1.00 17.91 ? 91  LEU A C     1 
ATOM   641  O  O     . LEU A 1 91  ? -0.223  -4.450  6.445   1.00 16.60 ? 91  LEU A O     1 
ATOM   642  C  CB    . LEU A 1 91  ? -3.017  -3.371  5.551   1.00 17.00 ? 91  LEU A CB    1 
ATOM   643  C  CG    . LEU A 1 91  ? -3.629  -2.310  4.631   1.00 20.26 ? 91  LEU A CG    1 
ATOM   644  C  CD1   . LEU A 1 91  ? -4.778  -1.597  5.330   1.00 18.53 ? 91  LEU A CD1   1 
ATOM   645  C  CD2   . LEU A 1 91  ? -2.542  -1.325  4.217   1.00 20.19 ? 91  LEU A CD2   1 
ATOM   646  N  N     . LYS A 1 92  ? -1.519  -6.268  6.225   1.00 18.93 ? 92  LYS A N     1 
ATOM   647  C  CA    . LYS A 1 92  ? -0.770  -7.027  7.218   1.00 19.59 ? 92  LYS A CA    1 
ATOM   648  C  C     . LYS A 1 92  ? 0.733   -6.942  6.952   1.00 19.31 ? 92  LYS A C     1 
ATOM   649  O  O     . LYS A 1 92  ? 1.527   -6.653  7.852   1.00 18.98 ? 92  LYS A O     1 
ATOM   650  C  CB    . LYS A 1 92  ? -1.209  -8.495  7.199   1.00 22.92 ? 92  LYS A CB    1 
ATOM   651  C  CG    . LYS A 1 92  ? -0.447  -9.386  8.169   1.00 27.85 ? 92  LYS A CG    1 
ATOM   652  C  CD    . LYS A 1 92  ? -0.801  -10.856 7.968   1.00 29.50 ? 92  LYS A CD    1 
ATOM   653  C  CE    . LYS A 1 92  ? -0.026  -11.746 8.929   1.00 32.92 ? 92  LYS A CE    1 
ATOM   654  N  NZ    . LYS A 1 92  ? -0.345  -13.188 8.735   0.00 31.97 ? 92  LYS A NZ    1 
ATOM   655  N  N     . HIS A 1 93  ? 1.113   -7.182  5.701   1.00 18.45 ? 93  HIS A N     1 
ATOM   656  C  CA    . HIS A 1 93  ? 2.517   -7.156  5.321   1.00 18.85 ? 93  HIS A CA    1 
ATOM   657  C  C     . HIS A 1 93  ? 3.144   -5.772  5.367   1.00 18.66 ? 93  HIS A C     1 
ATOM   658  O  O     . HIS A 1 93  ? 4.348   -5.649  5.594   1.00 16.25 ? 93  HIS A O     1 
ATOM   659  C  CB    . HIS A 1 93  ? 2.684   -7.759  3.929   1.00 22.84 ? 93  HIS A CB    1 
ATOM   660  C  CG    . HIS A 1 93  ? 2.238   -9.184  3.846   1.00 27.32 ? 93  HIS A CG    1 
ATOM   661  N  ND1   . HIS A 1 93  ? 2.761   -10.172 4.652   1.00 28.88 ? 93  HIS A ND1   1 
ATOM   662  C  CD2   . HIS A 1 93  ? 1.306   -9.783  3.069   1.00 27.34 ? 93  HIS A CD2   1 
ATOM   663  C  CE1   . HIS A 1 93  ? 2.167   -11.320 4.376   1.00 29.66 ? 93  HIS A CE1   1 
ATOM   664  N  NE2   . HIS A 1 93  ? 1.280   -11.111 3.419   1.00 28.14 ? 93  HIS A NE2   1 
ATOM   665  N  N     . ASP A 1 94  ? 2.338   -4.734  5.144   1.00 16.89 ? 94  ASP A N     1 
ATOM   666  C  CA    . ASP A 1 94  ? 2.849   -3.366  5.189   1.00 17.51 ? 94  ASP A CA    1 
ATOM   667  C  C     . ASP A 1 94  ? 3.183   -3.002  6.630   1.00 16.23 ? 94  ASP A C     1 
ATOM   668  O  O     . ASP A 1 94  ? 4.232   -2.416  6.903   1.00 15.64 ? 94  ASP A O     1 
ATOM   669  C  CB    . ASP A 1 94  ? 1.815   -2.392  4.624   1.00 19.49 ? 94  ASP A CB    1 
ATOM   670  C  CG    . ASP A 1 94  ? 1.555   -2.618  3.148   1.00 22.57 ? 94  ASP A CG    1 
ATOM   671  O  OD1   . ASP A 1 94  ? 2.432   -2.284  2.323   1.00 27.41 ? 94  ASP A OD1   1 
ATOM   672  O  OD2   . ASP A 1 94  ? 0.476   -3.143  2.813   1.00 27.80 ? 94  ASP A OD2   1 
ATOM   673  N  N     . PHE A 1 95  ? 2.294   -3.354  7.555   1.00 15.34 ? 95  PHE A N     1 
ATOM   674  C  CA    . PHE A 1 95  ? 2.539   -3.071  8.962   1.00 15.00 ? 95  PHE A CA    1 
ATOM   675  C  C     . PHE A 1 95  ? 3.701   -3.907  9.500   1.00 14.76 ? 95  PHE A C     1 
ATOM   676  O  O     . PHE A 1 95  ? 4.407   -3.483  10.416  1.00 15.05 ? 95  PHE A O     1 
ATOM   677  C  CB    . PHE A 1 95  ? 1.275   -3.300  9.785   1.00 14.01 ? 95  PHE A CB    1 
ATOM   678  C  CG    . PHE A 1 95  ? 0.292   -2.169  9.695   1.00 15.87 ? 95  PHE A CG    1 
ATOM   679  C  CD1   . PHE A 1 95  ? -0.605  -2.088  8.641   1.00 15.77 ? 95  PHE A CD1   1 
ATOM   680  C  CD2   . PHE A 1 95  ? 0.289   -1.163  10.652  1.00 15.50 ? 95  PHE A CD2   1 
ATOM   681  C  CE1   . PHE A 1 95  ? -1.488  -1.028  8.544   1.00 16.89 ? 95  PHE A CE1   1 
ATOM   682  C  CE2   . PHE A 1 95  ? -0.590  -0.100  10.558  1.00 15.65 ? 95  PHE A CE2   1 
ATOM   683  C  CZ    . PHE A 1 95  ? -1.479  -0.032  9.505   1.00 16.06 ? 95  PHE A CZ    1 
ATOM   684  N  N     . GLN A 1 96  ? 3.907   -5.092  8.934   1.00 15.53 ? 96  GLN A N     1 
ATOM   685  C  CA    . GLN A 1 96  ? 5.034   -5.914  9.356   1.00 18.03 ? 96  GLN A CA    1 
ATOM   686  C  C     . GLN A 1 96  ? 6.310   -5.188  8.930   1.00 17.85 ? 96  GLN A C     1 
ATOM   687  O  O     . GLN A 1 96  ? 7.291   -5.138  9.677   1.00 17.23 ? 96  GLN A O     1 
ATOM   688  C  CB    . GLN A 1 96  ? 4.977   -7.294  8.696   1.00 20.76 ? 96  GLN A CB    1 
ATOM   689  C  CG    . GLN A 1 96  ? 3.964   -8.232  9.315   1.00 26.08 ? 96  GLN A CG    1 
ATOM   690  C  CD    . GLN A 1 96  ? 3.813   -9.525  8.538   1.00 29.57 ? 96  GLN A CD    1 
ATOM   691  O  OE1   . GLN A 1 96  ? 3.072   -10.419 8.941   1.00 36.55 ? 96  GLN A OE1   1 
ATOM   692  N  NE2   . GLN A 1 96  ? 4.512   -9.627  7.413   1.00 32.03 ? 96  GLN A NE2   1 
ATOM   693  N  N     . ALA A 1 97  ? 6.289   -4.620  7.726   1.00 17.23 ? 97  ALA A N     1 
ATOM   694  C  CA    . ALA A 1 97  ? 7.443   -3.890  7.203   1.00 16.63 ? 97  ALA A CA    1 
ATOM   695  C  C     . ALA A 1 97  ? 7.666   -2.631  8.032   1.00 15.34 ? 97  ALA A C     1 
ATOM   696  O  O     . ALA A 1 97  ? 8.797   -2.209  8.248   1.00 15.55 ? 97  ALA A O     1 
ATOM   697  C  CB    . ALA A 1 97  ? 7.217   -3.515  5.751   1.00 16.55 ? 97  ALA A CB    1 
ATOM   698  N  N     . LEU A 1 98  ? 6.571   -2.030  8.475   1.00 15.90 ? 98  LEU A N     1 
ATOM   699  C  CA    . LEU A 1 98  ? 6.629   -0.829  9.298   1.00 16.85 ? 98  LEU A CA    1 
ATOM   700  C  C     . LEU A 1 98  ? 6.973   -1.210  10.732  1.00 18.00 ? 98  LEU A C     1 
ATOM   701  O  O     . LEU A 1 98  ? 7.228   -0.341  11.568  1.00 16.11 ? 98  LEU A O     1 
ATOM   702  C  CB    . LEU A 1 98  ? 5.280   -0.111  9.270   1.00 16.91 ? 98  LEU A CB    1 
ATOM   703  C  CG    . LEU A 1 98  ? 4.954   0.710   8.023   1.00 20.16 ? 98  LEU A CG    1 
ATOM   704  C  CD1   . LEU A 1 98  ? 3.465   1.019   7.978   1.00 19.14 ? 98  LEU A CD1   1 
ATOM   705  C  CD2   . LEU A 1 98  ? 5.774   1.993   8.042   1.00 19.09 ? 98  LEU A CD2   1 
ATOM   706  N  N     . LYS A 1 99  ? 6.994   -2.513  11.006  1.00 17.76 ? 99  LYS A N     1 
ATOM   707  C  CA    . LYS A 1 99  ? 7.268   -3.016  12.350  1.00 17.62 ? 99  LYS A CA    1 
ATOM   708  C  C     . LYS A 1 99  ? 6.340   -2.305  13.328  1.00 18.77 ? 99  LYS A C     1 
ATOM   709  O  O     . LYS A 1 99  ? 6.764   -1.810  14.379  1.00 18.05 ? 99  LYS A O     1 
ATOM   710  C  CB    . LYS A 1 99  ? 8.726   -2.780  12.736  1.00 19.09 ? 99  LYS A CB    1 
ATOM   711  C  CG    . LYS A 1 99  ? 9.722   -3.511  11.853  1.00 19.93 ? 99  LYS A CG    1 
ATOM   712  C  CD    . LYS A 1 99  ? 11.137  -3.378  12.396  1.00 24.06 ? 99  LYS A CD    1 
ATOM   713  C  CE    . LYS A 1 99  ? 12.148  -4.017  11.463  1.00 22.77 ? 99  LYS A CE    1 
ATOM   714  N  NZ    . LYS A 1 99  ? 13.535  -3.946  12.010  1.00 26.90 ? 99  LYS A NZ    1 
ATOM   715  N  N     . GLU A 1 100 ? 5.063   -2.266  12.965  1.00 19.14 ? 100 GLU A N     1 
ATOM   716  C  CA    . GLU A 1 100 ? 4.044   -1.614  13.773  1.00 18.99 ? 100 GLU A CA    1 
ATOM   717  C  C     . GLU A 1 100 ? 2.856   -2.537  14.019  1.00 21.78 ? 100 GLU A C     1 
ATOM   718  O  O     . GLU A 1 100 ? 2.345   -3.170  13.099  1.00 19.90 ? 100 GLU A O     1 
ATOM   719  C  CB    . GLU A 1 100 ? 3.558   -0.339  13.075  1.00 19.13 ? 100 GLU A CB    1 
ATOM   720  C  CG    . GLU A 1 100 ? 2.313   0.282   13.707  1.00 18.11 ? 100 GLU A CG    1 
ATOM   721  C  CD    . GLU A 1 100 ? 2.590   0.971   15.037  1.00 20.95 ? 100 GLU A CD    1 
ATOM   722  O  OE1   . GLU A 1 100 ? 3.483   0.514   15.780  1.00 22.95 ? 100 GLU A OE1   1 
ATOM   723  O  OE2   . GLU A 1 100 ? 1.898   1.965   15.349  1.00 19.81 ? 100 GLU A OE2   1 
ATOM   724  N  N     . ASP A 1 101 ? 2.423   -2.608  15.272  1.00 25.39 ? 101 ASP A N     1 
ATOM   725  C  CA    . ASP A 1 101 ? 1.281   -3.436  15.646  1.00 29.18 ? 101 ASP A CA    1 
ATOM   726  C  C     . ASP A 1 101 ? 0.017   -2.820  15.038  1.00 30.21 ? 101 ASP A C     1 
ATOM   727  O  O     . ASP A 1 101 ? -0.231  -1.629  15.205  1.00 29.87 ? 101 ASP A O     1 
ATOM   728  C  CB    . ASP A 1 101 ? 1.159   -3.480  17.170  1.00 32.15 ? 101 ASP A CB    1 
ATOM   729  C  CG    . ASP A 1 101 ? 0.155   -4.505  17.645  1.00 34.55 ? 101 ASP A CG    1 
ATOM   730  O  OD1   . ASP A 1 101 ? -0.979  -4.516  17.123  1.00 35.35 ? 101 ASP A OD1   1 
ATOM   731  O  OD2   . ASP A 1 101 ? 0.504   -5.295  18.548  1.00 38.43 ? 101 ASP A OD2   1 
ATOM   732  N  N     . MET A 1 102 ? -0.778  -3.633  14.344  1.00 31.52 ? 102 MET A N     1 
ATOM   733  C  CA    . MET A 1 102 ? -2.006  -3.159  13.700  1.00 34.37 ? 102 MET A CA    1 
ATOM   734  C  C     . MET A 1 102 ? -3.204  -2.960  14.622  1.00 34.71 ? 102 MET A C     1 
ATOM   735  O  O     . MET A 1 102 ? -4.122  -2.210  14.295  1.00 36.15 ? 102 MET A O     1 
ATOM   736  C  CB    . MET A 1 102 ? -2.441  -4.126  12.599  1.00 35.50 ? 102 MET A CB    1 
ATOM   737  C  CG    . MET A 1 102 ? -1.553  -4.177  11.387  1.00 38.15 ? 102 MET A CG    1 
ATOM   738  S  SD    . MET A 1 102 ? -2.288  -5.215  10.108  1.00 42.95 ? 102 MET A SD    1 
ATOM   739  C  CE    . MET A 1 102 ? -3.436  -4.084  9.383   1.00 36.23 ? 102 MET A CE    1 
ATOM   740  N  N     . SER A 1 103 ? -3.195  -3.647  15.756  1.00 36.76 ? 103 SER A N     1 
ATOM   741  C  CA    . SER A 1 103 ? -4.286  -3.600  16.731  1.00 37.52 ? 103 SER A CA    1 
ATOM   742  C  C     . SER A 1 103 ? -5.086  -2.302  16.835  1.00 36.34 ? 103 SER A C     1 
ATOM   743  O  O     . SER A 1 103 ? -6.280  -2.276  16.534  1.00 37.82 ? 103 SER A O     1 
ATOM   744  C  CB    . SER A 1 103 ? -3.755  -3.969  18.119  1.00 38.17 ? 103 SER A CB    1 
ATOM   745  O  OG    . SER A 1 103 ? -2.721  -3.088  18.519  1.00 42.59 ? 103 SER A OG    1 
ATOM   746  N  N     . GLY A 1 104 ? -4.434  -1.229  17.265  1.00 34.36 ? 104 GLY A N     1 
ATOM   747  C  CA    . GLY A 1 104 ? -5.132  0.034   17.425  1.00 32.27 ? 104 GLY A CA    1 
ATOM   748  C  C     . GLY A 1 104 ? -5.618  0.738   16.169  1.00 30.04 ? 104 GLY A C     1 
ATOM   749  O  O     . GLY A 1 104 ? -6.345  1.728   16.266  1.00 31.27 ? 104 GLY A O     1 
ATOM   750  N  N     . TYR A 1 105 ? -5.262  0.227   14.996  1.00 26.26 ? 105 TYR A N     1 
ATOM   751  C  CA    . TYR A 1 105 ? -5.645  0.909   13.753  1.00 23.67 ? 105 TYR A CA    1 
ATOM   752  C  C     . TYR A 1 105 ? -6.986  0.410   13.192  1.00 21.60 ? 105 TYR A C     1 
ATOM   753  O  O     . TYR A 1 105 ? -7.364  -0.753  13.344  1.00 21.60 ? 105 TYR A O     1 
ATOM   754  C  CB    . TYR A 1 105 ? -4.586  0.671   12.670  1.00 24.83 ? 105 TYR A CB    1 
ATOM   755  C  CG    . TYR A 1 105 ? -3.255  1.333   12.980  1.00 23.88 ? 105 TYR A CG    1 
ATOM   756  C  CD1   . TYR A 1 105 ? -2.383  0.759   13.902  1.00 24.96 ? 105 TYR A CD1   1 
ATOM   757  C  CD2   . TYR A 1 105 ? -2.900  2.516   12.342  1.00 22.80 ? 105 TYR A CD2   1 
ATOM   758  C  CE1   . TYR A 1 105 ? -1.165  1.372   14.190  1.00 23.19 ? 105 TYR A CE1   1 
ATOM   759  C  CE2   . TYR A 1 105 ? -1.687  3.130   12.630  1.00 24.53 ? 105 TYR A CE2   1 
ATOM   760  C  CZ    . TYR A 1 105 ? -0.822  2.560   13.554  1.00 22.73 ? 105 TYR A CZ    1 
ATOM   761  O  OH    . TYR A 1 105 ? 0.361   3.172   13.840  1.00 22.76 ? 105 TYR A OH    1 
ATOM   762  N  N     . THR A 1 106 ? -7.684  1.329   12.555  1.00 19.99 ? 106 THR A N     1 
ATOM   763  C  CA    . THR A 1 106 ? -8.945  1.032   11.882  1.00 19.37 ? 106 THR A CA    1 
ATOM   764  C  C     . THR A 1 106 ? -8.573  0.932   10.425  1.00 18.39 ? 106 THR A C     1 
ATOM   765  O  O     . THR A 1 106 ? -8.072  1.897   9.845   1.00 15.77 ? 106 THR A O     1 
ATOM   766  C  CB    . THR A 1 106 ? -9.976  2.149   12.084  1.00 20.83 ? 106 THR A CB    1 
ATOM   767  O  OG1   . THR A 1 106 ? -10.222 2.358   13.475  1.00 23.64 ? 106 THR A OG1   1 
ATOM   768  C  CG2   . THR A 1 106 ? -11.304 1.809   11.409  1.00 22.61 ? 106 THR A CG2   1 
ATOM   769  N  N     . ILE A 1 107 ? -8.822  -0.223  9.811   1.00 16.13 ? 107 ILE A N     1 
ATOM   770  C  CA    . ILE A 1 107 ? -8.398  -0.370  8.409   1.00 16.43 ? 107 ILE A CA    1 
ATOM   771  C  C     . ILE A 1 107 ? -9.532  -0.857  7.496   1.00 17.07 ? 107 ILE A C     1 
ATOM   772  O  O     . ILE A 1 107 ? -10.574 -1.343  7.953   1.00 15.27 ? 107 ILE A O     1 
ATOM   773  C  CB    . ILE A 1 107 ? -7.273  -1.399  8.300   1.00 16.88 ? 107 ILE A CB    1 
ATOM   774  C  CG1   . ILE A 1 107 ? -7.757  -2.822  8.629   1.00 20.89 ? 107 ILE A CG1   1 
ATOM   775  C  CG2   . ILE A 1 107 ? -6.114  -1.090  9.247   1.00 17.07 ? 107 ILE A CG2   1 
ATOM   776  C  CD1   . ILE A 1 107 ? -6.795  -3.918  8.169   1.00 21.60 ? 107 ILE A CD1   1 
ATOM   777  N  N     . TYR A 1 108 ? -9.251  -0.684  6.229   1.00 15.75 ? 108 TYR A N     1 
ATOM   778  C  CA    . TYR A 1 108 ? -10.093 -1.118  5.125   1.00 14.62 ? 108 TYR A CA    1 
ATOM   779  C  C     . TYR A 1 108 ? -9.137  -1.814  4.192   1.00 15.53 ? 108 TYR A C     1 
ATOM   780  O  O     . TYR A 1 108 ? -8.237  -1.180  3.638   1.00 14.79 ? 108 TYR A O     1 
ATOM   781  C  CB    . TYR A 1 108 ? -10.768 0.057   4.398   1.00 15.44 ? 108 TYR A CB    1 
ATOM   782  C  CG    . TYR A 1 108 ? -11.372 -0.430  3.089   1.00 16.73 ? 108 TYR A CG    1 
ATOM   783  C  CD1   . TYR A 1 108 ? -12.607 -1.075  3.088   1.00 17.02 ? 108 TYR A CD1   1 
ATOM   784  C  CD2   . TYR A 1 108 ? -10.689 -0.256  1.888   1.00 15.04 ? 108 TYR A CD2   1 
ATOM   785  C  CE1   . TYR A 1 108 ? -13.136 -1.573  1.899   1.00 17.66 ? 108 TYR A CE1   1 
ATOM   786  C  CE2   . TYR A 1 108 ? -11.214 -0.760  0.703   1.00 17.07 ? 108 TYR A CE2   1 
ATOM   787  C  CZ    . TYR A 1 108 ? -12.431 -1.425  0.710   1.00 15.83 ? 108 TYR A CZ    1 
ATOM   788  O  OH    . TYR A 1 108 ? -12.920 -1.945  -0.449  1.00 14.29 ? 108 TYR A OH    1 
ATOM   789  N  N     . ASP A 1 109 ? -9.316  -3.104  4.026   1.00 13.09 ? 109 ASP A N     1 
ATOM   790  C  CA    . ASP A 1 109 ? -8.409  -3.882  3.183   1.00 12.55 ? 109 ASP A CA    1 
ATOM   791  C  C     . ASP A 1 109 ? -9.129  -4.431  1.957   1.00 13.61 ? 109 ASP A C     1 
ATOM   792  O  O     . ASP A 1 109 ? -10.053 -5.235  2.071   1.00 12.83 ? 109 ASP A O     1 
ATOM   793  C  CB    . ASP A 1 109 ? -7.842  -5.035  4.002   1.00 12.94 ? 109 ASP A CB    1 
ATOM   794  C  CG    . ASP A 1 109 ? -6.588  -5.608  3.400   1.00 14.20 ? 109 ASP A CG    1 
ATOM   795  O  OD1   . ASP A 1 109 ? -6.608  -6.015  2.194   1.00 13.61 ? 109 ASP A OD1   1 
ATOM   796  O  OD2   . ASP A 1 109 ? -5.533  -5.676  4.107   1.00 17.05 ? 109 ASP A OD2   1 
ATOM   797  N  N     . THR A 1 110 ? -8.666  -4.014  0.776   1.00 11.78 ? 110 THR A N     1 
ATOM   798  C  CA    . THR A 1 110 ? -9.279  -4.463  -0.469  1.00 13.34 ? 110 THR A CA    1 
ATOM   799  C  C     . THR A 1 110 ? -9.126  -5.966  -0.702  1.00 14.60 ? 110 THR A C     1 
ATOM   800  O  O     . THR A 1 110 ? -9.930  -6.573  -1.417  1.00 13.39 ? 110 THR A O     1 
ATOM   801  C  CB    . THR A 1 110 ? -8.686  -3.718  -1.682  1.00 13.96 ? 110 THR A CB    1 
ATOM   802  O  OG1   . THR A 1 110 ? -7.259  -3.842  -1.669  1.00 15.19 ? 110 THR A OG1   1 
ATOM   803  C  CG2   . THR A 1 110 ? -9.057  -2.245  -1.639  1.00 14.83 ? 110 THR A CG2   1 
ATOM   804  N  N     . SER A 1 111 ? -8.103  -6.566  -0.098  1.00 16.33 ? 111 SER A N     1 
ATOM   805  C  CA    . SER A 1 111 ? -7.861  -7.997  -0.280  1.00 16.56 ? 111 SER A CA    1 
ATOM   806  C  C     . SER A 1 111 ? -8.880  -8.853  0.464   1.00 18.02 ? 111 SER A C     1 
ATOM   807  O  O     . SER A 1 111 ? -9.016  -10.043 0.186   1.00 17.42 ? 111 SER A O     1 
ATOM   808  C  CB    . SER A 1 111 ? -6.457  -8.376  0.195   1.00 16.92 ? 111 SER A CB    1 
ATOM   809  O  OG    . SER A 1 111 ? -6.408  -8.476  1.606   1.00 16.41 ? 111 SER A OG    1 
ATOM   810  N  N     . THR A 1 112 ? -9.586  -8.257  1.416   1.00 17.83 ? 112 THR A N     1 
ATOM   811  C  CA    . THR A 1 112 ? -10.581 -9.010  2.165   1.00 19.64 ? 112 THR A CA    1 
ATOM   812  C  C     . THR A 1 112 ? -11.986 -8.424  2.050   1.00 17.92 ? 112 THR A C     1 
ATOM   813  O  O     . THR A 1 112 ? -12.871 -8.773  2.828   1.00 16.67 ? 112 THR A O     1 
ATOM   814  C  CB    . THR A 1 112 ? -10.189 -9.125  3.655   1.00 19.55 ? 112 THR A CB    1 
ATOM   815  O  OG1   . THR A 1 112 ? -10.080 -7.822  4.232   1.00 20.36 ? 112 THR A OG1   1 
ATOM   816  C  CG2   . THR A 1 112 ? -8.855  -9.849  3.795   1.00 21.24 ? 112 THR A CG2   1 
ATOM   817  N  N     . ASP A 1 113 ? -12.190 -7.531  1.084   1.00 16.13 ? 113 ASP A N     1 
ATOM   818  C  CA    . ASP A 1 113 ? -13.511 -6.945  0.879   1.00 16.70 ? 113 ASP A CA    1 
ATOM   819  C  C     . ASP A 1 113 ? -14.284 -7.920  -0.002  1.00 16.82 ? 113 ASP A C     1 
ATOM   820  O  O     . ASP A 1 113 ? -14.112 -7.945  -1.222  1.00 14.15 ? 113 ASP A O     1 
ATOM   821  C  CB    . ASP A 1 113 ? -13.422 -5.586  0.171   1.00 15.64 ? 113 ASP A CB    1 
ATOM   822  C  CG    . ASP A 1 113 ? -14.781 -4.911  0.036   1.00 17.41 ? 113 ASP A CG    1 
ATOM   823  O  OD1   . ASP A 1 113 ? -15.803 -5.625  0.051   1.00 16.62 ? 113 ASP A OD1   1 
ATOM   824  O  OD2   . ASP A 1 113 ? -14.836 -3.670  -0.096  1.00 17.09 ? 113 ASP A OD2   1 
ATOM   825  N  N     . ARG A 1 114 ? -15.128 -8.723  0.638   1.00 18.95 ? 114 ARG A N     1 
ATOM   826  C  CA    . ARG A 1 114 ? -15.934 -9.732  -0.038  1.00 21.07 ? 114 ARG A CA    1 
ATOM   827  C  C     . ARG A 1 114 ? -16.777 -9.164  -1.172  1.00 20.15 ? 114 ARG A C     1 
ATOM   828  O  O     . ARG A 1 114 ? -17.075 -9.858  -2.139  1.00 20.39 ? 114 ARG A O     1 
ATOM   829  C  CB    . ARG A 1 114 ? -16.850 -10.414 0.982   1.00 24.57 ? 114 ARG A CB    1 
ATOM   830  C  CG    . ARG A 1 114 ? -17.727 -11.509 0.413   1.00 29.39 ? 114 ARG A CG    1 
ATOM   831  C  CD    . ARG A 1 114 ? -17.136 -12.879 0.677   1.00 31.65 ? 114 ARG A CD    1 
ATOM   832  N  NE    . ARG A 1 114 ? -17.929 -13.949 0.075   1.00 32.19 ? 114 ARG A NE    1 
ATOM   833  C  CZ    . ARG A 1 114 ? -17.645 -15.241 0.207   1.00 33.94 ? 114 ARG A CZ    1 
ATOM   834  N  NH1   . ARG A 1 114 ? -16.594 -15.612 0.926   1.00 35.03 ? 114 ARG A NH1   1 
ATOM   835  N  NH2   . ARG A 1 114 ? -18.392 -16.161 -0.394  1.00 33.75 ? 114 ARG A NH2   1 
ATOM   836  N  N     . LEU A 1 115 ? -17.175 -7.905  -1.050  1.00 18.43 ? 115 LEU A N     1 
ATOM   837  C  CA    . LEU A 1 115 ? -17.991 -7.277  -2.081  1.00 19.64 ? 115 LEU A CA    1 
ATOM   838  C  C     . LEU A 1 115 ? -17.227 -7.152  -3.394  1.00 19.47 ? 115 LEU A C     1 
ATOM   839  O  O     . LEU A 1 115 ? -17.759 -7.449  -4.464  1.00 19.80 ? 115 LEU A O     1 
ATOM   840  C  CB    . LEU A 1 115 ? -18.450 -5.896  -1.623  1.00 19.59 ? 115 LEU A CB    1 
ATOM   841  C  CG    . LEU A 1 115 ? -19.270 -5.128  -2.661  1.00 21.83 ? 115 LEU A CG    1 
ATOM   842  C  CD1   . LEU A 1 115 ? -20.463 -5.976  -3.096  1.00 23.58 ? 115 LEU A CD1   1 
ATOM   843  C  CD2   . LEU A 1 115 ? -19.732 -3.807  -2.069  1.00 23.94 ? 115 LEU A CD2   1 
ATOM   844  N  N     . LEU A 1 116 ? -15.980 -6.699  -3.309  1.00 19.22 ? 116 LEU A N     1 
ATOM   845  C  CA    . LEU A 1 116 ? -15.145 -6.547  -4.496  1.00 19.23 ? 116 LEU A CA    1 
ATOM   846  C  C     . LEU A 1 116 ? -14.880 -7.931  -5.077  1.00 19.29 ? 116 LEU A C     1 
ATOM   847  O  O     . LEU A 1 116 ? -14.876 -8.116  -6.291  1.00 20.68 ? 116 LEU A O     1 
ATOM   848  C  CB    . LEU A 1 116 ? -13.818 -5.869  -4.137  1.00 18.19 ? 116 LEU A CB    1 
ATOM   849  C  CG    . LEU A 1 116 ? -13.900 -4.460  -3.532  1.00 18.91 ? 116 LEU A CG    1 
ATOM   850  C  CD1   . LEU A 1 116 ? -12.492 -3.959  -3.227  1.00 18.42 ? 116 LEU A CD1   1 
ATOM   851  C  CD2   . LEU A 1 116 ? -14.600 -3.518  -4.500  1.00 18.48 ? 116 LEU A CD2   1 
ATOM   852  N  N     . TRP A 1 117 ? -14.657 -8.896  -4.193  1.00 20.01 ? 117 TRP A N     1 
ATOM   853  C  CA    . TRP A 1 117 ? -14.403 -10.275 -4.593  1.00 22.80 ? 117 TRP A CA    1 
ATOM   854  C  C     . TRP A 1 117 ? -15.579 -10.783 -5.428  1.00 22.64 ? 117 TRP A C     1 
ATOM   855  O  O     . TRP A 1 117 ? -15.404 -11.321 -6.520  1.00 22.09 ? 117 TRP A O     1 
ATOM   856  C  CB    . TRP A 1 117 ? -14.239 -11.140 -3.341  1.00 25.10 ? 117 TRP A CB    1 
ATOM   857  C  CG    . TRP A 1 117 ? -14.040 -12.595 -3.605  1.00 30.73 ? 117 TRP A CG    1 
ATOM   858  C  CD1   . TRP A 1 117 ? -12.867 -13.225 -3.911  1.00 32.83 ? 117 TRP A CD1   1 
ATOM   859  C  CD2   . TRP A 1 117 ? -15.046 -13.614 -3.566  1.00 32.00 ? 117 TRP A CD2   1 
ATOM   860  N  NE1   . TRP A 1 117 ? -13.080 -14.576 -4.059  1.00 34.53 ? 117 TRP A NE1   1 
ATOM   861  C  CE2   . TRP A 1 117 ? -14.409 -14.840 -3.853  1.00 34.28 ? 117 TRP A CE2   1 
ATOM   862  C  CE3   . TRP A 1 117 ? -16.421 -13.609 -3.316  1.00 33.18 ? 117 TRP A CE3   1 
ATOM   863  C  CZ2   . TRP A 1 117 ? -15.104 -16.048 -3.897  1.00 34.76 ? 117 TRP A CZ2   1 
ATOM   864  C  CZ3   . TRP A 1 117 ? -17.108 -14.810 -3.359  1.00 34.44 ? 117 TRP A CZ3   1 
ATOM   865  C  CH2   . TRP A 1 117 ? -16.448 -16.013 -3.647  1.00 34.24 ? 117 TRP A CH2   1 
ATOM   866  N  N     . ARG A 1 118 ? -16.784 -10.595 -4.902  1.00 22.28 ? 118 ARG A N     1 
ATOM   867  C  CA    . ARG A 1 118 ? -17.999 -11.036 -5.579  1.00 23.35 ? 118 ARG A CA    1 
ATOM   868  C  C     . ARG A 1 118 ? -18.186 -10.328 -6.921  1.00 24.15 ? 118 ARG A C     1 
ATOM   869  O  O     . ARG A 1 118 ? -18.493 -10.962 -7.931  1.00 22.90 ? 118 ARG A O     1 
ATOM   870  C  CB    . ARG A 1 118 ? -19.210 -10.774 -4.676  1.00 24.27 ? 118 ARG A CB    1 
ATOM   871  C  CG    . ARG A 1 118 ? -20.481 -11.479 -5.106  1.00 27.09 ? 118 ARG A CG    1 
ATOM   872  C  CD    . ARG A 1 118 ? -21.644 -11.127 -4.187  1.00 27.44 ? 118 ARG A CD    1 
ATOM   873  N  NE    . ARG A 1 118 ? -22.860 -11.859 -4.532  1.00 30.62 ? 118 ARG A NE    1 
ATOM   874  C  CZ    . ARG A 1 118 ? -23.103 -13.122 -4.187  1.00 31.01 ? 118 ARG A CZ    1 
ATOM   875  N  NH1   . ARG A 1 118 ? -22.215 -13.806 -3.478  1.00 31.16 ? 118 ARG A NH1   1 
ATOM   876  N  NH2   . ARG A 1 118 ? -24.237 -13.701 -4.550  1.00 32.23 ? 118 ARG A NH2   1 
ATOM   877  N  N     . GLU A 1 119 ? -17.992 -9.013  -6.930  1.00 23.33 ? 119 GLU A N     1 
ATOM   878  C  CA    . GLU A 1 119 ? -18.151 -8.225  -8.147  1.00 24.40 ? 119 GLU A CA    1 
ATOM   879  C  C     . GLU A 1 119 ? -17.125 -8.548  -9.227  1.00 24.08 ? 119 GLU A C     1 
ATOM   880  O  O     . GLU A 1 119 ? -17.401 -8.397  -10.416 1.00 21.87 ? 119 GLU A O     1 
ATOM   881  C  CB    . GLU A 1 119 ? -18.089 -6.732  -7.818  1.00 26.86 ? 119 GLU A CB    1 
ATOM   882  C  CG    . GLU A 1 119 ? -19.268 -6.238  -7.005  1.00 30.47 ? 119 GLU A CG    1 
ATOM   883  C  CD    . GLU A 1 119 ? -20.595 -6.525  -7.683  1.00 33.26 ? 119 GLU A CD    1 
ATOM   884  O  OE1   . GLU A 1 119 ? -20.760 -6.134  -8.859  1.00 33.60 ? 119 GLU A OE1   1 
ATOM   885  O  OE2   . GLU A 1 119 ? -21.469 -7.145  -7.042  1.00 36.01 ? 119 GLU A OE2   1 
ATOM   886  N  N     . ALA A 1 120 ? -15.940 -8.988  -8.814  1.00 23.97 ? 120 ALA A N     1 
ATOM   887  C  CA    . ALA A 1 120 ? -14.887 -9.323  -9.764  1.00 25.37 ? 120 ALA A CA    1 
ATOM   888  C  C     . ALA A 1 120 ? -15.062 -10.746 -10.284 1.00 27.48 ? 120 ALA A C     1 
ATOM   889  O  O     . ALA A 1 120 ? -14.351 -11.174 -11.193 1.00 27.22 ? 120 ALA A O     1 
ATOM   890  C  CB    . ALA A 1 120 ? -13.523 -9.165  -9.109  1.00 25.47 ? 120 ALA A CB    1 
ATOM   891  N  N     . LYS A 1 121 ? -16.011 -11.474 -9.703  1.00 30.52 ? 121 LYS A N     1 
ATOM   892  C  CA    . LYS A 1 121 ? -16.283 -12.850 -10.110 1.00 34.76 ? 121 LYS A CA    1 
ATOM   893  C  C     . LYS A 1 121 ? -15.009 -13.690 -10.096 1.00 37.12 ? 121 LYS A C     1 
ATOM   894  O  O     . LYS A 1 121 ? -14.646 -14.299 -11.100 1.00 38.55 ? 121 LYS A O     1 
ATOM   895  C  CB    . LYS A 1 121 ? -16.887 -12.867 -11.515 1.00 34.24 ? 121 LYS A CB    1 
ATOM   896  C  CG    . LYS A 1 121 ? -18.083 -11.946 -11.682 1.00 36.04 ? 121 LYS A CG    1 
ATOM   897  C  CD    . LYS A 1 121 ? -18.584 -11.947 -13.116 1.00 38.72 ? 121 LYS A CD    1 
ATOM   898  C  CE    . LYS A 1 121 ? -19.625 -10.859 -13.340 1.00 39.97 ? 121 LYS A CE    1 
ATOM   899  N  NZ    . LYS A 1 121 ? -20.804 -11.013 -12.446 1.00 40.96 ? 121 LYS A NZ    1 
ATOM   900  N  N     . LEU A 1 122 ? -14.329 -13.716 -8.954  1.00 40.36 ? 122 LEU A N     1 
ATOM   901  C  CA    . LEU A 1 122 ? -13.094 -14.482 -8.818  1.00 42.44 ? 122 LEU A CA    1 
ATOM   902  C  C     . LEU A 1 122 ? -13.356 -15.923 -8.389  1.00 43.87 ? 122 LEU A C     1 
ATOM   903  O  O     . LEU A 1 122 ? -14.268 -16.198 -7.606  1.00 44.62 ? 122 LEU A O     1 
ATOM   904  C  CB    . LEU A 1 122 ? -12.168 -13.803 -7.807  1.00 43.96 ? 122 LEU A CB    1 
ATOM   905  C  CG    . LEU A 1 122 ? -11.726 -12.382 -8.167  1.00 44.95 ? 122 LEU A CG    1 
ATOM   906  C  CD1   . LEU A 1 122 ? -10.803 -11.839 -7.085  1.00 46.11 ? 122 LEU A CD1   1 
ATOM   907  C  CD2   . LEU A 1 122 ? -11.022 -12.396 -9.514  1.00 46.01 ? 122 LEU A CD2   1 
ATOM   908  N  N     . VAL A 1 128 ? -6.407  -13.034 -3.700  1.00 32.12 ? 128 VAL A N     1 
ATOM   909  C  CA    . VAL A 1 128 ? -6.964  -11.896 -4.425  1.00 29.84 ? 128 VAL A CA    1 
ATOM   910  C  C     . VAL A 1 128 ? -5.875  -10.863 -4.682  1.00 27.71 ? 128 VAL A C     1 
ATOM   911  O  O     . VAL A 1 128 ? -5.416  -10.196 -3.754  1.00 29.85 ? 128 VAL A O     1 
ATOM   912  C  CB    . VAL A 1 128 ? -8.089  -11.212 -3.623  1.00 31.51 ? 128 VAL A CB    1 
ATOM   913  C  CG1   . VAL A 1 128 ? -8.760  -10.148 -4.481  1.00 32.13 ? 128 VAL A CG1   1 
ATOM   914  C  CG2   . VAL A 1 128 ? -9.098  -12.244 -3.149  1.00 32.46 ? 128 VAL A CG2   1 
ATOM   915  N  N     . SER A 1 129 ? -5.459  -10.723 -5.935  1.00 23.69 ? 129 SER A N     1 
ATOM   916  C  CA    . SER A 1 129 ? -4.414  -9.761  -6.245  1.00 19.45 ? 129 SER A CA    1 
ATOM   917  C  C     . SER A 1 129 ? -5.015  -8.402  -6.573  1.00 18.35 ? 129 SER A C     1 
ATOM   918  O  O     . SER A 1 129 ? -6.111  -8.303  -7.127  1.00 15.65 ? 129 SER A O     1 
ATOM   919  C  CB    . SER A 1 129 ? -3.554  -10.243 -7.415  1.00 21.40 ? 129 SER A CB    1 
ATOM   920  O  OG    . SER A 1 129 ? -4.142  -9.923  -8.658  1.00 21.46 ? 129 SER A OG    1 
ATOM   921  N  N     . LEU A 1 130 ? -4.286  -7.356  -6.214  1.00 15.80 ? 130 LEU A N     1 
ATOM   922  C  CA    . LEU A 1 130 ? -4.728  -5.994  -6.462  1.00 16.22 ? 130 LEU A CA    1 
ATOM   923  C  C     . LEU A 1 130 ? -4.816  -5.731  -7.963  1.00 16.23 ? 130 LEU A C     1 
ATOM   924  O  O     . LEU A 1 130 ? -5.692  -5.002  -8.429  1.00 17.41 ? 130 LEU A O     1 
ATOM   925  C  CB    . LEU A 1 130 ? -3.748  -5.015  -5.824  1.00 14.26 ? 130 LEU A CB    1 
ATOM   926  C  CG    . LEU A 1 130 ? -4.092  -3.539  -6.003  1.00 14.81 ? 130 LEU A CG    1 
ATOM   927  C  CD1   . LEU A 1 130 ? -5.470  -3.257  -5.405  1.00 14.45 ? 130 LEU A CD1   1 
ATOM   928  C  CD2   . LEU A 1 130 ? -3.026  -2.698  -5.322  1.00 12.96 ? 130 LEU A CD2   1 
ATOM   929  N  N     . ARG A 1 131 ? -3.903  -6.328  -8.718  1.00 18.86 ? 131 ARG A N     1 
ATOM   930  C  CA    . ARG A 1 131 ? -3.887  -6.149  -10.163 1.00 19.00 ? 131 ARG A CA    1 
ATOM   931  C  C     . ARG A 1 131 ? -5.168  -6.686  -10.799 1.00 19.22 ? 131 ARG A C     1 
ATOM   932  O  O     . ARG A 1 131 ? -5.735  -6.057  -11.695 1.00 18.83 ? 131 ARG A O     1 
ATOM   933  C  CB    . ARG A 1 131 ? -2.667  -6.847  -10.769 1.00 20.18 ? 131 ARG A CB    1 
ATOM   934  C  CG    . ARG A 1 131 ? -2.474  -6.571  -12.255 1.00 24.44 ? 131 ARG A CG    1 
ATOM   935  C  CD    . ARG A 1 131 ? -1.166  -7.160  -12.768 1.00 27.54 ? 131 ARG A CD    1 
ATOM   936  N  NE    . ARG A 1 131 ? -0.942  -6.849  -14.179 1.00 31.28 ? 131 ARG A NE    1 
ATOM   937  C  CZ    . ARG A 1 131 ? 0.080   -7.313  -14.890 0.00 30.56 ? 131 ARG A CZ    1 
ATOM   938  N  NH1   . ARG A 1 131 ? 0.977   -8.110  -14.323 0.00 31.03 ? 131 ARG A NH1   1 
ATOM   939  N  NH2   . ARG A 1 131 ? 0.204   -6.989  -16.169 0.00 31.03 ? 131 ARG A NH2   1 
ATOM   940  N  N     . VAL A 1 132 ? -5.624  -7.847  -10.334 1.00 18.76 ? 132 VAL A N     1 
ATOM   941  C  CA    . VAL A 1 132 ? -6.842  -8.443  -10.872 1.00 18.19 ? 132 VAL A CA    1 
ATOM   942  C  C     . VAL A 1 132 ? -8.064  -7.600  -10.511 1.00 17.13 ? 132 VAL A C     1 
ATOM   943  O  O     . VAL A 1 132 ? -8.913  -7.340  -11.358 1.00 17.34 ? 132 VAL A O     1 
ATOM   944  C  CB    . VAL A 1 132 ? -7.041  -9.888  -10.355 1.00 19.51 ? 132 VAL A CB    1 
ATOM   945  C  CG1   . VAL A 1 132 ? -8.393  -10.425 -10.803 1.00 20.90 ? 132 VAL A CG1   1 
ATOM   946  C  CG2   . VAL A 1 132 ? -5.932  -10.785 -10.886 1.00 19.62 ? 132 VAL A CG2   1 
ATOM   947  N  N     . LEU A 1 133 ? -8.149  -7.166  -9.257  1.00 17.16 ? 133 LEU A N     1 
ATOM   948  C  CA    . LEU A 1 133 ? -9.276  -6.339  -8.830  1.00 16.29 ? 133 LEU A CA    1 
ATOM   949  C  C     . LEU A 1 133 ? -9.305  -5.033  -9.626  1.00 17.97 ? 133 LEU A C     1 
ATOM   950  O  O     . LEU A 1 133 ? -10.367 -4.587  -10.066 1.00 18.30 ? 133 LEU A O     1 
ATOM   951  C  CB    . LEU A 1 133 ? -9.180  -6.017  -7.333  1.00 15.78 ? 133 LEU A CB    1 
ATOM   952  C  CG    . LEU A 1 133 ? -9.398  -7.148  -6.328  1.00 16.49 ? 133 LEU A CG    1 
ATOM   953  C  CD1   . LEU A 1 133 ? -9.199  -6.610  -4.915  1.00 16.59 ? 133 LEU A CD1   1 
ATOM   954  C  CD2   . LEU A 1 133 ? -10.806 -7.729  -6.489  1.00 16.80 ? 133 LEU A CD2   1 
ATOM   955  N  N     . SER A 1 134 ? -8.136  -4.424  -9.809  1.00 18.58 ? 134 SER A N     1 
ATOM   956  C  CA    . SER A 1 134 ? -8.038  -3.171  -10.555 1.00 19.14 ? 134 SER A CA    1 
ATOM   957  C  C     . SER A 1 134 ? -8.464  -3.367  -12.005 1.00 20.65 ? 134 SER A C     1 
ATOM   958  O  O     . SER A 1 134 ? -9.185  -2.549  -12.571 1.00 21.18 ? 134 SER A O     1 
ATOM   959  C  CB    . SER A 1 134 ? -6.606  -2.633  -10.514 1.00 20.02 ? 134 SER A CB    1 
ATOM   960  O  OG    . SER A 1 134 ? -6.239  -2.271  -9.196  1.00 24.58 ? 134 SER A OG    1 
ATOM   961  N  N     . GLU A 1 135 ? -8.011  -4.461  -12.604 1.00 21.06 ? 135 GLU A N     1 
ATOM   962  C  CA    . GLU A 1 135 ? -8.345  -4.754  -13.988 1.00 22.54 ? 135 GLU A CA    1 
ATOM   963  C  C     . GLU A 1 135 ? -9.838  -4.996  -14.194 1.00 22.57 ? 135 GLU A C     1 
ATOM   964  O  O     . GLU A 1 135 ? -10.460 -4.404  -15.081 1.00 21.56 ? 135 GLU A O     1 
ATOM   965  C  CB    . GLU A 1 135 ? -7.570  -5.983  -14.461 1.00 24.89 ? 135 GLU A CB    1 
ATOM   966  C  CG    . GLU A 1 135 ? -7.727  -6.264  -15.944 1.00 32.34 ? 135 GLU A CG    1 
ATOM   967  C  CD    . GLU A 1 135 ? -7.247  -5.106  -16.798 1.00 36.26 ? 135 GLU A CD    1 
ATOM   968  O  OE1   . GLU A 1 135 ? -6.060  -4.732  -16.676 1.00 38.89 ? 135 GLU A OE1   1 
ATOM   969  O  OE2   . GLU A 1 135 ? -8.057  -4.569  -17.585 1.00 39.46 ? 135 GLU A OE2   1 
ATOM   970  N  N     . ARG A 1 136 ? -10.413 -5.858  -13.363 1.00 21.44 ? 136 ARG A N     1 
ATOM   971  C  CA    . ARG A 1 136 ? -11.825 -6.207  -13.481 1.00 21.32 ? 136 ARG A CA    1 
ATOM   972  C  C     . ARG A 1 136 ? -12.837 -5.193  -12.966 1.00 20.03 ? 136 ARG A C     1 
ATOM   973  O  O     . ARG A 1 136 ? -13.913 -5.053  -13.539 1.00 18.87 ? 136 ARG A O     1 
ATOM   974  C  CB    . ARG A 1 136 ? -12.078 -7.550  -12.796 1.00 22.62 ? 136 ARG A CB    1 
ATOM   975  C  CG    . ARG A 1 136 ? -11.277 -8.688  -13.391 1.00 26.07 ? 136 ARG A CG    1 
ATOM   976  C  CD    . ARG A 1 136 ? -11.680 -10.020 -12.790 1.00 28.87 ? 136 ARG A CD    1 
ATOM   977  N  NE    . ARG A 1 136 ? -10.883 -11.114 -13.331 1.00 31.32 ? 136 ARG A NE    1 
ATOM   978  C  CZ    . ARG A 1 136 ? -11.151 -12.401 -13.134 1.00 34.86 ? 136 ARG A CZ    1 
ATOM   979  N  NH1   . ARG A 1 136 ? -12.203 -12.755 -12.408 1.00 34.79 ? 136 ARG A NH1   1 
ATOM   980  N  NH2   . ARG A 1 136 ? -10.366 -13.331 -13.660 1.00 35.41 ? 136 ARG A NH2   1 
ATOM   981  N  N     . LEU A 1 137 ? -12.507 -4.485  -11.891 1.00 18.79 ? 137 LEU A N     1 
ATOM   982  C  CA    . LEU A 1 137 ? -13.447 -3.523  -11.332 1.00 18.91 ? 137 LEU A CA    1 
ATOM   983  C  C     . LEU A 1 137 ? -13.185 -2.070  -11.712 1.00 19.00 ? 137 LEU A C     1 
ATOM   984  O  O     . LEU A 1 137 ? -14.119 -1.280  -11.837 1.00 19.59 ? 137 LEU A O     1 
ATOM   985  C  CB    . LEU A 1 137 ? -13.478 -3.660  -9.810  1.00 17.98 ? 137 LEU A CB    1 
ATOM   986  C  CG    . LEU A 1 137 ? -13.863 -5.059  -9.325  1.00 18.89 ? 137 LEU A CG    1 
ATOM   987  C  CD1   . LEU A 1 137 ? -13.805 -5.117  -7.810  1.00 17.89 ? 137 LEU A CD1   1 
ATOM   988  C  CD2   . LEU A 1 137 ? -15.258 -5.402  -9.829  1.00 20.11 ? 137 LEU A CD2   1 
ATOM   989  N  N     . LEU A 1 138 ? -11.920 -1.715  -11.897 1.00 18.58 ? 138 LEU A N     1 
ATOM   990  C  CA    . LEU A 1 138 ? -11.575 -0.342  -12.253 1.00 19.27 ? 138 LEU A CA    1 
ATOM   991  C  C     . LEU A 1 138 ? -11.224 -0.223  -13.729 1.00 19.52 ? 138 LEU A C     1 
ATOM   992  O  O     . LEU A 1 138 ? -11.139 0.886   -14.263 1.00 18.50 ? 138 LEU A O     1 
ATOM   993  C  CB    . LEU A 1 138 ? -10.382 0.141   -11.422 1.00 19.06 ? 138 LEU A CB    1 
ATOM   994  C  CG    . LEU A 1 138 ? -10.516 0.140   -9.899  1.00 18.65 ? 138 LEU A CG    1 
ATOM   995  C  CD1   . LEU A 1 138 ? -9.194  0.579   -9.283  1.00 19.70 ? 138 LEU A CD1   1 
ATOM   996  C  CD2   . LEU A 1 138 ? -11.642 1.071   -9.478  1.00 18.76 ? 138 LEU A CD2   1 
ATOM   997  N  N     . HIS A 1 139 ? -11.031 -1.365  -14.384 1.00 19.09 ? 139 HIS A N     1 
ATOM   998  C  CA    . HIS A 1 139 ? -10.648 -1.371  -15.790 1.00 22.06 ? 139 HIS A CA    1 
ATOM   999  C  C     . HIS A 1 139 ? -9.370  -0.547  -15.869 1.00 22.30 ? 139 HIS A C     1 
ATOM   1000 O  O     . HIS A 1 139 ? -9.180  0.259   -16.780 1.00 21.55 ? 139 HIS A O     1 
ATOM   1001 C  CB    . HIS A 1 139 ? -11.745 -0.745  -16.652 1.00 25.30 ? 139 HIS A CB    1 
ATOM   1002 C  CG    . HIS A 1 139 ? -12.987 -1.578  -16.744 1.00 30.60 ? 139 HIS A CG    1 
ATOM   1003 N  ND1   . HIS A 1 139 ? -13.572 -2.164  -15.643 1.00 32.50 ? 139 HIS A ND1   1 
ATOM   1004 C  CD2   . HIS A 1 139 ? -13.758 -1.916  -17.805 1.00 32.78 ? 139 HIS A CD2   1 
ATOM   1005 C  CE1   . HIS A 1 139 ? -14.650 -2.828  -16.021 1.00 33.40 ? 139 HIS A CE1   1 
ATOM   1006 N  NE2   . HIS A 1 139 ? -14.785 -2.694  -17.328 1.00 34.40 ? 139 HIS A NE2   1 
ATOM   1007 N  N     . LYS A 1 140 ? -8.506  -0.759  -14.880 1.00 22.33 ? 140 LYS A N     1 
ATOM   1008 C  CA    . LYS A 1 140 ? -7.234  -0.058  -14.776 1.00 25.57 ? 140 LYS A CA    1 
ATOM   1009 C  C     . LYS A 1 140 ? -6.090  -1.058  -14.659 1.00 25.69 ? 140 LYS A C     1 
ATOM   1010 O  O     . LYS A 1 140 ? -6.069  -1.891  -13.752 1.00 25.77 ? 140 LYS A O     1 
ATOM   1011 C  CB    . LYS A 1 140 ? -7.242  0.851   -13.542 1.00 26.83 ? 140 LYS A CB    1 
ATOM   1012 C  CG    . LYS A 1 140 ? -5.926  1.565   -13.280 1.00 30.92 ? 140 LYS A CG    1 
ATOM   1013 C  CD    . LYS A 1 140 ? -5.945  2.303   -11.951 1.00 33.84 ? 140 LYS A CD    1 
ATOM   1014 C  CE    . LYS A 1 140 ? -4.630  3.034   -11.715 1.00 37.22 ? 140 LYS A CE    1 
ATOM   1015 N  NZ    . LYS A 1 140 ? -4.552  3.644   -10.358 1.00 40.11 ? 140 LYS A NZ    1 
ATOM   1016 N  N     . SER A 1 141 ? -5.135  -0.974  -15.578 1.00 26.01 ? 141 SER A N     1 
ATOM   1017 C  CA    . SER A 1 141 ? -3.992  -1.875  -15.554 1.00 26.64 ? 141 SER A CA    1 
ATOM   1018 C  C     . SER A 1 141 ? -2.889  -1.243  -14.712 1.00 25.63 ? 141 SER A C     1 
ATOM   1019 O  O     . SER A 1 141 ? -2.458  -0.125  -14.984 1.00 26.34 ? 141 SER A O     1 
ATOM   1020 C  CB    . SER A 1 141 ? -3.487  -2.125  -16.977 1.00 28.43 ? 141 SER A CB    1 
ATOM   1021 O  OG    . SER A 1 141 ? -2.585  -3.218  -17.006 1.00 32.44 ? 141 SER A OG    1 
ATOM   1022 N  N     . ILE A 1 142 ? -2.439  -1.955  -13.687 1.00 24.22 ? 142 ILE A N     1 
ATOM   1023 C  CA    . ILE A 1 142 ? -1.393  -1.446  -12.811 1.00 22.38 ? 142 ILE A CA    1 
ATOM   1024 C  C     . ILE A 1 142 ? -0.209  -2.397  -12.718 1.00 23.85 ? 142 ILE A C     1 
ATOM   1025 O  O     . ILE A 1 142 ? -0.289  -3.556  -13.136 1.00 21.52 ? 142 ILE A O     1 
ATOM   1026 C  CB    . ILE A 1 142 ? -1.910  -1.236  -11.371 1.00 21.56 ? 142 ILE A CB    1 
ATOM   1027 C  CG1   . ILE A 1 142 ? -2.246  -2.593  -10.745 1.00 21.41 ? 142 ILE A CG1   1 
ATOM   1028 C  CG2   . ILE A 1 142 ? -3.130  -0.320  -11.378 1.00 22.06 ? 142 ILE A CG2   1 
ATOM   1029 C  CD1   . ILE A 1 142 ? -2.667  -2.519  -9.286  1.00 18.82 ? 142 ILE A CD1   1 
ATOM   1030 N  N     . GLN A 1 143 ? 0.888   -1.891  -12.164 1.00 23.59 ? 143 GLN A N     1 
ATOM   1031 C  CA    . GLN A 1 143 ? 2.091   -2.684  -11.960 1.00 26.09 ? 143 GLN A CA    1 
ATOM   1032 C  C     . GLN A 1 143 ? 2.633   -3.311  -13.242 1.00 28.07 ? 143 GLN A C     1 
ATOM   1033 O  O     . GLN A 1 143 ? 2.976   -4.489  -13.265 1.00 29.75 ? 143 GLN A O     1 
ATOM   1034 C  CB    . GLN A 1 143 ? 1.790   -3.764  -10.913 1.00 24.98 ? 143 GLN A CB    1 
ATOM   1035 C  CG    . GLN A 1 143 ? 1.398   -3.173  -9.557  1.00 22.70 ? 143 GLN A CG    1 
ATOM   1036 C  CD    . GLN A 1 143 ? 0.818   -4.192  -8.591  1.00 24.32 ? 143 GLN A CD    1 
ATOM   1037 O  OE1   . GLN A 1 143 ? 0.695   -3.923  -7.392  1.00 23.52 ? 143 GLN A OE1   1 
ATOM   1038 N  NE2   . GLN A 1 143 ? 0.449   -5.360  -9.106  1.00 20.00 ? 143 GLN A NE2   1 
ATOM   1039 N  N     . ASN A 1 144 ? 2.728   -2.512  -14.301 1.00 31.49 ? 144 ASN A N     1 
ATOM   1040 C  CA    . ASN A 1 144 ? 3.221   -3.007  -15.584 1.00 34.90 ? 144 ASN A CA    1 
ATOM   1041 C  C     . ASN A 1 144 ? 4.530   -2.372  -16.046 1.00 35.17 ? 144 ASN A C     1 
ATOM   1042 O  O     . ASN A 1 144 ? 5.101   -2.793  -17.051 1.00 36.25 ? 144 ASN A O     1 
ATOM   1043 C  CB    . ASN A 1 144 ? 2.170   -2.784  -16.676 1.00 36.71 ? 144 ASN A CB    1 
ATOM   1044 C  CG    . ASN A 1 144 ? 0.804   -3.293  -16.283 1.00 38.51 ? 144 ASN A CG    1 
ATOM   1045 O  OD1   . ASN A 1 144 ? 0.646   -4.454  -15.902 1.00 39.73 ? 144 ASN A OD1   1 
ATOM   1046 N  ND2   . ASN A 1 144 ? -0.197  -2.426  -16.379 1.00 39.23 ? 144 ASN A ND2   1 
ATOM   1047 N  N     . SER A 1 145 ? 5.007   -1.363  -15.324 1.00 35.57 ? 145 SER A N     1 
ATOM   1048 C  CA    . SER A 1 145 ? 6.238   -0.680  -15.711 1.00 36.70 ? 145 SER A CA    1 
ATOM   1049 C  C     . SER A 1 145 ? 7.498   -1.520  -15.549 1.00 37.16 ? 145 SER A C     1 
ATOM   1050 O  O     . SER A 1 145 ? 7.632   -2.287  -14.593 1.00 36.87 ? 145 SER A O     1 
ATOM   1051 C  CB    . SER A 1 145 ? 6.399   0.616   -14.913 1.00 37.11 ? 145 SER A CB    1 
ATOM   1052 O  OG    . SER A 1 145 ? 7.624   1.259   -15.235 1.00 37.17 ? 145 SER A OG    1 
ATOM   1053 N  N     . LEU A 1 146 ? 8.423   -1.369  -16.494 1.00 37.84 ? 146 LEU A N     1 
ATOM   1054 C  CA    . LEU A 1 146 ? 9.687   -2.094  -16.444 1.00 38.01 ? 146 LEU A CA    1 
ATOM   1055 C  C     . LEU A 1 146 ? 10.522  -1.487  -15.321 1.00 36.97 ? 146 LEU A C     1 
ATOM   1056 O  O     . LEU A 1 146 ? 11.523  -2.059  -14.891 1.00 37.64 ? 146 LEU A O     1 
ATOM   1057 C  CB    . LEU A 1 146 ? 10.439  -1.966  -17.773 1.00 39.91 ? 146 LEU A CB    1 
ATOM   1058 C  CG    . LEU A 1 146 ? 9.788   -2.595  -19.011 1.00 41.49 ? 146 LEU A CG    1 
ATOM   1059 C  CD1   . LEU A 1 146 ? 10.612  -2.270  -20.246 1.00 42.22 ? 146 LEU A CD1   1 
ATOM   1060 C  CD2   . LEU A 1 146 ? 9.677   -4.099  -18.825 1.00 41.48 ? 146 LEU A CD2   1 
ATOM   1061 N  N     . LEU A 1 147 ? 10.097  -0.318  -14.854 1.00 35.49 ? 147 LEU A N     1 
ATOM   1062 C  CA    . LEU A 1 147 ? 10.786  0.377   -13.775 1.00 34.39 ? 147 LEU A CA    1 
ATOM   1063 C  C     . LEU A 1 147 ? 10.359  -0.190  -12.423 1.00 32.23 ? 147 LEU A C     1 
ATOM   1064 O  O     . LEU A 1 147 ? 10.947  0.129   -11.391 1.00 32.50 ? 147 LEU A O     1 
ATOM   1065 C  CB    . LEU A 1 147 ? 10.471  1.875   -13.829 1.00 36.26 ? 147 LEU A CB    1 
ATOM   1066 C  CG    . LEU A 1 147 ? 10.842  2.595   -15.129 1.00 38.63 ? 147 LEU A CG    1 
ATOM   1067 C  CD1   . LEU A 1 147 ? 10.456  4.063   -15.033 1.00 39.78 ? 147 LEU A CD1   1 
ATOM   1068 C  CD2   . LEU A 1 147 ? 12.337  2.447   -15.385 1.00 39.34 ? 147 LEU A CD2   1 
ATOM   1069 N  N     . GLY A 1 148 ? 9.334   -1.036  -12.436 1.00 28.52 ? 148 GLY A N     1 
ATOM   1070 C  CA    . GLY A 1 148 ? 8.850   -1.629  -11.203 1.00 26.13 ? 148 GLY A CA    1 
ATOM   1071 C  C     . GLY A 1 148 ? 7.497   -1.085  -10.781 1.00 23.72 ? 148 GLY A C     1 
ATOM   1072 O  O     . GLY A 1 148 ? 6.954   -0.180  -11.413 1.00 21.60 ? 148 GLY A O     1 
ATOM   1073 N  N     . HIS A 1 149 ? 6.947   -1.639  -9.709  1.00 21.67 ? 149 HIS A N     1 
ATOM   1074 C  CA    . HIS A 1 149 ? 5.652   -1.187  -9.223  1.00 21.76 ? 149 HIS A CA    1 
ATOM   1075 C  C     . HIS A 1 149 ? 5.772   0.214   -8.647  1.00 21.87 ? 149 HIS A C     1 
ATOM   1076 O  O     . HIS A 1 149 ? 6.832   0.602   -8.146  1.00 20.32 ? 149 HIS A O     1 
ATOM   1077 C  CB    . HIS A 1 149 ? 5.126   -2.117  -8.126  1.00 20.26 ? 149 HIS A CB    1 
ATOM   1078 C  CG    . HIS A 1 149 ? 4.856   -3.514  -8.588  1.00 18.99 ? 149 HIS A CG    1 
ATOM   1079 N  ND1   . HIS A 1 149 ? 4.340   -4.483  -7.754  1.00 18.07 ? 149 HIS A ND1   1 
ATOM   1080 C  CD2   . HIS A 1 149 ? 5.037   -4.109  -9.791  1.00 19.87 ? 149 HIS A CD2   1 
ATOM   1081 C  CE1   . HIS A 1 149 ? 4.215   -5.615  -8.424  1.00 19.13 ? 149 HIS A CE1   1 
ATOM   1082 N  NE2   . HIS A 1 149 ? 4.631   -5.416  -9.662  1.00 18.00 ? 149 HIS A NE2   1 
ATOM   1083 N  N     . SER A 1 150 ? 4.684   0.971   -8.739  1.00 21.05 ? 150 SER A N     1 
ATOM   1084 C  CA    . SER A 1 150 ? 4.628   2.320   -8.189  1.00 20.80 ? 150 SER A CA    1 
ATOM   1085 C  C     . SER A 1 150 ? 3.683   2.251   -7.000  1.00 19.89 ? 150 SER A C     1 
ATOM   1086 O  O     . SER A 1 150 ? 2.512   1.907   -7.158  1.00 18.19 ? 150 SER A O     1 
ATOM   1087 C  CB    . SER A 1 150 ? 4.068   3.312   -9.208  1.00 22.03 ? 150 SER A CB    1 
ATOM   1088 O  OG    . SER A 1 150 ? 3.724   4.535   -8.571  1.00 23.02 ? 150 SER A OG    1 
ATOM   1089 N  N     . SER A 1 151 ? 4.190   2.557   -5.812  1.00 17.78 ? 151 SER A N     1 
ATOM   1090 C  CA    . SER A 1 151 ? 3.351   2.524   -4.628  1.00 16.61 ? 151 SER A CA    1 
ATOM   1091 C  C     . SER A 1 151 ? 2.313   3.645   -4.672  1.00 14.74 ? 151 SER A C     1 
ATOM   1092 O  O     . SER A 1 151 ? 1.291   3.580   -3.986  1.00 14.01 ? 151 SER A O     1 
ATOM   1093 C  CB    . SER A 1 151 ? 4.210   2.612   -3.357  1.00 17.37 ? 151 SER A CB    1 
ATOM   1094 O  OG    . SER A 1 151 ? 5.226   3.587   -3.478  1.00 18.75 ? 151 SER A OG    1 
ATOM   1095 N  N     . VAL A 1 152 ? 2.563   4.675   -5.475  1.00 13.75 ? 152 VAL A N     1 
ATOM   1096 C  CA    . VAL A 1 152 ? 1.590   5.753   -5.589  1.00 13.73 ? 152 VAL A CA    1 
ATOM   1097 C  C     . VAL A 1 152 ? 0.405   5.225   -6.391  1.00 14.87 ? 152 VAL A C     1 
ATOM   1098 O  O     . VAL A 1 152 ? -0.743  5.446   -6.027  1.00 12.12 ? 152 VAL A O     1 
ATOM   1099 C  CB    . VAL A 1 152 ? 2.174   6.994   -6.302  1.00 14.61 ? 152 VAL A CB    1 
ATOM   1100 C  CG1   . VAL A 1 152 ? 1.050   7.951   -6.692  1.00 14.32 ? 152 VAL A CG1   1 
ATOM   1101 C  CG2   . VAL A 1 152 ? 3.160   7.704   -5.374  1.00 15.18 ? 152 VAL A CG2   1 
ATOM   1102 N  N     . GLU A 1 153 ? 0.692   4.522   -7.483  1.00 16.06 ? 153 GLU A N     1 
ATOM   1103 C  CA    . GLU A 1 153 ? -0.361  3.950   -8.319  1.00 16.27 ? 153 GLU A CA    1 
ATOM   1104 C  C     . GLU A 1 153 ? -1.117  2.864   -7.553  1.00 14.53 ? 153 GLU A C     1 
ATOM   1105 O  O     . GLU A 1 153 ? -2.343  2.781   -7.620  1.00 13.73 ? 153 GLU A O     1 
ATOM   1106 C  CB    . GLU A 1 153 ? 0.240   3.356   -9.602  1.00 19.92 ? 153 GLU A CB    1 
ATOM   1107 C  CG    . GLU A 1 153 ? -0.742  2.515   -10.415 1.00 22.42 ? 153 GLU A CG    1 
ATOM   1108 C  CD    . GLU A 1 153 ? -0.169  2.040   -11.746 1.00 26.13 ? 153 GLU A CD    1 
ATOM   1109 O  OE1   . GLU A 1 153 ? 0.851   1.313   -11.744 1.00 25.25 ? 153 GLU A OE1   1 
ATOM   1110 O  OE2   . GLU A 1 153 ? -0.751  2.398   -12.795 1.00 25.56 ? 153 GLU A OE2   1 
ATOM   1111 N  N     . ASP A 1 154 ? -0.380  2.033   -6.824  1.00 12.45 ? 154 ASP A N     1 
ATOM   1112 C  CA    . ASP A 1 154 ? -0.992  0.958   -6.053  1.00 12.04 ? 154 ASP A CA    1 
ATOM   1113 C  C     . ASP A 1 154 ? -1.897  1.519   -4.955  1.00 13.14 ? 154 ASP A C     1 
ATOM   1114 O  O     . ASP A 1 154 ? -2.985  1.000   -4.716  1.00 11.02 ? 154 ASP A O     1 
ATOM   1115 C  CB    . ASP A 1 154 ? 0.090   0.066   -5.435  1.00 11.49 ? 154 ASP A CB    1 
ATOM   1116 C  CG    . ASP A 1 154 ? 0.875   -0.719  -6.480  1.00 14.78 ? 154 ASP A CG    1 
ATOM   1117 O  OD1   . ASP A 1 154 ? 0.515   -0.672  -7.679  1.00 14.53 ? 154 ASP A OD1   1 
ATOM   1118 O  OD2   . ASP A 1 154 ? 1.851   -1.393  -6.096  1.00 15.41 ? 154 ASP A OD2   1 
ATOM   1119 N  N     . ALA A 1 155 ? -1.446  2.582   -4.291  1.00 12.72 ? 155 ALA A N     1 
ATOM   1120 C  CA    . ALA A 1 155 ? -2.237  3.206   -3.233  1.00 13.00 ? 155 ALA A CA    1 
ATOM   1121 C  C     . ALA A 1 155 ? -3.506  3.827   -3.825  1.00 12.06 ? 155 ALA A C     1 
ATOM   1122 O  O     . ALA A 1 155 ? -4.598  3.694   -3.264  1.00 11.83 ? 155 ALA A O     1 
ATOM   1123 C  CB    . ALA A 1 155 ? -1.398  4.279   -2.515  1.00 14.24 ? 155 ALA A CB    1 
ATOM   1124 N  N     . ARG A 1 156 ? -3.366  4.500   -4.964  1.00 11.63 ? 156 ARG A N     1 
ATOM   1125 C  CA    . ARG A 1 156 ? -4.520  5.116   -5.612  1.00 11.93 ? 156 ARG A CA    1 
ATOM   1126 C  C     . ARG A 1 156 ? -5.530  4.051   -6.023  1.00 11.77 ? 156 ARG A C     1 
ATOM   1127 O  O     . ARG A 1 156 ? -6.740  4.256   -5.909  1.00 10.62 ? 156 ARG A O     1 
ATOM   1128 C  CB    . ARG A 1 156 ? -4.082  5.928   -6.838  1.00 13.17 ? 156 ARG A CB    1 
ATOM   1129 C  CG    . ARG A 1 156 ? -3.432  7.253   -6.472  1.00 13.76 ? 156 ARG A CG    1 
ATOM   1130 C  CD    . ARG A 1 156 ? -2.892  7.981   -7.699  1.00 16.57 ? 156 ARG A CD    1 
ATOM   1131 N  NE    . ARG A 1 156 ? -2.547  9.368   -7.391  1.00 15.69 ? 156 ARG A NE    1 
ATOM   1132 C  CZ    . ARG A 1 156 ? -1.849  10.159  -8.200  1.00 17.40 ? 156 ARG A CZ    1 
ATOM   1133 N  NH1   . ARG A 1 156 ? -1.416  9.696   -9.366  1.00 17.26 ? 156 ARG A NH1   1 
ATOM   1134 N  NH2   . ARG A 1 156 ? -1.596  11.415  -7.848  1.00 16.38 ? 156 ARG A NH2   1 
ATOM   1135 N  N     . ALA A 1 157 ? -5.032  2.911   -6.489  1.00 11.97 ? 157 ALA A N     1 
ATOM   1136 C  CA    . ALA A 1 157 ? -5.909  1.813   -6.894  1.00 13.43 ? 157 ALA A CA    1 
ATOM   1137 C  C     . ALA A 1 157 ? -6.752  1.326   -5.713  1.00 14.13 ? 157 ALA A C     1 
ATOM   1138 O  O     . ALA A 1 157 ? -7.948  1.057   -5.866  1.00 12.94 ? 157 ALA A O     1 
ATOM   1139 C  CB    . ALA A 1 157 ? -5.082  0.656   -7.461  1.00 14.92 ? 157 ALA A CB    1 
ATOM   1140 N  N     . THR A 1 158 ? -6.140  1.212   -4.535  1.00 13.37 ? 158 THR A N     1 
ATOM   1141 C  CA    . THR A 1 158 ? -6.894  0.757   -3.368  1.00 13.17 ? 158 THR A CA    1 
ATOM   1142 C  C     . THR A 1 158 ? -7.892  1.814   -2.923  1.00 13.88 ? 158 THR A C     1 
ATOM   1143 O  O     . THR A 1 158 ? -8.988  1.483   -2.468  1.00 12.22 ? 158 THR A O     1 
ATOM   1144 C  CB    . THR A 1 158 ? -5.974  0.370   -2.164  1.00 13.75 ? 158 THR A CB    1 
ATOM   1145 O  OG1   . THR A 1 158 ? -5.195  1.498   -1.744  1.00 14.09 ? 158 THR A OG1   1 
ATOM   1146 C  CG2   . THR A 1 158 ? -5.054  -0.766  -2.553  1.00 13.43 ? 158 THR A CG2   1 
ATOM   1147 N  N     . MET A 1 159 ? -7.529  3.086   -3.063  1.00 12.84 ? 159 MET A N     1 
ATOM   1148 C  CA    . MET A 1 159 ? -8.444  4.149   -2.675  1.00 13.70 ? 159 MET A CA    1 
ATOM   1149 C  C     . MET A 1 159 ? -9.630  4.175   -3.635  1.00 13.22 ? 159 MET A C     1 
ATOM   1150 O  O     . MET A 1 159 ? -10.771 4.388   -3.219  1.00 12.93 ? 159 MET A O     1 
ATOM   1151 C  CB    . MET A 1 159 ? -7.742  5.515   -2.676  1.00 12.01 ? 159 MET A CB    1 
ATOM   1152 C  CG    . MET A 1 159 ? -8.600  6.638   -2.082  1.00 12.77 ? 159 MET A CG    1 
ATOM   1153 S  SD    . MET A 1 159 ? -9.156  6.327   -0.373  1.00 15.64 ? 159 MET A SD    1 
ATOM   1154 C  CE    . MET A 1 159 ? -7.797  6.971   0.589   1.00 10.93 ? 159 MET A CE    1 
ATOM   1155 N  N     . GLU A 1 160 ? -9.359  3.955   -4.919  1.00 13.33 ? 160 GLU A N     1 
ATOM   1156 C  CA    . GLU A 1 160 ? -10.419 3.942   -5.919  1.00 14.56 ? 160 GLU A CA    1 
ATOM   1157 C  C     . GLU A 1 160 ? -11.340 2.752   -5.666  1.00 14.99 ? 160 GLU A C     1 
ATOM   1158 O  O     . GLU A 1 160 ? -12.562 2.867   -5.782  1.00 13.30 ? 160 GLU A O     1 
ATOM   1159 C  CB    . GLU A 1 160 ? -9.818  3.870   -7.324  1.00 15.85 ? 160 GLU A CB    1 
ATOM   1160 C  CG    . GLU A 1 160 ? -9.231  5.203   -7.786  1.00 20.04 ? 160 GLU A CG    1 
ATOM   1161 C  CD    . GLU A 1 160 ? -8.408  5.089   -9.052  1.00 23.94 ? 160 GLU A CD    1 
ATOM   1162 O  OE1   . GLU A 1 160 ? -8.592  4.108   -9.804  1.00 24.13 ? 160 GLU A OE1   1 
ATOM   1163 O  OE2   . GLU A 1 160 ? -7.581  5.994   -9.300  1.00 28.91 ? 160 GLU A OE2   1 
ATOM   1164 N  N     . LEU A 1 161 ? -10.747 1.616   -5.312  1.00 13.64 ? 161 LEU A N     1 
ATOM   1165 C  CA    . LEU A 1 161 ? -11.525 0.416   -5.021  1.00 14.95 ? 161 LEU A CA    1 
ATOM   1166 C  C     . LEU A 1 161 ? -12.393 0.657   -3.791  1.00 14.87 ? 161 LEU A C     1 
ATOM   1167 O  O     . LEU A 1 161 ? -13.518 0.164   -3.707  1.00 15.26 ? 161 LEU A O     1 
ATOM   1168 C  CB    . LEU A 1 161 ? -10.594 -0.778  -4.796  1.00 14.61 ? 161 LEU A CB    1 
ATOM   1169 C  CG    . LEU A 1 161 ? -10.007 -1.340  -6.093  1.00 13.00 ? 161 LEU A CG    1 
ATOM   1170 C  CD1   . LEU A 1 161 ? -8.932  -2.374  -5.786  1.00 11.75 ? 161 LEU A CD1   1 
ATOM   1171 C  CD2   . LEU A 1 161 ? -11.136 -1.959  -6.918  1.00 13.14 ? 161 LEU A CD2   1 
ATOM   1172 N  N     . TYR A 1 162 ? -11.863 1.420   -2.837  1.00 14.25 ? 162 TYR A N     1 
ATOM   1173 C  CA    . TYR A 1 162 ? -12.606 1.752   -1.625  1.00 14.20 ? 162 TYR A CA    1 
ATOM   1174 C  C     . TYR A 1 162 ? -13.820 2.611   -1.977  1.00 15.05 ? 162 TYR A C     1 
ATOM   1175 O  O     . TYR A 1 162 ? -14.916 2.413   -1.442  1.00 13.90 ? 162 TYR A O     1 
ATOM   1176 C  CB    . TYR A 1 162 ? -11.707 2.513   -0.647  1.00 15.16 ? 162 TYR A CB    1 
ATOM   1177 C  CG    . TYR A 1 162 ? -12.461 3.217   0.457   1.00 15.02 ? 162 TYR A CG    1 
ATOM   1178 C  CD1   . TYR A 1 162 ? -13.000 2.511   1.527   1.00 15.69 ? 162 TYR A CD1   1 
ATOM   1179 C  CD2   . TYR A 1 162 ? -12.635 4.593   0.428   1.00 17.41 ? 162 TYR A CD2   1 
ATOM   1180 C  CE1   . TYR A 1 162 ? -13.692 3.167   2.542   1.00 15.64 ? 162 TYR A CE1   1 
ATOM   1181 C  CE2   . TYR A 1 162 ? -13.322 5.248   1.427   1.00 18.03 ? 162 TYR A CE2   1 
ATOM   1182 C  CZ    . TYR A 1 162 ? -13.847 4.535   2.481   1.00 17.23 ? 162 TYR A CZ    1 
ATOM   1183 O  OH    . TYR A 1 162 ? -14.520 5.206   3.476   1.00 20.78 ? 162 TYR A OH    1 
ATOM   1184 N  N     . GLN A 1 163 ? -13.627 3.574   -2.873  1.00 14.41 ? 163 GLN A N     1 
ATOM   1185 C  CA    . GLN A 1 163 ? -14.724 4.444   -3.280  1.00 15.78 ? 163 GLN A CA    1 
ATOM   1186 C  C     . GLN A 1 163 ? -15.792 3.661   -4.041  1.00 16.32 ? 163 GLN A C     1 
ATOM   1187 O  O     . GLN A 1 163 ? -16.985 3.924   -3.902  1.00 14.88 ? 163 GLN A O     1 
ATOM   1188 C  CB    . GLN A 1 163 ? -14.206 5.580   -4.157  1.00 16.13 ? 163 GLN A CB    1 
ATOM   1189 C  CG    . GLN A 1 163 ? -13.278 6.537   -3.429  1.00 18.62 ? 163 GLN A CG    1 
ATOM   1190 C  CD    . GLN A 1 163 ? -12.806 7.657   -4.325  1.00 18.91 ? 163 GLN A CD    1 
ATOM   1191 O  OE1   . GLN A 1 163 ? -13.084 8.831   -4.069  1.00 22.27 ? 163 GLN A OE1   1 
ATOM   1192 N  NE2   . GLN A 1 163 ? -12.094 7.304   -5.388  1.00 15.93 ? 163 GLN A NE2   1 
ATOM   1193 N  N     . ILE A 1 164 ? -15.350 2.711   -4.854  1.00 14.94 ? 164 ILE A N     1 
ATOM   1194 C  CA    . ILE A 1 164 ? -16.265 1.880   -5.631  1.00 17.01 ? 164 ILE A CA    1 
ATOM   1195 C  C     . ILE A 1 164 ? -17.092 1.009   -4.693  1.00 15.70 ? 164 ILE A C     1 
ATOM   1196 O  O     . ILE A 1 164 ? -18.308 0.871   -4.858  1.00 15.16 ? 164 ILE A O     1 
ATOM   1197 C  CB    . ILE A 1 164 ? -15.496 0.959   -6.601  1.00 19.77 ? 164 ILE A CB    1 
ATOM   1198 C  CG1   . ILE A 1 164 ? -14.877 1.785   -7.731  1.00 22.36 ? 164 ILE A CG1   1 
ATOM   1199 C  CG2   . ILE A 1 164 ? -16.431 -0.099  -7.161  1.00 22.25 ? 164 ILE A CG2   1 
ATOM   1200 C  CD1   . ILE A 1 164 ? -15.883 2.509   -8.572  1.00 23.25 ? 164 ILE A CD1   1 
ATOM   1201 N  N     . SER A 1 165 ? -16.425 0.419   -3.708  1.00 14.54 ? 165 SER A N     1 
ATOM   1202 C  CA    . SER A 1 165 ? -17.101 -0.435  -2.741  1.00 14.49 ? 165 SER A CA    1 
ATOM   1203 C  C     . SER A 1 165 ? -18.168 0.373   -2.004  1.00 15.60 ? 165 SER A C     1 
ATOM   1204 O  O     . SER A 1 165 ? -19.313 -0.061  -1.877  1.00 12.95 ? 165 SER A O     1 
ATOM   1205 C  CB    . SER A 1 165 ? -16.084 -0.999  -1.742  1.00 15.06 ? 165 SER A CB    1 
ATOM   1206 O  OG    . SER A 1 165 ? -16.689 -1.927  -0.860  1.00 13.51 ? 165 SER A OG    1 
ATOM   1207 N  N     . GLN A 1 166 ? -17.799 1.560   -1.529  1.00 16.19 ? 166 GLN A N     1 
ATOM   1208 C  CA    . GLN A 1 166 ? -18.748 2.398   -0.809  1.00 17.61 ? 166 GLN A CA    1 
ATOM   1209 C  C     . GLN A 1 166 ? -19.953 2.778   -1.673  1.00 18.64 ? 166 GLN A C     1 
ATOM   1210 O  O     . GLN A 1 166 ? -21.086 2.820   -1.190  1.00 18.32 ? 166 GLN A O     1 
ATOM   1211 C  CB    . GLN A 1 166 ? -18.051 3.664   -0.291  1.00 21.43 ? 166 GLN A CB    1 
ATOM   1212 C  CG    . GLN A 1 166 ? -17.014 3.403   0.800   1.00 21.88 ? 166 GLN A CG    1 
ATOM   1213 C  CD    . GLN A 1 166 ? -17.632 2.949   2.118   1.00 26.71 ? 166 GLN A CD    1 
ATOM   1214 O  OE1   . GLN A 1 166 ? -18.414 2.000   2.160   1.00 26.83 ? 166 GLN A OE1   1 
ATOM   1215 N  NE2   . GLN A 1 166 ? -17.270 3.627   3.206   1.00 25.98 ? 166 GLN A NE2   1 
ATOM   1216 N  N     . ARG A 1 167 ? -19.714 3.048   -2.951  1.00 18.24 ? 167 ARG A N     1 
ATOM   1217 C  CA    . ARG A 1 167 ? -20.803 3.431   -3.839  1.00 19.27 ? 167 ARG A CA    1 
ATOM   1218 C  C     . ARG A 1 167 ? -21.720 2.270   -4.184  1.00 18.64 ? 167 ARG A C     1 
ATOM   1219 O  O     . ARG A 1 167 ? -22.931 2.449   -4.301  1.00 18.76 ? 167 ARG A O     1 
ATOM   1220 C  CB    . ARG A 1 167 ? -20.246 4.075   -5.105  1.00 21.07 ? 167 ARG A CB    1 
ATOM   1221 C  CG    . ARG A 1 167 ? -19.721 5.480   -4.830  1.00 26.17 ? 167 ARG A CG    1 
ATOM   1222 C  CD    . ARG A 1 167 ? -19.094 6.132   -6.047  1.00 28.25 ? 167 ARG A CD    1 
ATOM   1223 N  NE    A ARG A 1 167 ? -18.851 7.538   -5.736  0.50 27.54 ? 167 ARG A NE    1 
ATOM   1224 N  NE    B ARG A 1 167 ? -20.041 6.240   -7.154  0.50 27.62 ? 167 ARG A NE    1 
ATOM   1225 C  CZ    A ARG A 1 167 ? -18.129 7.958   -4.701  0.50 28.91 ? 167 ARG A CZ    1 
ATOM   1226 C  CZ    B ARG A 1 167 ? -20.683 7.356   -7.486  0.50 27.67 ? 167 ARG A CZ    1 
ATOM   1227 N  NH1   A ARG A 1 167 ? -17.568 7.081   -3.879  0.50 28.65 ? 167 ARG A NH1   1 
ATOM   1228 N  NH1   B ARG A 1 167 ? -20.477 8.471   -6.800  0.50 27.32 ? 167 ARG A NH1   1 
ATOM   1229 N  NH2   A ARG A 1 167 ? -17.991 9.256   -4.467  0.50 30.47 ? 167 ARG A NH2   1 
ATOM   1230 N  NH2   B ARG A 1 167 ? -21.538 7.353   -8.498  0.50 27.12 ? 167 ARG A NH2   1 
ATOM   1231 N  N     . ILE A 1 168 ? -21.146 1.083   -4.352  1.00 17.86 ? 168 ILE A N     1 
ATOM   1232 C  CA    . ILE A 1 168 ? -21.950 -0.095  -4.656  1.00 16.74 ? 168 ILE A CA    1 
ATOM   1233 C  C     . ILE A 1 168 ? -22.849 -0.387  -3.459  1.00 16.94 ? 168 ILE A C     1 
ATOM   1234 O  O     . ILE A 1 168 ? -24.035 -0.690  -3.619  1.00 16.31 ? 168 ILE A O     1 
ATOM   1235 C  CB    . ILE A 1 168 ? -21.064 -1.318  -4.938  1.00 18.16 ? 168 ILE A CB    1 
ATOM   1236 C  CG1   . ILE A 1 168 ? -20.257 -1.086  -6.217  1.00 19.70 ? 168 ILE A CG1   1 
ATOM   1237 C  CG2   . ILE A 1 168 ? -21.929 -2.570  -5.062  1.00 19.04 ? 168 ILE A CG2   1 
ATOM   1238 C  CD1   . ILE A 1 168 ? -19.345 -2.233  -6.574  1.00 21.53 ? 168 ILE A CD1   1 
ATOM   1239 N  N     . ARG A 1 169 ? -22.283 -0.286  -2.256  1.00 15.24 ? 169 ARG A N     1 
ATOM   1240 C  CA    . ARG A 1 169 ? -23.044 -0.520  -1.032  1.00 15.82 ? 169 ARG A CA    1 
ATOM   1241 C  C     . ARG A 1 169 ? -24.185 0.491   -0.955  1.00 17.84 ? 169 ARG A C     1 
ATOM   1242 O  O     . ARG A 1 169 ? -25.328 0.139   -0.660  1.00 16.14 ? 169 ARG A O     1 
ATOM   1243 C  CB    . ARG A 1 169 ? -22.131 -0.381  0.192   1.00 16.21 ? 169 ARG A CB    1 
ATOM   1244 C  CG    . ARG A 1 169 ? -21.041 -1.446  0.256   1.00 14.50 ? 169 ARG A CG    1 
ATOM   1245 C  CD    . ARG A 1 169 ? -19.918 -1.093  1.228   1.00 15.37 ? 169 ARG A CD    1 
ATOM   1246 N  NE    . ARG A 1 169 ? -18.853 -2.091  1.151   1.00 16.73 ? 169 ARG A NE    1 
ATOM   1247 C  CZ    . ARG A 1 169 ? -18.860 -3.251  1.800   1.00 18.62 ? 169 ARG A CZ    1 
ATOM   1248 N  NH1   . ARG A 1 169 ? -19.873 -3.567  2.597   1.00 17.66 ? 169 ARG A NH1   1 
ATOM   1249 N  NH2   . ARG A 1 169 ? -17.870 -4.115  1.623   1.00 16.47 ? 169 ARG A NH2   1 
ATOM   1250 N  N     . ALA A 1 170 ? -23.873 1.751   -1.238  1.00 17.84 ? 170 ALA A N     1 
ATOM   1251 C  CA    . ALA A 1 170 ? -24.884 2.804   -1.202  1.00 20.29 ? 170 ALA A CA    1 
ATOM   1252 C  C     . ALA A 1 170 ? -26.003 2.540   -2.206  1.00 18.77 ? 170 ALA A C     1 
ATOM   1253 O  O     . ALA A 1 170 ? -27.181 2.712   -1.894  1.00 20.09 ? 170 ALA A O     1 
ATOM   1254 C  CB    . ALA A 1 170 ? -24.237 4.160   -1.489  1.00 20.99 ? 170 ALA A CB    1 
ATOM   1255 N  N     . ARG A 1 171 ? -25.628 2.112   -3.407  1.00 17.13 ? 171 ARG A N     1 
ATOM   1256 C  CA    . ARG A 1 171 ? -26.600 1.848   -4.461  1.00 18.04 ? 171 ARG A CA    1 
ATOM   1257 C  C     . ARG A 1 171 ? -27.483 0.643   -4.154  1.00 18.96 ? 171 ARG A C     1 
ATOM   1258 O  O     . ARG A 1 171 ? -28.567 0.505   -4.718  1.00 19.91 ? 171 ARG A O     1 
ATOM   1259 C  CB    . ARG A 1 171 ? -25.882 1.638   -5.790  1.00 18.44 ? 171 ARG A CB    1 
ATOM   1260 N  N     . ARG A 1 172 ? -27.021 -0.218  -3.253  1.00 17.64 ? 172 ARG A N     1 
ATOM   1261 C  CA    . ARG A 1 172 ? -27.776 -1.410  -2.886  1.00 17.18 ? 172 ARG A CA    1 
ATOM   1262 C  C     . ARG A 1 172 ? -28.513 -1.253  -1.558  1.00 17.41 ? 172 ARG A C     1 
ATOM   1263 O  O     . ARG A 1 172 ? -28.999 -2.226  -0.977  1.00 16.21 ? 172 ARG A O     1 
ATOM   1264 C  CB    . ARG A 1 172 ? -26.835 -2.618  -2.874  1.00 16.79 ? 172 ARG A CB    1 
ATOM   1265 C  CG    . ARG A 1 172 ? -26.346 -2.955  -4.281  1.00 17.71 ? 172 ARG A CG    1 
ATOM   1266 C  CD    . ARG A 1 172 ? -25.331 -4.083  -4.315  1.00 19.17 ? 172 ARG A CD    1 
ATOM   1267 N  NE    . ARG A 1 172 ? -24.921 -4.381  -5.687  1.00 19.54 ? 172 ARG A NE    1 
ATOM   1268 C  CZ    . ARG A 1 172 ? -23.941 -5.221  -6.010  1.00 20.81 ? 172 ARG A CZ    1 
ATOM   1269 N  NH1   . ARG A 1 172 ? -23.268 -5.850  -5.060  1.00 20.83 ? 172 ARG A NH1   1 
ATOM   1270 N  NH2   . ARG A 1 172 ? -23.635 -5.435  -7.283  1.00 22.22 ? 172 ARG A NH2   1 
ATOM   1271 N  N     . GLY A 1 173 ? -28.598 -0.008  -1.095  1.00 17.18 ? 173 GLY A N     1 
ATOM   1272 C  CA    . GLY A 1 173 ? -29.303 0.296   0.138   1.00 17.85 ? 173 GLY A CA    1 
ATOM   1273 C  C     . GLY A 1 173 ? -28.558 0.009   1.422   1.00 17.39 ? 173 GLY A C     1 
ATOM   1274 O  O     . GLY A 1 173 ? -29.125 0.114   2.506   1.00 17.30 ? 173 GLY A O     1 
ATOM   1275 N  N     . LEU A 1 174 ? -27.280 -0.316  1.310   1.00 17.66 ? 174 LEU A N     1 
ATOM   1276 C  CA    . LEU A 1 174 ? -26.472 -0.685  2.483   1.00 17.84 ? 174 LEU A CA    1 
ATOM   1277 C  C     . LEU A 1 174 ? -25.751 0.523   3.064   1.00 19.23 ? 174 LEU A C     1 
ATOM   1278 O  O     . LEU A 1 174 ? -25.303 1.419   2.324   1.00 17.31 ? 174 LEU A O     1 
ATOM   1279 C  CB    . LEU A 1 174 ? -25.399 -1.691  2.108   1.00 16.01 ? 174 LEU A CB    1 
ATOM   1280 C  CG    . LEU A 1 174 ? -25.907 -2.869  1.309   1.00 17.52 ? 174 LEU A CG    1 
ATOM   1281 C  CD1   . LEU A 1 174 ? -24.786 -3.872  1.023   1.00 18.76 ? 174 LEU A CD1   1 
ATOM   1282 C  CD2   . LEU A 1 174 ? -27.024 -3.626  2.034   1.00 18.23 ? 174 LEU A CD2   1 
ATOM   1283 N  N     . PRO A 1 175 ? -25.646 0.654   4.396   1.00 20.31 ? 175 PRO A N     1 
ATOM   1284 C  CA    . PRO A 1 175 ? -24.895 1.747   4.978   1.00 21.97 ? 175 PRO A CA    1 
ATOM   1285 C  C     . PRO A 1 175 ? -23.432 1.647   4.544   1.00 22.48 ? 175 PRO A C     1 
ATOM   1286 O  O     . PRO A 1 175 ? -22.912 0.526   4.283   1.00 22.63 ? 175 PRO A O     1 
ATOM   1287 C  CB    . PRO A 1 175 ? -25.131 1.585   6.468   1.00 22.01 ? 175 PRO A CB    1 
ATOM   1288 C  CG    . PRO A 1 175 ? -26.022 0.373   6.670   1.00 22.68 ? 175 PRO A CG    1 
ATOM   1289 C  CD    . PRO A 1 175 ? -26.264 -0.274  5.346   1.00 21.20 ? 175 PRO A CD    1 
ATOM   1290 N  N     . ARG A 1 176 ? -22.777 2.791   4.433   1.00 23.34 ? 176 ARG A N     1 
ATOM   1291 C  CA    . ARG A 1 176 ? -21.375 2.812   4.022   1.00 25.79 ? 176 ARG A CA    1 
ATOM   1292 C  C     . ARG A 1 176 ? -20.541 2.255   5.163   1.00 25.88 ? 176 ARG A C     1 
ATOM   1293 O  O     . ARG A 1 176 ? -20.985 2.257   6.318   1.00 25.43 ? 176 ARG A O     1 
ATOM   1294 C  CB    . ARG A 1 176 ? -20.921 4.236   3.707   1.00 27.85 ? 176 ARG A CB    1 
ATOM   1295 C  CG    . ARG A 1 176 ? -21.550 4.814   2.448   1.00 32.36 ? 176 ARG A CG    1 
ATOM   1296 C  CD    . ARG A 1 176 ? -21.089 6.240   2.186   1.00 34.37 ? 176 ARG A CD    1 
ATOM   1297 N  NE    . ARG A 1 176 ? -21.675 6.809   0.982   1.00 37.69 ? 176 ARG A NE    1 
ATOM   1298 C  CZ    . ARG A 1 176 ? -21.430 6.370   -0.244  1.00 37.17 ? 176 ARG A CZ    1 
ATOM   1299 N  NH1   . ARG A 1 176 ? -20.594 5.340   -0.441  0.00 37.66 ? 176 ARG A NH1   1 
ATOM   1300 N  NH2   . ARG A 1 176 ? -21.991 6.918   -1.321  0.00 37.66 ? 176 ARG A NH2   1 
ATOM   1301 N  N     . LEU A 1 177 ? -19.362 1.742   4.855   1.00 26.09 ? 177 LEU A N     1 
ATOM   1302 C  CA    . LEU A 1 177 ? -18.488 1.196   5.884   1.00 27.25 ? 177 LEU A CA    1 
ATOM   1303 C  C     . LEU A 1 177 ? -18.042 2.339   6.789   1.00 29.51 ? 177 LEU A C     1 
ATOM   1304 O  O     . LEU A 1 177 ? -17.626 3.388   6.303   1.00 28.24 ? 177 LEU A O     1 
ATOM   1305 C  CB    . LEU A 1 177 ? -17.271 0.530   5.243   1.00 27.24 ? 177 LEU A CB    1 
ATOM   1306 C  CG    . LEU A 1 177 ? -17.568 -0.700  4.381   1.00 28.59 ? 177 LEU A CG    1 
ATOM   1307 C  CD1   . LEU A 1 177 ? -16.296 -1.177  3.705   1.00 28.26 ? 177 LEU A CD1   1 
ATOM   1308 C  CD2   . LEU A 1 177 ? -18.166 -1.800  5.250   1.00 28.85 ? 177 LEU A CD2   1 
ATOM   1309 N  N     . ALA A 1 178 ? -18.134 2.129   8.101   1.00 32.27 ? 178 ALA A N     1 
ATOM   1310 C  CA    . ALA A 1 178 ? -17.749 3.145   9.080   1.00 35.04 ? 178 ALA A CA    1 
ATOM   1311 C  C     . ALA A 1 178 ? -16.291 3.568   8.933   1.00 36.48 ? 178 ALA A C     1 
ATOM   1312 O  O     . ALA A 1 178 ? -16.041 4.789   8.829   1.00 38.45 ? 178 ALA A O     1 
ATOM   1313 C  CB    . ALA A 1 178 ? -18.000 2.627   10.493  1.00 35.76 ? 178 ALA A CB    1 
HETATM 1314 MN MN    . MN  B 2 .   ? 3.025   -1.838  -4.452  1.00 17.15 ? 200 MN  A MN    1 
HETATM 1315 MN MN    . MN  C 2 .   ? 1.264   -3.474  -1.465  1.00 15.31 ? 201 MN  A MN    1 
HETATM 1316 MN MN    . MN  D 2 .   ? -0.394  -12.110 1.998   0.50 30.48 ? 202 MN  A MN    1 
HETATM 1317 C  C     . ACT E 3 .   ? -12.256 -4.465  5.082   1.00 31.13 ? 203 ACT A C     1 
HETATM 1318 O  O     . ACT E 3 .   ? -12.461 -5.017  3.895   1.00 31.61 ? 203 ACT A O     1 
HETATM 1319 O  OXT   . ACT E 3 .   ? -11.142 -4.405  5.711   1.00 29.19 ? 203 ACT A OXT   1 
HETATM 1320 C  CH3   . ACT E 3 .   ? -13.368 -3.824  5.839   1.00 30.86 ? 203 ACT A CH3   1 
HETATM 1321 N  N1    . U5P F 4 .   ? 6.803   -8.402  -4.114  1.00 23.95 ? 300 U5P A N1    1 
HETATM 1322 C  C2    . U5P F 4 .   ? 7.660   -9.290  -4.737  1.00 27.10 ? 300 U5P A C2    1 
HETATM 1323 N  N3    . U5P F 4 .   ? 7.130   -9.946  -5.819  1.00 27.04 ? 300 U5P A N3    1 
HETATM 1324 C  C4    . U5P F 4 .   ? 5.855   -9.810  -6.331  1.00 29.17 ? 300 U5P A C4    1 
HETATM 1325 C  C5    . U5P F 4 .   ? 5.022   -8.879  -5.623  1.00 26.81 ? 300 U5P A C5    1 
HETATM 1326 C  C6    . U5P F 4 .   ? 5.514   -8.224  -4.565  1.00 25.83 ? 300 U5P A C6    1 
HETATM 1327 O  O2    . U5P F 4 .   ? 8.804   -9.480  -4.359  1.00 28.52 ? 300 U5P A O2    1 
HETATM 1328 O  O4    . U5P F 4 .   ? 5.540   -10.440 -7.342  1.00 28.88 ? 300 U5P A O4    1 
HETATM 1329 C  "C1'" . U5P F 4 .   ? 7.323   -7.655  -2.962  1.00 22.45 ? 300 U5P A "C1'" 1 
HETATM 1330 C  "C2'" . U5P F 4 .   ? 8.304   -6.551  -3.362  1.00 19.55 ? 300 U5P A "C2'" 1 
HETATM 1331 O  "O2'" . U5P F 4 .   ? 9.280   -6.407  -2.347  1.00 20.76 ? 300 U5P A "O2'" 1 
HETATM 1332 C  "C3'" . U5P F 4 .   ? 7.374   -5.349  -3.455  1.00 18.98 ? 300 U5P A "C3'" 1 
HETATM 1333 C  "C4'" . U5P F 4 .   ? 6.430   -5.591  -2.292  1.00 18.66 ? 300 U5P A "C4'" 1 
HETATM 1334 O  "O3'" . U5P F 4 .   ? 8.012   -4.071  -3.378  1.00 18.59 ? 300 U5P A "O3'" 1 
HETATM 1335 O  "O4'" . U5P F 4 .   ? 6.232   -7.031  -2.303  1.00 19.47 ? 300 U5P A "O4'" 1 
HETATM 1336 C  "C5'" . U5P F 4 .   ? 5.093   -4.901  -2.395  1.00 17.85 ? 300 U5P A "C5'" 1 
HETATM 1337 O  "O5'" . U5P F 4 .   ? 4.369   -5.400  -3.534  1.00 19.24 ? 300 U5P A "O5'" 1 
HETATM 1338 P  P     . U5P F 4 .   ? 3.074   -4.607  -4.121  1.00 19.10 ? 300 U5P A P     1 
HETATM 1339 O  O1P   . U5P F 4 .   ? 2.097   -5.704  -4.518  1.00 19.82 ? 300 U5P A O1P   1 
HETATM 1340 O  O2P   . U5P F 4 .   ? 3.577   -3.823  -5.325  1.00 18.95 ? 300 U5P A O2P   1 
HETATM 1341 O  O3P   . U5P F 4 .   ? 2.569   -3.698  -3.008  1.00 18.62 ? 300 U5P A O3P   1 
HETATM 1342 O  O     . HOH G 5 .   ? -1.568  -8.101  -4.817  1.00 8.03  ? 301 HOH A O     1 
HETATM 1343 O  O     . HOH G 5 .   ? 23.322  -2.971  2.559   1.00 11.70 ? 302 HOH A O     1 
HETATM 1344 O  O     . HOH G 5 .   ? 11.116  -3.237  7.392   1.00 15.17 ? 303 HOH A O     1 
HETATM 1345 O  O     . HOH G 5 .   ? -20.204 -13.278 -1.760  1.00 20.07 ? 304 HOH A O     1 
HETATM 1346 O  O     . HOH G 5 .   ? -1.733  -1.119  -0.094  1.00 12.90 ? 305 HOH A O     1 
HETATM 1347 O  O     . HOH G 5 .   ? 25.022  -5.488  1.329   1.00 18.56 ? 306 HOH A O     1 
HETATM 1348 O  O     . HOH G 5 .   ? 2.262   -0.112  -9.680  1.00 16.68 ? 307 HOH A O     1 
HETATM 1349 O  O     . HOH G 5 .   ? 10.773  4.429   14.623  1.00 16.21 ? 308 HOH A O     1 
HETATM 1350 O  O     . HOH G 5 .   ? -9.593  8.124   -5.162  1.00 18.49 ? 309 HOH A O     1 
HETATM 1351 O  O     . HOH G 5 .   ? -1.638  -0.967  -2.643  1.00 16.59 ? 310 HOH A O     1 
HETATM 1352 O  O     . HOH G 5 .   ? -12.539 11.503  -5.472  1.00 17.92 ? 311 HOH A O     1 
HETATM 1353 O  O     . HOH G 5 .   ? 4.400   12.791  9.875   1.00 17.58 ? 312 HOH A O     1 
HETATM 1354 O  O     . HOH G 5 .   ? -1.285  -7.367  -7.829  1.00 16.51 ? 313 HOH A O     1 
HETATM 1355 O  O     . HOH G 5 .   ? 16.803  3.786   11.231  1.00 18.05 ? 314 HOH A O     1 
HETATM 1356 O  O     . HOH G 5 .   ? 5.336   6.813   -8.800  1.00 18.73 ? 315 HOH A O     1 
HETATM 1357 O  O     . HOH G 5 .   ? 24.248  -2.003  5.097   1.00 22.11 ? 316 HOH A O     1 
HETATM 1358 O  O     . HOH G 5 .   ? -4.570  -4.113  -13.287 1.00 19.45 ? 317 HOH A O     1 
HETATM 1359 O  O     . HOH G 5 .   ? -6.041  6.545   -11.568 1.00 20.19 ? 318 HOH A O     1 
HETATM 1360 O  O     . HOH G 5 .   ? -0.170  5.752   14.250  1.00 24.88 ? 319 HOH A O     1 
HETATM 1361 O  O     . HOH G 5 .   ? 8.710   1.896   -6.610  1.00 23.83 ? 320 HOH A O     1 
HETATM 1362 O  O     . HOH G 5 .   ? -0.381  -5.242  -4.897  1.00 17.52 ? 321 HOH A O     1 
HETATM 1363 O  O     . HOH G 5 .   ? 14.176  9.733   1.391   1.00 20.63 ? 322 HOH A O     1 
HETATM 1364 O  O     . HOH G 5 .   ? 17.353  -12.467 6.365   1.00 24.23 ? 323 HOH A O     1 
HETATM 1365 O  O     . HOH G 5 .   ? 4.146   -0.584  -12.563 1.00 24.84 ? 324 HOH A O     1 
HETATM 1366 O  O     . HOH G 5 .   ? 14.142  -11.090 -1.924  1.00 22.47 ? 325 HOH A O     1 
HETATM 1367 O  O     . HOH G 5 .   ? -7.160  -12.715 -7.565  1.00 22.88 ? 326 HOH A O     1 
HETATM 1368 O  O     . HOH G 5 .   ? -9.948  -2.232  11.355  1.00 21.82 ? 327 HOH A O     1 
HETATM 1369 O  O     . HOH G 5 .   ? 17.992  2.471   8.322   1.00 18.67 ? 328 HOH A O     1 
HETATM 1370 O  O     . HOH G 5 .   ? 22.451  2.656   2.071   1.00 36.25 ? 329 HOH A O     1 
HETATM 1371 O  O     . HOH G 5 .   ? -5.381  1.241   -17.662 1.00 20.32 ? 330 HOH A O     1 
HETATM 1372 O  O     . HOH G 5 .   ? 1.210   -5.900  1.695   1.00 22.18 ? 331 HOH A O     1 
HETATM 1373 O  O     . HOH G 5 .   ? 13.544  -2.222  8.435   1.00 24.84 ? 332 HOH A O     1 
HETATM 1374 O  O     . HOH G 5 .   ? -9.619  -6.901  6.966   1.00 32.32 ? 333 HOH A O     1 
HETATM 1375 O  O     . HOH G 5 .   ? 2.624   -5.786  12.299  1.00 28.14 ? 334 HOH A O     1 
HETATM 1376 O  O     . HOH G 5 .   ? 4.210   2.487   17.594  1.00 29.07 ? 335 HOH A O     1 
HETATM 1377 O  O     . HOH G 5 .   ? 11.397  -5.786  8.129   1.00 31.27 ? 336 HOH A O     1 
HETATM 1378 O  O     . HOH G 5 .   ? 21.729  2.616   -8.782  1.00 27.02 ? 337 HOH A O     1 
HETATM 1379 O  O     . HOH G 5 .   ? 19.703  -7.368  -5.970  1.00 24.42 ? 338 HOH A O     1 
HETATM 1380 O  O     . HOH G 5 .   ? 12.795  9.640   -1.680  1.00 25.81 ? 339 HOH A O     1 
HETATM 1381 O  O     . HOH G 5 .   ? 5.079   8.913   15.098  1.00 25.66 ? 340 HOH A O     1 
HETATM 1382 O  O     . HOH G 5 .   ? 2.093   -7.448  -6.627  1.00 27.40 ? 341 HOH A O     1 
HETATM 1383 O  O     . HOH G 5 .   ? 16.607  8.728   -2.336  1.00 34.55 ? 342 HOH A O     1 
HETATM 1384 O  O     . HOH G 5 .   ? -2.247  -10.917 -10.756 1.00 33.40 ? 343 HOH A O     1 
HETATM 1385 O  O     . HOH G 5 .   ? -5.001  5.072   14.854  1.00 32.69 ? 344 HOH A O     1 
HETATM 1386 O  O     . HOH G 5 .   ? -28.353 -1.283  -7.074  1.00 39.89 ? 345 HOH A O     1 
HETATM 1387 O  O     . HOH G 5 .   ? -25.955 4.055   2.504   1.00 33.82 ? 346 HOH A O     1 
HETATM 1388 O  O     . HOH G 5 .   ? -0.098  -3.303  0.300   1.00 13.53 ? 347 HOH A O     1 
HETATM 1389 O  O     . HOH G 5 .   ? -0.523  -3.388  -2.840  1.00 18.88 ? 348 HOH A O     1 
HETATM 1390 O  O     . HOH G 5 .   ? 1.100   -5.751  -1.158  1.00 17.79 ? 349 HOH A O     1 
HETATM 1391 O  O     . HOH G 5 .   ? 2.869   -3.478  0.051   1.00 17.06 ? 350 HOH A O     1 
HETATM 1392 O  O     . HOH G 5 .   ? -8.492  11.780  2.706   1.00 16.99 ? 351 HOH A O     1 
HETATM 1393 O  O     . HOH G 5 .   ? 23.812  -5.781  -0.767  1.00 17.94 ? 352 HOH A O     1 
HETATM 1394 O  O     . HOH G 5 .   ? 24.654  -8.342  -0.175  1.00 27.03 ? 353 HOH A O     1 
HETATM 1395 O  O     . HOH G 5 .   ? -11.449 -8.680  -2.174  1.00 23.28 ? 354 HOH A O     1 
HETATM 1396 O  O     . HOH G 5 .   ? -22.267 -2.071  3.729   1.00 20.30 ? 355 HOH A O     1 
HETATM 1397 O  O     . HOH G 5 .   ? -24.266 5.395   5.145   1.00 26.36 ? 356 HOH A O     1 
HETATM 1398 O  O     . HOH G 5 .   ? 6.446   -7.360  5.058   1.00 23.71 ? 357 HOH A O     1 
HETATM 1399 O  O     . HOH G 5 .   ? 23.411  -3.149  -0.604  1.00 25.09 ? 358 HOH A O     1 
HETATM 1400 O  O     . HOH G 5 .   ? 14.737  -4.827  9.627   1.00 23.09 ? 359 HOH A O     1 
HETATM 1401 O  O     . HOH G 5 .   ? -23.599 -5.927  -2.165  1.00 24.95 ? 360 HOH A O     1 
HETATM 1402 O  O     . HOH G 5 .   ? 9.126   -1.654  15.969  1.00 26.90 ? 361 HOH A O     1 
HETATM 1403 O  O     . HOH G 5 .   ? 0.931   -6.994  10.694  1.00 25.10 ? 362 HOH A O     1 
HETATM 1404 O  O     . HOH G 5 .   ? -2.666  11.656  11.886  1.00 25.57 ? 363 HOH A O     1 
HETATM 1405 O  O     . HOH G 5 .   ? 10.871  13.499  10.683  1.00 28.24 ? 364 HOH A O     1 
HETATM 1406 O  O     . HOH G 5 .   ? -9.305  4.210   -12.379 1.00 23.69 ? 365 HOH A O     1 
HETATM 1407 O  O     . HOH G 5 .   ? -16.678 -1.914  -12.106 1.00 34.51 ? 366 HOH A O     1 
HETATM 1408 O  O     . HOH G 5 .   ? -22.417 3.971   7.805   1.00 29.27 ? 367 HOH A O     1 
HETATM 1409 O  O     . HOH G 5 .   ? -6.257  3.942   12.853  1.00 34.39 ? 368 HOH A O     1 
HETATM 1410 O  O     . HOH G 5 .   ? 7.939   11.663  -4.604  1.00 33.04 ? 369 HOH A O     1 
HETATM 1411 O  O     . HOH G 5 .   ? 6.349   -3.649  -12.635 1.00 35.37 ? 370 HOH A O     1 
HETATM 1412 O  O     . HOH G 5 .   ? -26.610 -3.115  -7.876  1.00 33.45 ? 371 HOH A O     1 
HETATM 1413 O  O     . HOH G 5 .   ? -15.094 9.624   -2.126  1.00 31.89 ? 372 HOH A O     1 
HETATM 1414 O  O     . HOH G 5 .   ? -29.804 3.351   -2.744  1.00 34.02 ? 373 HOH A O     1 
HETATM 1415 O  O     . HOH G 5 .   ? 0.535   16.608  0.004   1.00 36.03 ? 374 HOH A O     1 
HETATM 1416 O  O     . HOH G 5 .   ? -8.694  -2.639  14.638  1.00 42.19 ? 375 HOH A O     1 
HETATM 1417 O  O     . HOH G 5 .   ? -7.983  -9.767  -14.743 1.00 41.78 ? 376 HOH A O     1 
HETATM 1418 O  O     . HOH G 5 .   ? -5.368  -10.972 2.361   1.00 41.81 ? 377 HOH A O     1 
HETATM 1419 O  O     . HOH G 5 .   ? -4.443  -7.395  6.031   1.00 34.37 ? 378 HOH A O     1 
HETATM 1420 O  O     . HOH G 5 .   ? 0.618   -8.231  -1.623  1.00 39.26 ? 379 HOH A O     1 
# 
